data_2KPN
#
_entry.id   2KPN
#
loop_
_entity.id
_entity.type
_entity.pdbx_description
1 polymer Bacillolysin
2 non-polymer 'CALCIUM ION'
#
_entity_poly.entity_id   1
_entity_poly.type   'polypeptide(L)'
_entity_poly.pdbx_seq_one_letter_code
;MGNGETSDLEPKLTVPVGATIHVGDSFVPMAEVLAIDKEDGDLTSKIKVDGEVDTTKAGTYVLTYTVTDSKGHEVTAKQT
VTVKVREEVKNDKPILEHHHHHH
;
_entity_poly.pdbx_strand_id   A
#
loop_
_chem_comp.id
_chem_comp.type
_chem_comp.name
_chem_comp.formula
CA non-polymer 'CALCIUM ION' 'Ca 2'
#
# COMPACT_ATOMS: atom_id res chain seq x y z
N MET A 1 -3.71 6.40 -41.30
CA MET A 1 -3.45 6.05 -39.87
C MET A 1 -4.00 4.65 -39.56
N GLY A 2 -3.83 4.19 -38.31
CA GLY A 2 -4.34 2.88 -37.92
C GLY A 2 -3.68 2.31 -36.66
N ASN A 3 -4.12 1.13 -36.24
CA ASN A 3 -3.59 0.49 -35.02
C ASN A 3 -3.27 -0.99 -35.28
N GLY A 4 -2.36 -1.54 -34.48
CA GLY A 4 -2.04 -2.96 -34.54
C GLY A 4 -2.37 -3.70 -33.25
N GLU A 5 -3.00 -4.87 -33.36
CA GLU A 5 -3.39 -5.65 -32.18
C GLU A 5 -2.17 -6.24 -31.46
N THR A 6 -1.53 -5.44 -30.61
CA THR A 6 -0.44 -5.92 -29.77
C THR A 6 -0.96 -6.39 -28.40
N SER A 7 -0.55 -7.58 -27.97
CA SER A 7 -1.01 -8.15 -26.70
C SER A 7 -0.52 -7.32 -25.50
N ASP A 8 -1.35 -6.39 -25.02
CA ASP A 8 -1.00 -5.57 -23.85
C ASP A 8 -1.09 -6.39 -22.56
N LEU A 9 0.00 -6.41 -21.81
CA LEU A 9 0.02 -7.06 -20.51
C LEU A 9 -0.59 -6.14 -19.44
N GLU A 10 -1.41 -6.71 -18.57
CA GLU A 10 -2.00 -5.95 -17.48
C GLU A 10 -0.94 -5.59 -16.42
N PRO A 11 -1.01 -4.37 -15.86
CA PRO A 11 0.06 -3.83 -14.99
C PRO A 11 0.36 -4.73 -13.78
N LYS A 12 1.65 -4.92 -13.50
CA LYS A 12 2.08 -5.69 -12.34
C LYS A 12 2.08 -4.80 -11.08
N LEU A 13 1.10 -5.01 -10.23
CA LEU A 13 1.02 -4.31 -8.95
C LEU A 13 1.72 -5.13 -7.86
N THR A 14 2.63 -4.51 -7.13
CA THR A 14 3.33 -5.19 -6.04
C THR A 14 2.97 -4.60 -4.67
N VAL A 15 2.24 -5.38 -3.88
CA VAL A 15 1.76 -4.95 -2.56
C VAL A 15 1.98 -6.06 -1.51
N PRO A 16 2.54 -5.70 -0.33
CA PRO A 16 2.72 -6.67 0.76
C PRO A 16 1.39 -7.00 1.47
N VAL A 17 1.03 -8.28 1.48
CA VAL A 17 -0.27 -8.72 2.03
C VAL A 17 -0.37 -8.44 3.55
N GLY A 18 0.76 -8.39 4.23
CA GLY A 18 0.76 -8.15 5.68
C GLY A 18 2.00 -7.41 6.17
N ALA A 19 1.79 -6.47 7.10
CA ALA A 19 2.87 -5.68 7.70
C ALA A 19 2.67 -5.55 9.23
N THR A 20 3.76 -5.41 9.97
CA THR A 20 3.68 -5.26 11.44
C THR A 20 4.67 -4.19 11.95
N ILE A 21 4.16 -3.15 12.58
CA ILE A 21 5.00 -2.05 13.11
C ILE A 21 4.62 -1.72 14.56
N HIS A 22 5.37 -0.80 15.18
CA HIS A 22 5.13 -0.42 16.58
C HIS A 22 4.53 0.99 16.72
N VAL A 23 3.99 1.28 17.89
CA VAL A 23 3.49 2.61 18.22
C VAL A 23 4.63 3.65 18.21
N GLY A 24 4.56 4.61 17.30
CA GLY A 24 5.61 5.62 17.15
C GLY A 24 6.59 5.31 16.03
N ASP A 25 6.36 4.21 15.32
CA ASP A 25 7.24 3.78 14.22
C ASP A 25 6.82 4.40 12.88
N SER A 26 7.76 4.47 11.94
CA SER A 26 7.52 5.07 10.61
C SER A 26 6.86 4.09 9.64
N PHE A 27 5.99 4.60 8.77
CA PHE A 27 5.33 3.78 7.76
C PHE A 27 5.03 4.61 6.49
N VAL A 28 5.69 4.25 5.38
CA VAL A 28 5.51 4.96 4.10
C VAL A 28 4.90 4.04 3.02
N PRO A 29 3.57 4.14 2.77
CA PRO A 29 2.88 3.28 1.80
C PRO A 29 3.42 3.40 0.36
N MET A 30 3.80 4.60 -0.06
CA MET A 30 4.27 4.82 -1.43
C MET A 30 5.73 4.38 -1.64
N ALA A 31 6.38 3.91 -0.58
CA ALA A 31 7.75 3.40 -0.67
C ALA A 31 7.77 1.87 -0.78
N GLU A 32 6.80 1.22 -0.15
CA GLU A 32 6.75 -0.24 -0.09
C GLU A 32 5.79 -0.85 -1.14
N VAL A 33 5.11 0.02 -1.91
CA VAL A 33 4.18 -0.43 -2.95
C VAL A 33 4.56 0.14 -4.33
N LEU A 34 4.74 -0.75 -5.31
CA LEU A 34 5.11 -0.34 -6.69
C LEU A 34 4.10 -0.87 -7.72
N ALA A 35 4.12 -0.29 -8.92
CA ALA A 35 3.26 -0.75 -10.03
C ALA A 35 3.94 -0.50 -11.38
N ILE A 36 4.15 -1.57 -12.16
CA ILE A 36 4.88 -1.47 -13.44
C ILE A 36 4.09 -2.09 -14.61
N ASP A 37 3.96 -1.34 -15.70
CA ASP A 37 3.38 -1.86 -16.94
C ASP A 37 4.43 -1.88 -18.06
N LYS A 38 4.35 -2.88 -18.93
CA LYS A 38 5.32 -3.02 -20.03
C LYS A 38 5.12 -1.97 -21.12
N GLU A 39 3.87 -1.77 -21.53
CA GLU A 39 3.53 -0.91 -22.66
C GLU A 39 3.46 0.58 -22.28
N ASP A 40 2.73 0.88 -21.21
CA ASP A 40 2.51 2.27 -20.78
C ASP A 40 3.69 2.78 -19.95
N GLY A 41 4.31 1.89 -19.16
CA GLY A 41 5.49 2.26 -18.38
C GLY A 41 5.27 2.16 -16.87
N ASP A 42 5.97 2.99 -16.12
CA ASP A 42 5.86 3.01 -14.66
C ASP A 42 4.50 3.60 -14.22
N LEU A 43 3.69 2.80 -13.53
CA LEU A 43 2.37 3.25 -13.09
C LEU A 43 2.31 3.47 -11.57
N THR A 44 3.47 3.51 -10.92
CA THR A 44 3.55 3.69 -9.46
C THR A 44 2.85 4.99 -9.02
N SER A 45 3.01 6.05 -9.80
CA SER A 45 2.38 7.34 -9.51
C SER A 45 0.85 7.26 -9.63
N LYS A 46 0.37 6.30 -10.40
CA LYS A 46 -1.08 6.15 -10.66
C LYS A 46 -1.77 5.33 -9.55
N ILE A 47 -0.99 4.77 -8.61
CA ILE A 47 -1.55 3.95 -7.54
C ILE A 47 -2.49 4.74 -6.61
N LYS A 48 -3.72 4.27 -6.48
CA LYS A 48 -4.71 4.87 -5.58
C LYS A 48 -4.59 4.24 -4.18
N VAL A 49 -4.26 5.04 -3.18
CA VAL A 49 -4.06 4.55 -1.82
C VAL A 49 -5.27 4.87 -0.91
N ASP A 50 -6.06 3.86 -0.60
CA ASP A 50 -7.26 4.04 0.22
C ASP A 50 -7.08 3.44 1.64
N GLY A 51 -7.72 4.06 2.63
CA GLY A 51 -7.58 3.60 4.01
C GLY A 51 -6.58 4.45 4.81
N GLU A 52 -6.39 4.12 6.09
CA GLU A 52 -5.50 4.89 6.96
C GLU A 52 -4.87 4.02 8.06
N VAL A 53 -3.56 4.17 8.25
CA VAL A 53 -2.82 3.47 9.32
C VAL A 53 -2.34 4.44 10.39
N ASP A 54 -2.76 4.23 11.63
CA ASP A 54 -2.34 5.07 12.76
C ASP A 54 -1.22 4.39 13.56
N THR A 55 -0.22 5.17 13.98
CA THR A 55 0.91 4.63 14.74
C THR A 55 0.93 5.12 16.20
N THR A 56 -0.18 5.70 16.67
CA THR A 56 -0.29 6.13 18.08
C THR A 56 -1.15 5.14 18.89
N LYS A 57 -2.05 4.45 18.19
CA LYS A 57 -2.93 3.43 18.79
C LYS A 57 -2.65 2.05 18.20
N ALA A 58 -2.57 1.04 19.05
CA ALA A 58 -2.33 -0.34 18.60
C ALA A 58 -3.58 -0.95 17.96
N GLY A 59 -3.39 -1.66 16.85
CA GLY A 59 -4.52 -2.29 16.15
C GLY A 59 -4.20 -2.64 14.71
N THR A 60 -5.19 -3.22 14.01
CA THR A 60 -5.01 -3.60 12.59
C THR A 60 -5.69 -2.61 11.65
N TYR A 61 -4.96 -2.17 10.63
CA TYR A 61 -5.46 -1.22 9.64
C TYR A 61 -5.19 -1.76 8.21
N VAL A 62 -6.23 -1.87 7.39
CA VAL A 62 -6.09 -2.43 6.04
C VAL A 62 -6.08 -1.34 4.95
N LEU A 63 -5.00 -1.30 4.17
CA LEU A 63 -4.86 -0.33 3.08
C LEU A 63 -5.19 -0.96 1.72
N THR A 64 -5.80 -0.17 0.83
CA THR A 64 -6.15 -0.64 -0.52
C THR A 64 -5.34 0.11 -1.58
N TYR A 65 -4.80 -0.63 -2.55
CA TYR A 65 -4.00 -0.04 -3.64
C TYR A 65 -4.55 -0.46 -5.01
N THR A 66 -5.06 0.51 -5.76
CA THR A 66 -5.64 0.25 -7.09
C THR A 66 -4.92 1.05 -8.19
N VAL A 67 -4.46 0.36 -9.23
CA VAL A 67 -3.74 1.02 -10.33
C VAL A 67 -4.32 0.63 -11.70
N THR A 68 -4.47 1.62 -12.59
CA THR A 68 -5.07 1.40 -13.92
C THR A 68 -4.10 1.73 -15.06
N ASP A 69 -4.04 0.85 -16.05
CA ASP A 69 -3.27 1.08 -17.27
C ASP A 69 -4.09 1.93 -18.26
N SER A 70 -3.40 2.74 -19.06
CA SER A 70 -4.07 3.60 -20.05
C SER A 70 -4.74 2.77 -21.15
N LYS A 71 -4.28 1.53 -21.28
CA LYS A 71 -4.84 0.60 -22.27
C LYS A 71 -6.14 -0.08 -21.76
N GLY A 72 -6.51 0.19 -20.51
CA GLY A 72 -7.79 -0.29 -19.99
C GLY A 72 -7.70 -1.42 -18.97
N HIS A 73 -6.50 -1.94 -18.72
CA HIS A 73 -6.31 -3.01 -17.73
C HIS A 73 -6.15 -2.44 -16.31
N GLU A 74 -7.02 -2.87 -15.39
CA GLU A 74 -7.00 -2.37 -14.01
C GLU A 74 -6.80 -3.51 -12.99
N VAL A 75 -5.88 -3.32 -12.05
CA VAL A 75 -5.62 -4.31 -10.99
C VAL A 75 -5.60 -3.65 -9.60
N THR A 76 -5.99 -4.40 -8.57
CA THR A 76 -6.03 -3.87 -7.19
C THR A 76 -5.63 -4.92 -6.14
N ALA A 77 -5.01 -4.47 -5.05
CA ALA A 77 -4.56 -5.36 -3.97
C ALA A 77 -4.60 -4.63 -2.62
N LYS A 78 -4.60 -5.38 -1.51
CA LYS A 78 -4.66 -4.78 -0.17
C LYS A 78 -3.46 -5.18 0.71
N GLN A 79 -3.23 -4.37 1.75
CA GLN A 79 -2.14 -4.61 2.71
C GLN A 79 -2.67 -4.57 4.15
N THR A 80 -2.48 -5.65 4.90
CA THR A 80 -2.96 -5.72 6.29
C THR A 80 -1.87 -5.31 7.28
N VAL A 81 -1.96 -4.10 7.81
CA VAL A 81 -0.96 -3.59 8.76
C VAL A 81 -1.42 -3.80 10.21
N THR A 82 -0.53 -4.30 11.06
CA THR A 82 -0.84 -4.47 12.49
C THR A 82 0.16 -3.70 13.36
N VAL A 83 -0.34 -2.66 14.04
CA VAL A 83 0.48 -1.85 14.94
C VAL A 83 0.38 -2.37 16.39
N LYS A 84 1.52 -2.49 17.05
CA LYS A 84 1.55 -2.97 18.44
C LYS A 84 2.33 -2.02 19.36
N VAL A 85 2.13 -2.14 20.67
CA VAL A 85 2.75 -1.22 21.63
C VAL A 85 4.20 -1.66 21.95
N ARG A 86 5.07 -0.67 22.19
CA ARG A 86 6.50 -0.93 22.45
C ARG A 86 6.80 -1.12 23.96
N GLU A 87 5.76 -1.10 24.78
CA GLU A 87 5.88 -1.28 26.24
C GLU A 87 4.67 -2.03 26.81
N GLU A 88 4.71 -2.35 28.09
CA GLU A 88 3.60 -3.03 28.75
C GLU A 88 2.58 -2.02 29.33
N VAL A 89 1.48 -1.83 28.61
CA VAL A 89 0.35 -1.05 29.10
C VAL A 89 -0.90 -1.94 29.23
N LYS A 90 -1.12 -2.46 30.44
CA LYS A 90 -2.21 -3.41 30.68
C LYS A 90 -3.59 -2.74 30.63
N ASN A 91 -4.63 -3.56 30.53
CA ASN A 91 -6.01 -3.08 30.50
C ASN A 91 -6.80 -3.61 31.70
N ASP A 92 -7.32 -2.71 32.53
CA ASP A 92 -8.07 -3.09 33.73
C ASP A 92 -9.59 -2.91 33.50
N LYS A 93 -10.07 -3.39 32.35
CA LYS A 93 -11.47 -3.23 31.93
C LYS A 93 -11.87 -1.76 31.77
N PRO A 94 -11.80 -1.23 30.53
CA PRO A 94 -12.29 0.13 30.24
C PRO A 94 -13.77 0.32 30.65
N ILE A 95 -13.98 0.97 31.80
CA ILE A 95 -15.34 1.17 32.35
C ILE A 95 -16.07 2.34 31.66
N LEU A 96 -15.41 2.97 30.70
CA LEU A 96 -16.01 4.08 29.94
C LEU A 96 -17.04 3.55 28.92
N GLU A 97 -18.31 3.71 29.24
CA GLU A 97 -19.39 3.25 28.37
C GLU A 97 -19.87 4.36 27.43
CA CA B . -0.17 -2.71 -20.42
N MET A 1 -6.21 -5.50 -43.94
CA MET A 1 -7.33 -6.50 -43.99
C MET A 1 -7.16 -7.55 -42.88
N GLY A 2 -6.02 -8.23 -42.86
CA GLY A 2 -5.71 -9.15 -41.78
C GLY A 2 -5.18 -8.43 -40.53
N ASN A 3 -6.10 -8.09 -39.63
CA ASN A 3 -5.76 -7.28 -38.45
C ASN A 3 -4.78 -7.99 -37.50
N GLY A 4 -3.62 -7.36 -37.29
CA GLY A 4 -2.66 -7.85 -36.30
C GLY A 4 -2.71 -7.00 -35.03
N GLU A 5 -3.58 -7.37 -34.09
CA GLU A 5 -3.78 -6.60 -32.86
C GLU A 5 -2.64 -6.82 -31.85
N THR A 6 -2.00 -5.73 -31.43
CA THR A 6 -0.95 -5.78 -30.41
C THR A 6 -1.57 -5.88 -29.00
N SER A 7 -1.47 -7.05 -28.39
CA SER A 7 -2.10 -7.33 -27.09
C SER A 7 -1.39 -6.61 -25.94
N ASP A 8 -2.14 -5.77 -25.22
CA ASP A 8 -1.61 -5.12 -24.01
C ASP A 8 -1.76 -6.03 -22.79
N LEU A 9 -0.70 -6.15 -22.00
CA LEU A 9 -0.75 -6.90 -20.74
C LEU A 9 -1.01 -5.96 -19.56
N GLU A 10 -1.88 -6.40 -18.65
CA GLU A 10 -2.29 -5.60 -17.49
C GLU A 10 -1.14 -5.46 -16.47
N PRO A 11 -1.12 -4.36 -15.69
CA PRO A 11 0.01 -4.01 -14.82
C PRO A 11 0.25 -4.98 -13.65
N LYS A 12 1.52 -5.28 -13.40
CA LYS A 12 1.92 -6.10 -12.27
C LYS A 12 2.01 -5.25 -10.99
N LEU A 13 0.99 -5.36 -10.14
CA LEU A 13 0.93 -4.56 -8.90
C LEU A 13 1.62 -5.30 -7.74
N THR A 14 2.72 -4.73 -7.25
CA THR A 14 3.48 -5.35 -6.15
C THR A 14 2.96 -4.85 -4.79
N VAL A 15 2.32 -5.74 -4.04
CA VAL A 15 1.76 -5.40 -2.73
C VAL A 15 2.07 -6.50 -1.70
N PRO A 16 2.70 -6.13 -0.57
CA PRO A 16 3.02 -7.09 0.50
C PRO A 16 1.77 -7.57 1.25
N VAL A 17 1.69 -8.87 1.53
CA VAL A 17 0.51 -9.45 2.19
C VAL A 17 0.33 -8.90 3.62
N GLY A 18 1.43 -8.67 4.32
CA GLY A 18 1.37 -8.17 5.70
C GLY A 18 2.62 -7.41 6.14
N ALA A 19 2.46 -6.52 7.10
CA ALA A 19 3.57 -5.74 7.66
C ALA A 19 3.32 -5.39 9.12
N THR A 20 4.37 -5.38 9.94
CA THR A 20 4.24 -5.09 11.38
C THR A 20 5.05 -3.85 11.78
N ILE A 21 4.37 -2.85 12.34
CA ILE A 21 5.01 -1.63 12.86
C ILE A 21 4.58 -1.38 14.31
N HIS A 22 5.13 -0.34 14.94
CA HIS A 22 4.82 -0.05 16.35
C HIS A 22 4.27 1.37 16.54
N VAL A 23 3.58 1.59 17.66
CA VAL A 23 3.14 2.92 18.06
C VAL A 23 4.34 3.85 18.25
N GLY A 24 4.46 4.84 17.38
CA GLY A 24 5.62 5.73 17.38
C GLY A 24 6.46 5.61 16.11
N ASP A 25 6.30 4.49 15.39
CA ASP A 25 7.02 4.25 14.13
C ASP A 25 6.37 5.02 12.96
N SER A 26 6.73 4.65 11.73
CA SER A 26 6.18 5.28 10.53
C SER A 26 5.97 4.27 9.41
N PHE A 27 5.05 4.58 8.49
CA PHE A 27 4.72 3.69 7.36
C PHE A 27 4.42 4.53 6.10
N VAL A 28 4.97 4.11 4.96
CA VAL A 28 4.82 4.88 3.71
C VAL A 28 4.21 4.02 2.57
N PRO A 29 2.88 4.09 2.38
CA PRO A 29 2.19 3.28 1.35
C PRO A 29 2.63 3.59 -0.09
N MET A 30 3.01 4.84 -0.36
CA MET A 30 3.46 5.24 -1.71
C MET A 30 4.94 4.86 -1.97
N ALA A 31 5.59 4.24 -0.99
CA ALA A 31 6.99 3.82 -1.15
C ALA A 31 7.17 2.30 -0.97
N GLU A 32 6.48 1.73 0.02
CA GLU A 32 6.57 0.30 0.30
C GLU A 32 5.69 -0.52 -0.67
N VAL A 33 5.04 0.16 -1.61
CA VAL A 33 4.22 -0.48 -2.65
C VAL A 33 4.70 -0.05 -4.05
N LEU A 34 4.50 -0.91 -5.05
CA LEU A 34 5.02 -0.67 -6.41
C LEU A 34 4.06 -1.20 -7.48
N ALA A 35 4.07 -0.59 -8.67
CA ALA A 35 3.24 -1.05 -9.79
C ALA A 35 3.94 -0.83 -11.14
N ILE A 36 4.05 -1.90 -11.94
CA ILE A 36 4.73 -1.83 -13.24
C ILE A 36 3.89 -2.39 -14.39
N ASP A 37 3.80 -1.65 -15.49
CA ASP A 37 3.16 -2.12 -16.72
C ASP A 37 4.21 -2.25 -17.84
N LYS A 38 4.06 -3.24 -18.71
CA LYS A 38 5.03 -3.48 -19.78
C LYS A 38 4.97 -2.40 -20.86
N GLU A 39 3.78 -1.95 -21.19
CA GLU A 39 3.57 -0.99 -22.27
C GLU A 39 3.82 0.46 -21.80
N ASP A 40 3.12 0.89 -20.73
CA ASP A 40 3.23 2.26 -20.24
C ASP A 40 4.55 2.49 -19.47
N GLY A 41 4.85 1.58 -18.54
CA GLY A 41 6.06 1.70 -17.73
C GLY A 41 5.78 1.71 -16.23
N ASP A 42 6.38 2.67 -15.51
CA ASP A 42 6.20 2.76 -14.06
C ASP A 42 4.82 3.33 -13.70
N LEU A 43 4.02 2.55 -12.97
CA LEU A 43 2.69 3.00 -12.53
C LEU A 43 2.65 3.20 -11.01
N THR A 44 3.82 3.18 -10.37
CA THR A 44 3.92 3.32 -8.91
C THR A 44 3.32 4.64 -8.43
N SER A 45 3.50 5.70 -9.21
CA SER A 45 2.93 7.02 -8.90
C SER A 45 1.43 7.08 -9.19
N LYS A 46 0.91 6.09 -9.94
CA LYS A 46 -0.50 6.06 -10.34
C LYS A 46 -1.34 5.16 -9.42
N ILE A 47 -0.77 4.75 -8.29
CA ILE A 47 -1.47 3.88 -7.33
C ILE A 47 -2.36 4.69 -6.37
N LYS A 48 -3.67 4.44 -6.41
CA LYS A 48 -4.61 5.04 -5.48
C LYS A 48 -4.66 4.23 -4.17
N VAL A 49 -4.44 4.89 -3.03
CA VAL A 49 -4.39 4.22 -1.73
C VAL A 49 -5.66 4.48 -0.89
N ASP A 50 -6.40 3.41 -0.60
CA ASP A 50 -7.57 3.48 0.28
C ASP A 50 -7.23 3.00 1.70
N GLY A 51 -7.78 3.67 2.70
CA GLY A 51 -7.53 3.31 4.09
C GLY A 51 -6.53 4.24 4.77
N GLU A 52 -6.28 4.01 6.05
CA GLU A 52 -5.37 4.85 6.83
C GLU A 52 -4.72 4.07 7.98
N VAL A 53 -3.39 4.18 8.09
CA VAL A 53 -2.64 3.55 9.19
C VAL A 53 -2.14 4.60 10.18
N ASP A 54 -2.66 4.57 11.40
CA ASP A 54 -2.22 5.48 12.45
C ASP A 54 -1.13 4.84 13.33
N THR A 55 -0.18 5.66 13.76
CA THR A 55 0.97 5.16 14.55
C THR A 55 0.89 5.58 16.03
N THR A 56 -0.22 6.21 16.43
CA THR A 56 -0.43 6.56 17.86
C THR A 56 -1.37 5.56 18.54
N LYS A 57 -2.20 4.90 17.75
CA LYS A 57 -3.15 3.90 18.26
C LYS A 57 -2.82 2.51 17.69
N ALA A 58 -2.57 1.54 18.56
CA ALA A 58 -2.25 0.17 18.13
C ALA A 58 -3.47 -0.53 17.52
N GLY A 59 -3.22 -1.36 16.50
CA GLY A 59 -4.30 -2.09 15.82
C GLY A 59 -3.93 -2.48 14.40
N THR A 60 -4.75 -3.33 13.78
CA THR A 60 -4.51 -3.78 12.39
C THR A 60 -5.33 -2.97 11.38
N TYR A 61 -4.65 -2.35 10.42
CA TYR A 61 -5.30 -1.54 9.39
C TYR A 61 -5.09 -2.16 8.00
N VAL A 62 -6.18 -2.40 7.27
CA VAL A 62 -6.11 -2.98 5.92
C VAL A 62 -6.15 -1.90 4.83
N LEU A 63 -5.08 -1.81 4.04
CA LEU A 63 -4.99 -0.80 2.98
C LEU A 63 -5.25 -1.41 1.59
N THR A 64 -6.05 -0.74 0.79
CA THR A 64 -6.33 -1.16 -0.60
C THR A 64 -5.54 -0.32 -1.61
N TYR A 65 -4.88 -0.99 -2.55
CA TYR A 65 -4.09 -0.31 -3.59
C TYR A 65 -4.65 -0.61 -4.97
N THR A 66 -5.10 0.43 -5.67
CA THR A 66 -5.65 0.27 -7.03
C THR A 66 -4.86 1.11 -8.05
N VAL A 67 -4.41 0.47 -9.12
CA VAL A 67 -3.61 1.16 -10.14
C VAL A 67 -4.21 0.99 -11.55
N THR A 68 -4.12 2.06 -12.36
CA THR A 68 -4.72 2.07 -13.70
C THR A 68 -3.66 2.07 -14.81
N ASP A 69 -3.85 1.20 -15.81
CA ASP A 69 -2.96 1.09 -16.98
C ASP A 69 -3.43 2.01 -18.12
N SER A 70 -2.48 2.45 -18.94
CA SER A 70 -2.75 3.41 -20.02
C SER A 70 -3.78 2.87 -21.03
N LYS A 71 -3.82 1.55 -21.21
CA LYS A 71 -4.77 0.92 -22.14
C LYS A 71 -6.09 0.53 -21.46
N GLY A 72 -6.27 0.94 -20.19
CA GLY A 72 -7.55 0.73 -19.50
C GLY A 72 -7.61 -0.46 -18.55
N HIS A 73 -6.46 -1.10 -18.29
CA HIS A 73 -6.41 -2.22 -17.34
C HIS A 73 -6.20 -1.72 -15.89
N GLU A 74 -7.19 -1.93 -15.03
CA GLU A 74 -7.11 -1.45 -13.64
C GLU A 74 -7.21 -2.60 -12.63
N VAL A 75 -6.14 -2.81 -11.85
CA VAL A 75 -6.08 -3.92 -10.88
C VAL A 75 -5.96 -3.41 -9.43
N THR A 76 -6.34 -4.23 -8.46
CA THR A 76 -6.33 -3.83 -7.04
C THR A 76 -5.91 -4.98 -6.10
N ALA A 77 -5.18 -4.63 -5.04
CA ALA A 77 -4.73 -5.59 -4.03
C ALA A 77 -4.67 -4.96 -2.63
N LYS A 78 -4.70 -5.78 -1.58
CA LYS A 78 -4.72 -5.27 -0.20
C LYS A 78 -3.49 -5.70 0.62
N GLN A 79 -3.17 -4.91 1.65
CA GLN A 79 -2.06 -5.20 2.57
C GLN A 79 -2.53 -5.12 4.03
N THR A 80 -2.12 -6.09 4.84
CA THR A 80 -2.47 -6.12 6.27
C THR A 80 -1.38 -5.50 7.14
N VAL A 81 -1.60 -4.28 7.62
CA VAL A 81 -0.63 -3.58 8.47
C VAL A 81 -1.02 -3.69 9.96
N THR A 82 -0.32 -4.54 10.71
CA THR A 82 -0.59 -4.71 12.14
C THR A 82 0.33 -3.82 12.99
N VAL A 83 -0.27 -2.90 13.73
CA VAL A 83 0.48 -1.98 14.60
C VAL A 83 0.48 -2.46 16.07
N LYS A 84 1.66 -2.75 16.59
CA LYS A 84 1.84 -3.13 18.00
C LYS A 84 2.40 -1.94 18.80
N VAL A 85 2.53 -2.09 20.12
CA VAL A 85 3.03 -1.01 20.97
C VAL A 85 4.52 -1.20 21.31
N ARG A 86 5.35 -0.21 20.97
CA ARG A 86 6.78 -0.23 21.33
C ARG A 86 7.01 0.49 22.68
N GLU A 87 6.41 1.67 22.81
CA GLU A 87 6.55 2.49 24.02
C GLU A 87 5.17 2.82 24.62
N GLU A 88 4.77 2.02 25.59
CA GLU A 88 3.44 2.12 26.22
C GLU A 88 3.19 3.50 26.85
N VAL A 89 2.01 4.06 26.59
CA VAL A 89 1.64 5.37 27.13
C VAL A 89 1.13 5.25 28.57
N LYS A 90 1.65 6.10 29.46
CA LYS A 90 1.29 6.07 30.88
C LYS A 90 -0.02 6.83 31.18
N ASN A 91 -0.76 7.19 30.14
CA ASN A 91 -1.97 8.01 30.28
C ASN A 91 -3.21 7.30 29.70
N ASP A 92 -4.01 6.67 30.57
CA ASP A 92 -5.25 6.02 30.16
C ASP A 92 -6.45 6.98 30.26
N LYS A 93 -6.21 8.18 30.77
CA LYS A 93 -7.25 9.23 30.88
C LYS A 93 -7.64 9.74 29.49
N PRO A 94 -8.84 10.36 29.36
CA PRO A 94 -9.31 10.92 28.07
C PRO A 94 -8.48 12.14 27.60
N ILE A 95 -7.26 11.88 27.15
CA ILE A 95 -6.38 12.93 26.63
C ILE A 95 -6.46 12.98 25.09
N LEU A 96 -7.09 14.04 24.58
CA LEU A 96 -7.30 14.21 23.15
C LEU A 96 -6.36 15.28 22.56
N GLU A 97 -5.85 15.01 21.35
CA GLU A 97 -4.96 15.96 20.65
C GLU A 97 -5.62 16.46 19.36
CA CA B . -0.46 -2.49 -20.26
N MET A 1 -3.26 -3.78 -38.60
CA MET A 1 -4.55 -3.81 -39.34
C MET A 1 -4.77 -5.18 -40.00
N GLY A 2 -5.93 -5.37 -40.64
CA GLY A 2 -6.22 -6.63 -41.31
C GLY A 2 -6.47 -7.78 -40.34
N ASN A 3 -5.40 -8.34 -39.79
CA ASN A 3 -5.49 -9.46 -38.85
C ASN A 3 -4.40 -9.37 -37.77
N GLY A 4 -4.65 -9.98 -36.61
CA GLY A 4 -3.67 -9.98 -35.52
C GLY A 4 -4.13 -9.20 -34.30
N GLU A 5 -4.88 -9.86 -33.42
CA GLU A 5 -5.33 -9.23 -32.18
C GLU A 5 -4.26 -9.34 -31.08
N THR A 6 -3.80 -8.19 -30.57
CA THR A 6 -2.71 -8.15 -29.58
C THR A 6 -3.20 -7.70 -28.20
N SER A 7 -2.83 -8.45 -27.18
CA SER A 7 -3.27 -8.17 -25.80
C SER A 7 -2.18 -7.48 -24.98
N ASP A 8 -2.51 -6.34 -24.38
CA ASP A 8 -1.60 -5.66 -23.44
C ASP A 8 -1.60 -6.36 -22.07
N LEU A 9 -0.43 -6.41 -21.44
CA LEU A 9 -0.31 -7.00 -20.11
C LEU A 9 -0.76 -6.00 -19.03
N GLU A 10 -1.78 -6.36 -18.25
CA GLU A 10 -2.24 -5.50 -17.15
C GLU A 10 -1.07 -5.20 -16.18
N PRO A 11 -1.02 -3.98 -15.61
CA PRO A 11 0.11 -3.54 -14.78
C PRO A 11 0.35 -4.47 -13.58
N LYS A 12 1.61 -4.83 -13.35
CA LYS A 12 1.97 -5.71 -12.25
C LYS A 12 2.09 -4.91 -10.94
N LEU A 13 1.15 -5.14 -10.03
CA LEU A 13 1.10 -4.42 -8.76
C LEU A 13 1.74 -5.24 -7.61
N THR A 14 2.86 -4.76 -7.10
CA THR A 14 3.56 -5.43 -5.99
C THR A 14 3.02 -4.92 -4.64
N VAL A 15 2.32 -5.80 -3.92
CA VAL A 15 1.75 -5.48 -2.61
C VAL A 15 1.98 -6.64 -1.62
N PRO A 16 2.51 -6.34 -0.42
CA PRO A 16 2.75 -7.37 0.61
C PRO A 16 1.46 -7.78 1.35
N VAL A 17 1.33 -9.07 1.66
CA VAL A 17 0.12 -9.58 2.32
C VAL A 17 -0.02 -9.03 3.75
N GLY A 18 1.10 -8.85 4.44
CA GLY A 18 1.06 -8.39 5.83
C GLY A 18 2.23 -7.49 6.20
N ALA A 19 2.07 -6.73 7.28
CA ALA A 19 3.10 -5.81 7.77
C ALA A 19 3.01 -5.65 9.30
N THR A 20 4.12 -5.29 9.93
CA THR A 20 4.14 -5.07 11.39
C THR A 20 4.99 -3.85 11.77
N ILE A 21 4.35 -2.87 12.41
CA ILE A 21 5.06 -1.68 12.91
C ILE A 21 4.68 -1.38 14.37
N HIS A 22 5.31 -0.39 14.97
CA HIS A 22 5.03 -0.02 16.36
C HIS A 22 4.53 1.42 16.48
N VAL A 23 3.96 1.74 17.64
CA VAL A 23 3.58 3.12 17.96
C VAL A 23 4.81 4.05 17.86
N GLY A 24 4.64 5.22 17.27
CA GLY A 24 5.76 6.16 17.12
C GLY A 24 6.49 6.02 15.78
N ASP A 25 6.31 4.89 15.11
CA ASP A 25 6.92 4.65 13.79
C ASP A 25 6.14 5.35 12.67
N SER A 26 6.52 5.08 11.42
CA SER A 26 5.83 5.64 10.26
C SER A 26 5.74 4.62 9.12
N PHE A 27 4.65 4.66 8.37
CA PHE A 27 4.44 3.76 7.22
C PHE A 27 4.31 4.57 5.92
N VAL A 28 5.00 4.15 4.86
CA VAL A 28 4.99 4.88 3.59
C VAL A 28 4.50 3.97 2.43
N PRO A 29 3.18 4.00 2.14
CA PRO A 29 2.58 3.14 1.10
C PRO A 29 3.15 3.42 -0.32
N MET A 30 3.61 4.64 -0.57
CA MET A 30 4.13 5.00 -1.90
C MET A 30 5.57 4.49 -2.12
N ALA A 31 6.21 4.04 -1.06
CA ALA A 31 7.58 3.50 -1.15
C ALA A 31 7.60 1.98 -0.95
N GLU A 32 6.74 1.49 -0.05
CA GLU A 32 6.66 0.05 0.26
C GLU A 32 5.73 -0.71 -0.71
N VAL A 33 5.14 0.02 -1.65
CA VAL A 33 4.32 -0.58 -2.72
C VAL A 33 4.83 -0.14 -4.11
N LEU A 34 4.65 -0.98 -5.13
CA LEU A 34 5.22 -0.72 -6.47
C LEU A 34 4.26 -1.19 -7.59
N ALA A 35 4.32 -0.51 -8.75
CA ALA A 35 3.47 -0.87 -9.90
C ALA A 35 4.17 -0.59 -11.25
N ILE A 36 4.25 -1.62 -12.11
CA ILE A 36 4.92 -1.50 -13.42
C ILE A 36 4.03 -2.03 -14.57
N ASP A 37 4.05 -1.35 -15.72
CA ASP A 37 3.38 -1.83 -16.93
C ASP A 37 4.37 -1.89 -18.11
N LYS A 38 4.21 -2.90 -18.97
CA LYS A 38 5.16 -3.13 -20.08
C LYS A 38 5.14 -1.97 -21.10
N GLU A 39 3.99 -1.36 -21.32
CA GLU A 39 3.86 -0.32 -22.36
C GLU A 39 4.34 1.06 -21.85
N ASP A 40 3.97 1.40 -20.62
CA ASP A 40 4.21 2.74 -20.09
C ASP A 40 5.51 2.81 -19.27
N GLY A 41 5.73 1.79 -18.44
CA GLY A 41 6.91 1.77 -17.57
C GLY A 41 6.53 1.73 -16.11
N ASP A 42 6.88 2.78 -15.36
CA ASP A 42 6.54 2.87 -13.94
C ASP A 42 5.16 3.52 -13.73
N LEU A 43 4.24 2.77 -13.12
CA LEU A 43 2.90 3.28 -12.81
C LEU A 43 2.69 3.44 -11.30
N THR A 44 3.79 3.48 -10.54
CA THR A 44 3.72 3.66 -9.08
C THR A 44 2.99 4.97 -8.72
N SER A 45 3.11 5.98 -9.59
CA SER A 45 2.40 7.26 -9.41
C SER A 45 0.88 7.10 -9.59
N LYS A 46 0.47 6.07 -10.33
CA LYS A 46 -0.95 5.83 -10.61
C LYS A 46 -1.67 5.19 -9.40
N ILE A 47 -0.90 4.59 -8.49
CA ILE A 47 -1.46 3.84 -7.36
C ILE A 47 -2.33 4.71 -6.45
N LYS A 48 -3.63 4.43 -6.43
CA LYS A 48 -4.55 5.08 -5.50
C LYS A 48 -4.59 4.29 -4.19
N VAL A 49 -4.23 4.96 -3.09
CA VAL A 49 -4.22 4.32 -1.77
C VAL A 49 -5.54 4.60 -1.01
N ASP A 50 -6.28 3.54 -0.70
CA ASP A 50 -7.52 3.66 0.08
C ASP A 50 -7.31 3.10 1.49
N GLY A 51 -7.47 3.95 2.50
CA GLY A 51 -7.22 3.55 3.88
C GLY A 51 -6.02 4.26 4.49
N GLU A 52 -5.86 4.16 5.80
CA GLU A 52 -4.77 4.86 6.49
C GLU A 52 -4.39 4.16 7.81
N VAL A 53 -3.08 4.08 8.07
CA VAL A 53 -2.58 3.45 9.30
C VAL A 53 -2.21 4.51 10.36
N ASP A 54 -2.73 4.35 11.57
CA ASP A 54 -2.39 5.24 12.69
C ASP A 54 -1.27 4.62 13.54
N THR A 55 -0.29 5.43 13.94
CA THR A 55 0.85 4.94 14.72
C THR A 55 0.82 5.46 16.17
N THR A 56 -0.36 5.81 16.66
CA THR A 56 -0.53 6.18 18.08
C THR A 56 -1.41 5.14 18.81
N LYS A 57 -2.27 4.47 18.04
CA LYS A 57 -3.11 3.38 18.56
C LYS A 57 -2.76 2.06 17.85
N ALA A 58 -2.56 1.01 18.65
CA ALA A 58 -2.18 -0.31 18.11
C ALA A 58 -3.40 -1.08 17.59
N GLY A 59 -3.25 -1.68 16.41
CA GLY A 59 -4.32 -2.47 15.81
C GLY A 59 -4.04 -2.82 14.35
N THR A 60 -4.87 -3.68 13.78
CA THR A 60 -4.72 -4.07 12.36
C THR A 60 -5.51 -3.13 11.43
N TYR A 61 -4.80 -2.52 10.48
CA TYR A 61 -5.41 -1.64 9.48
C TYR A 61 -5.26 -2.25 8.08
N VAL A 62 -6.32 -2.17 7.27
CA VAL A 62 -6.31 -2.74 5.92
C VAL A 62 -6.14 -1.66 4.85
N LEU A 63 -5.03 -1.72 4.10
CA LEU A 63 -4.75 -0.74 3.05
C LEU A 63 -5.05 -1.33 1.66
N THR A 64 -5.81 -0.60 0.85
CA THR A 64 -6.14 -1.03 -0.51
C THR A 64 -5.38 -0.19 -1.56
N TYR A 65 -4.81 -0.86 -2.55
CA TYR A 65 -4.03 -0.20 -3.61
C TYR A 65 -4.61 -0.52 -4.99
N THR A 66 -5.02 0.50 -5.73
CA THR A 66 -5.60 0.31 -7.07
C THR A 66 -4.82 1.10 -8.13
N VAL A 67 -4.51 0.45 -9.25
CA VAL A 67 -3.74 1.08 -10.33
C VAL A 67 -4.41 0.87 -11.71
N THR A 68 -4.48 1.95 -12.50
CA THR A 68 -5.09 1.89 -13.83
C THR A 68 -4.03 2.03 -14.94
N ASP A 69 -4.24 1.29 -16.03
CA ASP A 69 -3.32 1.28 -17.17
C ASP A 69 -3.83 2.14 -18.34
N SER A 70 -2.93 2.52 -19.24
CA SER A 70 -3.25 3.38 -20.39
C SER A 70 -4.28 2.72 -21.33
N LYS A 71 -4.23 1.40 -21.47
CA LYS A 71 -5.20 0.67 -22.31
C LYS A 71 -6.52 0.42 -21.56
N GLY A 72 -6.64 0.96 -20.35
CA GLY A 72 -7.87 0.84 -19.57
C GLY A 72 -7.90 -0.38 -18.64
N HIS A 73 -6.75 -0.99 -18.40
CA HIS A 73 -6.66 -2.16 -17.52
C HIS A 73 -6.43 -1.72 -16.06
N GLU A 74 -7.33 -2.11 -15.17
CA GLU A 74 -7.25 -1.68 -13.76
C GLU A 74 -7.25 -2.87 -12.79
N VAL A 75 -6.20 -2.97 -11.98
CA VAL A 75 -6.09 -4.03 -10.97
C VAL A 75 -5.95 -3.44 -9.56
N THR A 76 -6.26 -4.24 -8.54
CA THR A 76 -6.20 -3.78 -7.14
C THR A 76 -5.71 -4.88 -6.19
N ALA A 77 -5.13 -4.48 -5.06
CA ALA A 77 -4.62 -5.43 -4.05
C ALA A 77 -4.73 -4.84 -2.63
N LYS A 78 -4.68 -5.69 -1.61
CA LYS A 78 -4.83 -5.25 -0.21
C LYS A 78 -3.65 -5.70 0.68
N GLN A 79 -3.40 -4.96 1.75
CA GLN A 79 -2.32 -5.26 2.69
C GLN A 79 -2.82 -5.25 4.14
N THR A 80 -2.38 -6.22 4.94
CA THR A 80 -2.73 -6.28 6.37
C THR A 80 -1.62 -5.67 7.24
N VAL A 81 -1.83 -4.46 7.74
CA VAL A 81 -0.83 -3.78 8.57
C VAL A 81 -1.18 -3.86 10.06
N THR A 82 -0.47 -4.70 10.81
CA THR A 82 -0.71 -4.85 12.25
C THR A 82 0.26 -3.99 13.07
N VAL A 83 -0.29 -3.05 13.84
CA VAL A 83 0.51 -2.18 14.70
C VAL A 83 0.54 -2.69 16.16
N LYS A 84 1.71 -2.61 16.79
CA LYS A 84 1.87 -3.00 18.20
C LYS A 84 2.40 -1.81 19.03
N VAL A 85 2.14 -1.83 20.35
CA VAL A 85 2.53 -0.71 21.21
C VAL A 85 4.00 -0.80 21.65
N ARG A 86 4.64 0.36 21.79
CA ARG A 86 5.99 0.44 22.36
C ARG A 86 5.93 0.95 23.81
N GLU A 87 6.76 0.37 24.68
CA GLU A 87 6.79 0.79 26.08
C GLU A 87 7.39 2.19 26.24
N GLU A 88 6.53 3.21 26.16
CA GLU A 88 6.95 4.60 26.34
C GLU A 88 6.96 4.99 27.83
N VAL A 89 8.13 4.89 28.46
CA VAL A 89 8.29 5.26 29.87
C VAL A 89 8.14 6.78 30.08
N LYS A 90 7.45 7.16 31.14
CA LYS A 90 7.21 8.57 31.44
C LYS A 90 8.52 9.33 31.74
N ASN A 91 9.16 9.83 30.68
CA ASN A 91 10.38 10.64 30.81
C ASN A 91 10.03 12.13 30.94
N ASP A 92 10.59 12.79 31.94
CA ASP A 92 10.40 14.23 32.09
C ASP A 92 11.24 14.99 31.04
N LYS A 93 10.59 15.43 29.97
CA LYS A 93 11.27 16.12 28.87
C LYS A 93 10.35 17.14 28.17
N PRO A 94 9.99 18.23 28.89
CA PRO A 94 9.19 19.32 28.34
C PRO A 94 10.05 20.45 27.76
N ILE A 95 10.38 20.34 26.48
CA ILE A 95 11.22 21.34 25.81
C ILE A 95 10.40 22.56 25.34
N LEU A 96 10.31 23.59 26.18
CA LEU A 96 9.61 24.81 25.81
C LEU A 96 10.41 25.62 24.77
N GLU A 97 10.22 25.29 23.51
CA GLU A 97 10.94 25.93 22.40
C GLU A 97 10.12 27.07 21.77
CA CA B . -0.60 -1.70 -20.26
N MET A 1 -7.62 -8.91 -42.49
CA MET A 1 -6.95 -8.33 -43.69
C MET A 1 -6.42 -6.92 -43.39
N GLY A 2 -5.12 -6.83 -43.11
CA GLY A 2 -4.51 -5.53 -42.81
C GLY A 2 -3.38 -5.64 -41.79
N ASN A 3 -3.58 -5.03 -40.61
CA ASN A 3 -2.59 -5.08 -39.53
C ASN A 3 -3.03 -6.08 -38.43
N GLY A 4 -2.23 -6.18 -37.37
CA GLY A 4 -2.58 -7.04 -36.23
C GLY A 4 -2.55 -6.30 -34.90
N GLU A 5 -3.69 -6.27 -34.20
CA GLU A 5 -3.79 -5.60 -32.90
C GLU A 5 -3.04 -6.36 -31.80
N THR A 6 -2.22 -5.64 -31.03
CA THR A 6 -1.42 -6.25 -29.95
C THR A 6 -2.18 -6.27 -28.62
N SER A 7 -2.06 -7.37 -27.87
CA SER A 7 -2.75 -7.53 -26.58
C SER A 7 -1.94 -6.93 -25.42
N ASP A 8 -2.47 -5.88 -24.80
CA ASP A 8 -1.80 -5.28 -23.63
C ASP A 8 -1.99 -6.14 -22.37
N LEU A 9 -0.93 -6.32 -21.61
CA LEU A 9 -0.99 -7.02 -20.32
C LEU A 9 -1.28 -6.02 -19.18
N GLU A 10 -2.16 -6.38 -18.27
CA GLU A 10 -2.47 -5.54 -17.11
C GLU A 10 -1.26 -5.38 -16.17
N PRO A 11 -1.04 -4.17 -15.62
CA PRO A 11 0.19 -3.81 -14.89
C PRO A 11 0.52 -4.74 -13.71
N LYS A 12 1.82 -4.94 -13.49
CA LYS A 12 2.32 -5.74 -12.37
C LYS A 12 2.42 -4.89 -11.09
N LEU A 13 1.47 -5.08 -10.18
CA LEU A 13 1.40 -4.30 -8.95
C LEU A 13 1.98 -5.07 -7.75
N THR A 14 3.12 -4.61 -7.23
CA THR A 14 3.76 -5.25 -6.07
C THR A 14 3.24 -4.66 -4.75
N VAL A 15 2.50 -5.48 -4.00
CA VAL A 15 1.99 -5.08 -2.67
C VAL A 15 2.23 -6.20 -1.64
N PRO A 16 2.82 -5.88 -0.47
CA PRO A 16 3.01 -6.86 0.60
C PRO A 16 1.71 -7.19 1.34
N VAL A 17 1.40 -8.48 1.46
CA VAL A 17 0.13 -8.92 2.07
C VAL A 17 0.02 -8.52 3.56
N GLY A 18 1.14 -8.23 4.20
CA GLY A 18 1.14 -7.87 5.61
C GLY A 18 2.36 -7.04 6.04
N ALA A 19 2.20 -6.27 7.12
CA ALA A 19 3.30 -5.45 7.65
C ALA A 19 3.14 -5.24 9.17
N THR A 20 4.26 -5.18 9.88
CA THR A 20 4.24 -5.00 11.35
C THR A 20 4.98 -3.73 11.79
N ILE A 21 4.29 -2.86 12.53
CA ILE A 21 4.89 -1.65 13.09
C ILE A 21 4.47 -1.45 14.57
N HIS A 22 5.00 -0.41 15.21
CA HIS A 22 4.67 -0.12 16.62
C HIS A 22 4.13 1.29 16.81
N VAL A 23 3.59 1.54 18.00
CA VAL A 23 3.21 2.89 18.40
C VAL A 23 4.46 3.79 18.47
N GLY A 24 4.56 4.75 17.55
CA GLY A 24 5.74 5.60 17.47
C GLY A 24 6.62 5.29 16.25
N ASP A 25 6.26 4.26 15.49
CA ASP A 25 6.98 3.90 14.27
C ASP A 25 6.45 4.69 13.06
N SER A 26 7.16 4.59 11.93
CA SER A 26 6.75 5.27 10.68
C SER A 26 6.38 4.24 9.60
N PHE A 27 5.52 4.65 8.67
CA PHE A 27 5.05 3.75 7.61
C PHE A 27 4.50 4.55 6.41
N VAL A 28 5.17 4.45 5.27
CA VAL A 28 4.71 5.10 4.04
C VAL A 28 4.13 4.06 3.05
N PRO A 29 2.79 4.00 2.92
CA PRO A 29 2.11 3.04 2.03
C PRO A 29 2.57 3.15 0.56
N MET A 30 2.85 4.37 0.10
CA MET A 30 3.27 4.59 -1.30
C MET A 30 4.75 4.25 -1.52
N ALA A 31 5.46 3.93 -0.45
CA ALA A 31 6.85 3.46 -0.55
C ALA A 31 6.93 1.93 -0.58
N GLU A 32 5.95 1.28 0.03
CA GLU A 32 5.90 -0.19 0.10
C GLU A 32 5.24 -0.79 -1.15
N VAL A 33 4.63 0.06 -1.98
CA VAL A 33 3.89 -0.38 -3.17
C VAL A 33 4.51 0.19 -4.46
N LEU A 34 4.68 -0.66 -5.46
CA LEU A 34 5.32 -0.26 -6.73
C LEU A 34 4.61 -0.95 -7.92
N ALA A 35 4.35 -0.21 -8.99
CA ALA A 35 3.64 -0.77 -10.16
C ALA A 35 4.46 -0.65 -11.45
N ILE A 36 4.72 -1.79 -12.09
CA ILE A 36 5.46 -1.83 -13.36
C ILE A 36 4.64 -2.50 -14.47
N ASP A 37 4.43 -1.79 -15.57
CA ASP A 37 3.79 -2.36 -16.75
C ASP A 37 4.78 -2.47 -17.92
N LYS A 38 4.65 -3.52 -18.72
CA LYS A 38 5.59 -3.78 -19.82
C LYS A 38 5.43 -2.77 -20.97
N GLU A 39 4.19 -2.47 -21.34
CA GLU A 39 3.91 -1.55 -22.45
C GLU A 39 3.94 -0.07 -21.99
N ASP A 40 3.15 0.24 -20.97
CA ASP A 40 2.94 1.63 -20.52
C ASP A 40 4.12 2.14 -19.67
N GLY A 41 4.80 1.23 -18.96
CA GLY A 41 5.97 1.61 -18.17
C GLY A 41 5.71 1.64 -16.67
N ASP A 42 6.50 2.41 -15.92
CA ASP A 42 6.30 2.58 -14.47
C ASP A 42 5.01 3.35 -14.19
N LEU A 43 4.07 2.70 -13.51
CA LEU A 43 2.76 3.30 -13.23
C LEU A 43 2.58 3.58 -11.73
N THR A 44 3.69 3.64 -10.99
CA THR A 44 3.66 3.84 -9.53
C THR A 44 2.88 5.10 -9.12
N SER A 45 3.02 6.17 -9.90
CA SER A 45 2.31 7.43 -9.62
C SER A 45 0.79 7.32 -9.90
N LYS A 46 0.39 6.31 -10.68
CA LYS A 46 -1.03 6.10 -10.98
C LYS A 46 -1.68 5.11 -10.00
N ILE A 47 -0.97 4.79 -8.91
CA ILE A 47 -1.52 3.96 -7.83
C ILE A 47 -2.26 4.83 -6.81
N LYS A 48 -3.54 4.58 -6.61
CA LYS A 48 -4.30 5.25 -5.55
C LYS A 48 -4.30 4.42 -4.25
N VAL A 49 -4.29 5.10 -3.11
CA VAL A 49 -4.38 4.44 -1.81
C VAL A 49 -5.79 4.58 -1.21
N ASP A 50 -6.23 3.56 -0.47
CA ASP A 50 -7.50 3.62 0.26
C ASP A 50 -7.33 3.07 1.68
N GLY A 51 -7.80 3.83 2.67
CA GLY A 51 -7.62 3.45 4.07
C GLY A 51 -6.49 4.21 4.74
N GLU A 52 -6.31 4.00 6.05
CA GLU A 52 -5.26 4.69 6.83
C GLU A 52 -4.78 3.86 8.02
N VAL A 53 -3.49 3.95 8.34
CA VAL A 53 -2.89 3.24 9.47
C VAL A 53 -2.41 4.21 10.56
N ASP A 54 -3.08 4.21 11.71
CA ASP A 54 -2.68 5.04 12.85
C ASP A 54 -1.37 4.52 13.47
N THR A 55 -0.46 5.43 13.79
CA THR A 55 0.84 5.06 14.36
C THR A 55 0.93 5.39 15.86
N THR A 56 -0.08 6.08 16.39
CA THR A 56 -0.13 6.40 17.82
C THR A 56 -1.04 5.45 18.60
N LYS A 57 -1.65 4.49 17.90
CA LYS A 57 -2.59 3.56 18.54
C LYS A 57 -2.48 2.16 17.94
N ALA A 58 -2.44 1.14 18.80
CA ALA A 58 -2.26 -0.25 18.37
C ALA A 58 -3.54 -0.84 17.78
N GLY A 59 -3.37 -1.70 16.77
CA GLY A 59 -4.51 -2.33 16.11
C GLY A 59 -4.18 -2.82 14.71
N THR A 60 -5.07 -3.61 14.11
CA THR A 60 -4.87 -4.10 12.75
C THR A 60 -5.62 -3.24 11.71
N TYR A 61 -4.89 -2.70 10.75
CA TYR A 61 -5.46 -1.83 9.71
C TYR A 61 -5.26 -2.44 8.31
N VAL A 62 -6.25 -2.31 7.43
CA VAL A 62 -6.15 -2.83 6.05
C VAL A 62 -6.14 -1.69 5.03
N LEU A 63 -5.19 -1.74 4.09
CA LEU A 63 -5.05 -0.72 3.04
C LEU A 63 -5.27 -1.32 1.64
N THR A 64 -5.92 -0.57 0.76
CA THR A 64 -6.15 -1.01 -0.62
C THR A 64 -5.41 -0.12 -1.63
N TYR A 65 -4.78 -0.75 -2.62
CA TYR A 65 -4.03 -0.03 -3.66
C TYR A 65 -4.53 -0.42 -5.06
N THR A 66 -4.72 0.58 -5.92
CA THR A 66 -5.25 0.35 -7.28
C THR A 66 -4.50 1.19 -8.33
N VAL A 67 -4.14 0.56 -9.45
CA VAL A 67 -3.43 1.26 -10.55
C VAL A 67 -4.08 0.96 -11.91
N THR A 68 -4.06 1.94 -12.82
CA THR A 68 -4.72 1.81 -14.13
C THR A 68 -3.73 1.95 -15.32
N ASP A 69 -3.80 0.98 -16.24
CA ASP A 69 -3.02 1.01 -17.49
C ASP A 69 -3.65 2.00 -18.49
N SER A 70 -2.83 2.53 -19.42
CA SER A 70 -3.32 3.48 -20.43
C SER A 70 -4.52 2.93 -21.23
N LYS A 71 -4.56 1.62 -21.46
CA LYS A 71 -5.67 0.98 -22.19
C LYS A 71 -6.94 0.85 -21.34
N GLY A 72 -6.80 1.02 -20.02
CA GLY A 72 -7.95 0.86 -19.12
C GLY A 72 -7.85 -0.39 -18.23
N HIS A 73 -6.73 -1.12 -18.30
CA HIS A 73 -6.53 -2.28 -17.43
C HIS A 73 -6.30 -1.87 -15.97
N GLU A 74 -7.34 -2.00 -15.14
CA GLU A 74 -7.25 -1.64 -13.73
C GLU A 74 -7.00 -2.88 -12.85
N VAL A 75 -5.95 -2.82 -12.03
CA VAL A 75 -5.62 -3.90 -11.10
C VAL A 75 -5.47 -3.37 -9.67
N THR A 76 -5.70 -4.23 -8.68
CA THR A 76 -5.71 -3.82 -7.28
C THR A 76 -5.14 -4.89 -6.34
N ALA A 77 -4.52 -4.45 -5.26
CA ALA A 77 -3.96 -5.34 -4.23
C ALA A 77 -4.04 -4.69 -2.85
N LYS A 78 -4.10 -5.50 -1.80
CA LYS A 78 -4.32 -4.99 -0.43
C LYS A 78 -3.21 -5.42 0.55
N GLN A 79 -2.98 -4.59 1.57
CA GLN A 79 -1.93 -4.81 2.57
C GLN A 79 -2.48 -4.69 4.00
N THR A 80 -2.23 -5.69 4.83
CA THR A 80 -2.69 -5.69 6.22
C THR A 80 -1.57 -5.29 7.19
N VAL A 81 -1.67 -4.09 7.77
CA VAL A 81 -0.66 -3.56 8.68
C VAL A 81 -1.12 -3.62 10.15
N THR A 82 -0.40 -4.39 10.97
CA THR A 82 -0.72 -4.50 12.40
C THR A 82 0.23 -3.66 13.26
N VAL A 83 -0.35 -2.86 14.17
CA VAL A 83 0.43 -2.01 15.08
C VAL A 83 0.48 -2.60 16.50
N LYS A 84 1.69 -2.66 17.08
CA LYS A 84 1.88 -3.16 18.45
C LYS A 84 2.42 -2.05 19.38
N VAL A 85 2.18 -2.19 20.67
CA VAL A 85 2.61 -1.16 21.64
C VAL A 85 4.03 -1.44 22.19
N ARG A 86 4.82 -0.37 22.36
CA ARG A 86 6.14 -0.48 22.98
C ARG A 86 6.04 -0.31 24.50
N GLU A 87 5.95 0.94 24.95
CA GLU A 87 5.80 1.24 26.38
C GLU A 87 4.31 1.24 26.78
N GLU A 88 3.92 0.33 27.66
CA GLU A 88 2.52 0.20 28.09
C GLU A 88 2.21 1.02 29.35
N VAL A 89 0.97 0.96 29.81
CA VAL A 89 0.55 1.67 31.03
C VAL A 89 0.86 0.85 32.29
N LYS A 90 1.32 1.51 33.35
CA LYS A 90 1.65 0.83 34.62
C LYS A 90 0.39 0.30 35.35
N ASN A 91 -0.75 0.92 35.09
CA ASN A 91 -2.00 0.58 35.80
C ASN A 91 -2.97 -0.22 34.93
N ASP A 92 -3.81 -1.02 35.59
CA ASP A 92 -4.81 -1.85 34.91
C ASP A 92 -5.95 -1.01 34.31
N LYS A 93 -6.07 -1.00 32.99
CA LYS A 93 -7.16 -0.30 32.32
C LYS A 93 -7.26 -0.68 30.83
N PRO A 94 -7.74 -1.89 30.53
CA PRO A 94 -7.91 -2.35 29.13
C PRO A 94 -9.11 -1.69 28.44
N ILE A 95 -8.89 -0.51 27.86
CA ILE A 95 -9.96 0.25 27.20
C ILE A 95 -10.26 -0.28 25.78
N LEU A 96 -9.61 -1.37 25.40
CA LEU A 96 -9.87 -2.03 24.10
C LEU A 96 -10.68 -3.32 24.29
N GLU A 97 -11.00 -3.99 23.20
CA GLU A 97 -11.75 -5.25 23.26
C GLU A 97 -10.85 -6.42 23.70
CA CA B . 0.04 -2.89 -20.13
N MET A 1 2.64 -1.49 -46.11
CA MET A 1 1.96 -2.82 -46.12
C MET A 1 2.05 -3.51 -44.74
N GLY A 2 0.91 -3.64 -44.06
CA GLY A 2 0.89 -4.29 -42.76
C GLY A 2 -0.23 -3.78 -41.84
N ASN A 3 -1.03 -4.70 -41.32
CA ASN A 3 -2.12 -4.34 -40.38
C ASN A 3 -2.49 -5.51 -39.46
N GLY A 4 -3.30 -5.24 -38.44
CA GLY A 4 -3.73 -6.27 -37.52
C GLY A 4 -4.21 -5.72 -36.18
N GLU A 5 -4.51 -6.61 -35.24
CA GLU A 5 -4.95 -6.22 -33.89
C GLU A 5 -4.23 -7.03 -32.80
N THR A 6 -3.82 -6.37 -31.73
CA THR A 6 -3.09 -7.03 -30.63
C THR A 6 -3.65 -6.65 -29.25
N SER A 7 -3.61 -7.58 -28.31
CA SER A 7 -4.12 -7.34 -26.95
C SER A 7 -3.05 -6.71 -26.05
N ASP A 8 -3.45 -5.72 -25.26
CA ASP A 8 -2.54 -5.07 -24.32
C ASP A 8 -2.47 -5.83 -22.98
N LEU A 9 -1.37 -5.66 -22.26
CA LEU A 9 -1.15 -6.39 -21.01
C LEU A 9 -1.38 -5.50 -19.77
N GLU A 10 -2.05 -6.09 -18.75
CA GLU A 10 -2.28 -5.40 -17.48
C GLU A 10 -0.96 -5.17 -16.72
N PRO A 11 -0.89 -4.12 -15.88
CA PRO A 11 0.33 -3.79 -15.12
C PRO A 11 0.60 -4.76 -13.95
N LYS A 12 1.87 -4.89 -13.57
CA LYS A 12 2.27 -5.75 -12.46
C LYS A 12 2.32 -4.95 -11.14
N LEU A 13 1.32 -5.17 -10.29
CA LEU A 13 1.21 -4.47 -9.01
C LEU A 13 1.83 -5.29 -7.87
N THR A 14 2.84 -4.74 -7.21
CA THR A 14 3.53 -5.43 -6.10
C THR A 14 3.08 -4.89 -4.74
N VAL A 15 2.34 -5.72 -4.00
CA VAL A 15 1.82 -5.36 -2.68
C VAL A 15 2.03 -6.50 -1.66
N PRO A 16 2.67 -6.22 -0.50
CA PRO A 16 2.91 -7.24 0.53
C PRO A 16 1.62 -7.63 1.28
N VAL A 17 1.50 -8.89 1.67
CA VAL A 17 0.30 -9.39 2.35
C VAL A 17 0.11 -8.75 3.74
N GLY A 18 1.22 -8.43 4.41
CA GLY A 18 1.13 -7.82 5.73
C GLY A 18 2.43 -7.14 6.17
N ALA A 19 2.30 -6.07 6.95
CA ALA A 19 3.45 -5.30 7.46
C ALA A 19 3.26 -4.96 8.94
N THR A 20 4.33 -5.06 9.72
CA THR A 20 4.25 -4.85 11.18
C THR A 20 5.08 -3.66 11.65
N ILE A 21 4.43 -2.72 12.34
CA ILE A 21 5.11 -1.56 12.94
C ILE A 21 4.69 -1.39 14.41
N HIS A 22 5.28 -0.41 15.10
CA HIS A 22 4.89 -0.09 16.50
C HIS A 22 4.25 1.30 16.60
N VAL A 23 3.65 1.58 17.77
CA VAL A 23 3.07 2.90 18.04
C VAL A 23 4.17 3.98 18.04
N GLY A 24 4.07 4.94 17.13
CA GLY A 24 5.07 5.99 17.02
C GLY A 24 6.14 5.70 15.97
N ASP A 25 5.94 4.64 15.20
CA ASP A 25 6.88 4.26 14.14
C ASP A 25 6.45 4.85 12.78
N SER A 26 7.36 4.82 11.81
CA SER A 26 7.09 5.36 10.46
C SER A 26 6.59 4.26 9.52
N PHE A 27 5.76 4.65 8.55
CA PHE A 27 5.22 3.70 7.56
C PHE A 27 4.91 4.43 6.24
N VAL A 28 5.62 4.06 5.17
CA VAL A 28 5.43 4.70 3.86
C VAL A 28 4.92 3.70 2.80
N PRO A 29 3.59 3.59 2.63
CA PRO A 29 2.97 2.63 1.68
C PRO A 29 3.38 2.89 0.23
N MET A 30 3.61 4.16 -0.12
CA MET A 30 3.96 4.54 -1.49
C MET A 30 5.45 4.27 -1.80
N ALA A 31 6.19 3.76 -0.81
CA ALA A 31 7.59 3.38 -1.01
C ALA A 31 7.75 1.85 -1.09
N GLU A 32 6.87 1.13 -0.40
CA GLU A 32 6.91 -0.33 -0.38
C GLU A 32 6.05 -0.95 -1.49
N VAL A 33 5.00 -0.24 -1.90
CA VAL A 33 4.11 -0.71 -2.98
C VAL A 33 4.48 -0.06 -4.32
N LEU A 34 4.74 -0.90 -5.33
CA LEU A 34 5.13 -0.42 -6.66
C LEU A 34 4.22 -0.99 -7.76
N ALA A 35 4.12 -0.28 -8.88
CA ALA A 35 3.32 -0.75 -10.03
C ALA A 35 4.06 -0.50 -11.35
N ILE A 36 4.28 -1.57 -12.11
CA ILE A 36 5.04 -1.50 -13.37
C ILE A 36 4.28 -2.16 -14.52
N ASP A 37 3.93 -1.36 -15.53
CA ASP A 37 3.27 -1.87 -16.74
C ASP A 37 4.31 -2.13 -17.84
N LYS A 38 4.03 -3.11 -18.70
CA LYS A 38 5.03 -3.58 -19.67
C LYS A 38 5.28 -2.58 -20.81
N GLU A 39 4.22 -1.98 -21.37
CA GLU A 39 4.40 -0.98 -22.43
C GLU A 39 4.68 0.41 -21.84
N ASP A 40 3.90 0.80 -20.84
CA ASP A 40 4.02 2.15 -20.26
C ASP A 40 5.27 2.30 -19.39
N GLY A 41 5.48 1.36 -18.47
CA GLY A 41 6.61 1.47 -17.54
C GLY A 41 6.15 1.68 -16.10
N ASP A 42 6.53 2.81 -15.51
CA ASP A 42 6.16 3.12 -14.12
C ASP A 42 4.71 3.61 -14.01
N LEU A 43 3.90 2.85 -13.28
CA LEU A 43 2.52 3.26 -12.94
C LEU A 43 2.36 3.41 -11.42
N THR A 44 3.49 3.43 -10.70
CA THR A 44 3.48 3.55 -9.24
C THR A 44 2.77 4.84 -8.79
N SER A 45 2.92 5.90 -9.59
CA SER A 45 2.25 7.18 -9.29
C SER A 45 0.73 7.09 -9.52
N LYS A 46 0.29 6.07 -10.25
CA LYS A 46 -1.13 5.88 -10.55
C LYS A 46 -1.83 5.00 -9.50
N ILE A 47 -1.10 4.60 -8.47
CA ILE A 47 -1.64 3.74 -7.40
C ILE A 47 -2.54 4.54 -6.44
N LYS A 48 -3.76 4.07 -6.26
CA LYS A 48 -4.66 4.63 -5.26
C LYS A 48 -4.56 3.86 -3.94
N VAL A 49 -4.26 4.58 -2.87
CA VAL A 49 -4.14 3.98 -1.54
C VAL A 49 -5.44 4.12 -0.75
N ASP A 50 -6.17 3.02 -0.59
CA ASP A 50 -7.46 3.02 0.11
C ASP A 50 -7.30 2.52 1.56
N GLY A 51 -7.91 3.24 2.50
CA GLY A 51 -7.81 2.88 3.92
C GLY A 51 -7.15 3.97 4.75
N GLU A 52 -6.81 3.63 5.99
CA GLU A 52 -6.16 4.58 6.90
C GLU A 52 -5.40 3.87 8.04
N VAL A 53 -4.21 4.35 8.35
CA VAL A 53 -3.38 3.78 9.42
C VAL A 53 -2.94 4.86 10.43
N ASP A 54 -3.27 4.65 11.70
CA ASP A 54 -2.87 5.58 12.75
C ASP A 54 -1.54 5.14 13.41
N THR A 55 -0.71 6.13 13.74
CA THR A 55 0.61 5.87 14.33
C THR A 55 0.61 6.11 15.85
N THR A 56 -0.46 6.68 16.39
CA THR A 56 -0.53 7.01 17.82
C THR A 56 -1.39 6.01 18.63
N LYS A 57 -1.95 5.01 17.96
CA LYS A 57 -2.71 3.96 18.67
C LYS A 57 -2.51 2.59 18.00
N ALA A 58 -2.32 1.56 18.83
CA ALA A 58 -2.12 0.20 18.35
C ALA A 58 -3.40 -0.41 17.74
N GLY A 59 -3.23 -1.21 16.70
CA GLY A 59 -4.36 -1.84 16.03
C GLY A 59 -4.03 -2.34 14.64
N THR A 60 -4.90 -3.16 14.05
CA THR A 60 -4.69 -3.67 12.70
C THR A 60 -5.54 -2.90 11.67
N TYR A 61 -4.88 -2.35 10.65
CA TYR A 61 -5.55 -1.54 9.62
C TYR A 61 -5.32 -2.15 8.23
N VAL A 62 -6.38 -2.27 7.43
CA VAL A 62 -6.29 -2.84 6.08
C VAL A 62 -6.11 -1.75 5.01
N LEU A 63 -5.16 -1.95 4.10
CA LEU A 63 -4.92 -1.01 2.99
C LEU A 63 -5.10 -1.71 1.63
N THR A 64 -5.93 -1.12 0.77
CA THR A 64 -6.18 -1.66 -0.57
C THR A 64 -5.58 -0.75 -1.65
N TYR A 65 -4.67 -1.28 -2.46
CA TYR A 65 -4.01 -0.51 -3.51
C TYR A 65 -4.56 -0.88 -4.90
N THR A 66 -5.12 0.10 -5.60
CA THR A 66 -5.65 -0.13 -6.96
C THR A 66 -4.98 0.80 -7.98
N VAL A 67 -4.37 0.23 -9.02
CA VAL A 67 -3.65 1.01 -10.03
C VAL A 67 -4.25 0.83 -11.44
N THR A 68 -4.19 1.88 -12.25
CA THR A 68 -4.78 1.88 -13.60
C THR A 68 -3.71 1.88 -14.71
N ASP A 69 -3.89 1.01 -15.70
CA ASP A 69 -2.99 0.92 -16.87
C ASP A 69 -3.21 2.11 -17.82
N SER A 70 -2.18 2.45 -18.60
CA SER A 70 -2.30 3.53 -19.60
C SER A 70 -3.41 3.22 -20.61
N LYS A 71 -3.68 1.94 -20.83
CA LYS A 71 -4.76 1.51 -21.75
C LYS A 71 -6.10 1.34 -21.01
N GLY A 72 -6.07 1.37 -19.68
CA GLY A 72 -7.31 1.24 -18.89
C GLY A 72 -7.41 -0.05 -18.08
N HIS A 73 -6.42 -0.94 -18.18
CA HIS A 73 -6.41 -2.16 -17.35
C HIS A 73 -6.21 -1.83 -15.87
N GLU A 74 -7.27 -1.92 -15.10
CA GLU A 74 -7.21 -1.61 -13.66
C GLU A 74 -7.02 -2.91 -12.84
N VAL A 75 -5.99 -2.93 -11.99
CA VAL A 75 -5.71 -4.08 -11.12
C VAL A 75 -5.58 -3.65 -9.65
N THR A 76 -5.78 -4.58 -8.72
CA THR A 76 -5.79 -4.26 -7.29
C THR A 76 -5.16 -5.35 -6.42
N ALA A 77 -4.58 -4.93 -5.30
CA ALA A 77 -3.99 -5.86 -4.32
C ALA A 77 -4.11 -5.27 -2.91
N LYS A 78 -4.12 -6.12 -1.88
CA LYS A 78 -4.36 -5.66 -0.50
C LYS A 78 -3.19 -5.96 0.46
N GLN A 79 -3.09 -5.16 1.52
CA GLN A 79 -2.07 -5.33 2.56
C GLN A 79 -2.69 -5.15 3.96
N THR A 80 -2.54 -6.15 4.82
CA THR A 80 -3.02 -6.06 6.20
C THR A 80 -1.91 -5.58 7.15
N VAL A 81 -1.99 -4.33 7.58
CA VAL A 81 -0.95 -3.72 8.43
C VAL A 81 -1.32 -3.79 9.92
N THR A 82 -0.34 -4.05 10.78
CA THR A 82 -0.58 -4.16 12.22
C THR A 82 0.38 -3.27 13.04
N VAL A 83 -0.19 -2.39 13.84
CA VAL A 83 0.56 -1.52 14.76
C VAL A 83 0.62 -2.14 16.17
N LYS A 84 1.83 -2.32 16.69
CA LYS A 84 2.03 -2.97 17.99
C LYS A 84 2.35 -1.96 19.10
N VAL A 85 1.97 -2.31 20.32
CA VAL A 85 2.20 -1.46 21.49
C VAL A 85 3.67 -1.44 21.94
N ARG A 86 4.12 -0.30 22.48
CA ARG A 86 5.41 -0.22 23.17
C ARG A 86 5.37 0.77 24.34
N GLU A 87 4.59 1.84 24.22
CA GLU A 87 4.45 2.83 25.30
C GLU A 87 2.99 3.26 25.50
N GLU A 88 2.33 2.68 26.50
CA GLU A 88 0.94 3.04 26.84
C GLU A 88 0.89 4.19 27.86
N VAL A 89 1.99 4.93 27.97
CA VAL A 89 2.09 6.05 28.91
C VAL A 89 1.41 7.33 28.37
N LYS A 90 1.24 8.32 29.25
CA LYS A 90 0.71 9.63 28.84
C LYS A 90 1.58 10.77 29.41
N ASN A 91 2.34 11.43 28.54
CA ASN A 91 3.20 12.55 28.96
C ASN A 91 2.34 13.76 29.35
N ASP A 92 2.46 14.21 30.60
CA ASP A 92 1.68 15.34 31.09
C ASP A 92 2.16 16.66 30.47
N LYS A 93 1.77 16.88 29.21
CA LYS A 93 2.12 18.09 28.47
C LYS A 93 1.37 18.13 27.13
N PRO A 94 0.21 18.80 27.07
CA PRO A 94 -0.59 18.88 25.84
C PRO A 94 0.00 19.86 24.80
N ILE A 95 0.06 19.43 23.54
CA ILE A 95 0.54 20.29 22.46
C ILE A 95 -0.37 21.52 22.31
N LEU A 96 0.16 22.68 22.69
CA LEU A 96 -0.63 23.91 22.72
C LEU A 96 -1.01 24.39 21.31
N GLU A 97 -2.31 24.31 21.00
CA GLU A 97 -2.86 24.82 19.75
C GLU A 97 -2.09 24.32 18.52
CA CA B . -0.45 -1.98 -20.27
N MET A 1 -12.00 -11.01 -41.65
CA MET A 1 -10.91 -10.17 -41.09
C MET A 1 -9.61 -10.99 -40.93
N GLY A 2 -9.66 -12.04 -40.11
CA GLY A 2 -8.53 -12.96 -39.99
C GLY A 2 -7.41 -12.48 -39.07
N ASN A 3 -6.84 -11.32 -39.38
CA ASN A 3 -5.69 -10.79 -38.63
C ASN A 3 -6.06 -10.42 -37.19
N GLY A 4 -5.09 -10.58 -36.27
CA GLY A 4 -5.34 -10.26 -34.86
C GLY A 4 -5.00 -8.81 -34.50
N GLU A 5 -5.38 -8.39 -33.30
CA GLU A 5 -5.12 -7.03 -32.82
C GLU A 5 -4.04 -7.00 -31.72
N THR A 6 -3.67 -5.82 -31.27
CA THR A 6 -2.65 -5.64 -30.22
C THR A 6 -3.24 -5.71 -28.81
N SER A 7 -2.99 -6.80 -28.09
CA SER A 7 -3.47 -6.95 -26.71
C SER A 7 -2.52 -6.29 -25.71
N ASP A 8 -3.06 -5.50 -24.78
CA ASP A 8 -2.26 -4.83 -23.76
C ASP A 8 -1.77 -5.81 -22.68
N LEU A 9 -0.54 -5.62 -22.22
CA LEU A 9 0.00 -6.38 -21.10
C LEU A 9 -0.42 -5.72 -19.78
N GLU A 10 -1.17 -6.43 -18.94
CA GLU A 10 -1.66 -5.86 -17.67
C GLU A 10 -0.50 -5.59 -16.69
N PRO A 11 -0.60 -4.52 -15.89
CA PRO A 11 0.49 -4.09 -15.01
C PRO A 11 0.66 -4.96 -13.77
N LYS A 12 1.91 -5.13 -13.32
CA LYS A 12 2.18 -5.91 -12.12
C LYS A 12 2.12 -4.99 -10.88
N LEU A 13 1.08 -5.16 -10.06
CA LEU A 13 0.93 -4.41 -8.82
C LEU A 13 1.54 -5.18 -7.63
N THR A 14 2.69 -4.72 -7.17
CA THR A 14 3.41 -5.37 -6.06
C THR A 14 2.91 -4.87 -4.70
N VAL A 15 2.21 -5.74 -3.96
CA VAL A 15 1.67 -5.39 -2.64
C VAL A 15 1.87 -6.53 -1.63
N PRO A 16 2.43 -6.24 -0.44
CA PRO A 16 2.61 -7.25 0.61
C PRO A 16 1.29 -7.54 1.36
N VAL A 17 0.96 -8.81 1.54
CA VAL A 17 -0.32 -9.19 2.16
C VAL A 17 -0.41 -8.74 3.63
N GLY A 18 0.72 -8.69 4.32
CA GLY A 18 0.72 -8.33 5.73
C GLY A 18 2.01 -7.65 6.20
N ALA A 19 1.88 -6.68 7.08
CA ALA A 19 3.03 -5.94 7.64
C ALA A 19 2.83 -5.67 9.13
N THR A 20 3.94 -5.45 9.85
CA THR A 20 3.88 -5.15 11.30
C THR A 20 4.80 -3.99 11.68
N ILE A 21 4.24 -3.02 12.40
CA ILE A 21 5.01 -1.86 12.89
C ILE A 21 4.72 -1.60 14.38
N HIS A 22 5.39 -0.60 14.95
CA HIS A 22 5.17 -0.25 16.36
C HIS A 22 4.74 1.22 16.53
N VAL A 23 4.09 1.51 17.65
CA VAL A 23 3.67 2.87 18.00
C VAL A 23 4.88 3.80 18.14
N GLY A 24 4.84 4.95 17.46
CA GLY A 24 5.95 5.90 17.49
C GLY A 24 6.86 5.79 16.28
N ASP A 25 6.77 4.68 15.55
CA ASP A 25 7.58 4.45 14.36
C ASP A 25 7.03 5.20 13.12
N SER A 26 7.75 5.09 12.01
CA SER A 26 7.32 5.69 10.73
C SER A 26 6.77 4.61 9.78
N PHE A 27 5.77 4.96 8.99
CA PHE A 27 5.19 4.01 8.04
C PHE A 27 4.66 4.72 6.78
N VAL A 28 5.30 4.46 5.64
CA VAL A 28 4.87 5.03 4.36
C VAL A 28 4.33 3.91 3.44
N PRO A 29 3.00 3.78 3.31
CA PRO A 29 2.37 2.71 2.50
C PRO A 29 2.83 2.69 1.03
N MET A 30 2.94 3.87 0.40
CA MET A 30 3.29 3.93 -1.03
C MET A 30 4.79 3.76 -1.28
N ALA A 31 5.61 3.82 -0.23
CA ALA A 31 7.06 3.66 -0.39
C ALA A 31 7.44 2.17 -0.54
N GLU A 32 6.53 1.29 -0.12
CA GLU A 32 6.78 -0.15 -0.17
C GLU A 32 5.83 -0.87 -1.16
N VAL A 33 5.09 -0.09 -1.95
CA VAL A 33 4.18 -0.65 -2.95
C VAL A 33 4.52 -0.10 -4.35
N LEU A 34 4.75 -1.02 -5.30
CA LEU A 34 5.15 -0.65 -6.66
C LEU A 34 4.13 -1.14 -7.70
N ALA A 35 4.12 -0.50 -8.86
CA ALA A 35 3.26 -0.91 -9.97
C ALA A 35 3.93 -0.58 -11.32
N ILE A 36 4.11 -1.59 -12.17
CA ILE A 36 4.84 -1.42 -13.44
C ILE A 36 4.08 -2.01 -14.64
N ASP A 37 3.96 -1.22 -15.70
CA ASP A 37 3.49 -1.71 -17.01
C ASP A 37 4.62 -1.59 -18.04
N LYS A 38 4.86 -2.68 -18.77
CA LYS A 38 5.94 -2.70 -19.77
C LYS A 38 5.73 -1.65 -20.86
N GLU A 39 4.46 -1.39 -21.19
CA GLU A 39 4.10 -0.46 -22.26
C GLU A 39 4.09 1.01 -21.80
N ASP A 40 3.35 1.32 -20.73
CA ASP A 40 3.24 2.70 -20.22
C ASP A 40 4.50 3.09 -19.41
N GLY A 41 4.97 2.18 -18.56
CA GLY A 41 6.13 2.45 -17.72
C GLY A 41 5.82 2.32 -16.23
N ASP A 42 6.38 3.23 -15.43
CA ASP A 42 6.15 3.23 -13.98
C ASP A 42 4.72 3.67 -13.65
N LEU A 43 3.91 2.74 -13.15
CA LEU A 43 2.55 3.06 -12.71
C LEU A 43 2.47 3.21 -11.18
N THR A 44 3.63 3.23 -10.52
CA THR A 44 3.70 3.37 -9.06
C THR A 44 3.05 4.70 -8.61
N SER A 45 3.24 5.75 -9.40
CA SER A 45 2.62 7.05 -9.12
C SER A 45 1.16 7.12 -9.60
N LYS A 46 0.66 6.00 -10.12
CA LYS A 46 -0.74 5.91 -10.62
C LYS A 46 -1.63 5.15 -9.62
N ILE A 47 -1.06 4.78 -8.47
CA ILE A 47 -1.76 3.94 -7.48
C ILE A 47 -2.65 4.78 -6.55
N LYS A 48 -3.97 4.53 -6.61
CA LYS A 48 -4.90 5.14 -5.65
C LYS A 48 -4.98 4.29 -4.37
N VAL A 49 -4.69 4.91 -3.23
CA VAL A 49 -4.67 4.21 -1.94
C VAL A 49 -5.97 4.44 -1.15
N ASP A 50 -6.43 3.39 -0.48
CA ASP A 50 -7.61 3.45 0.40
C ASP A 50 -7.28 2.82 1.76
N GLY A 51 -7.96 3.27 2.81
CA GLY A 51 -7.64 2.82 4.16
C GLY A 51 -6.66 3.76 4.87
N GLU A 52 -6.50 3.60 6.18
CA GLU A 52 -5.63 4.48 6.96
C GLU A 52 -4.93 3.74 8.10
N VAL A 53 -3.67 4.11 8.36
CA VAL A 53 -2.88 3.52 9.46
C VAL A 53 -2.42 4.60 10.43
N ASP A 54 -2.60 4.37 11.73
CA ASP A 54 -2.12 5.29 12.77
C ASP A 54 -0.77 4.81 13.35
N THR A 55 0.14 5.76 13.56
CA THR A 55 1.45 5.46 14.17
C THR A 55 1.42 5.68 15.68
N THR A 56 0.52 6.55 16.14
CA THR A 56 0.38 6.87 17.57
C THR A 56 -0.65 5.94 18.26
N LYS A 57 -1.35 5.14 17.46
CA LYS A 57 -2.40 4.26 17.98
C LYS A 57 -2.22 2.81 17.48
N ALA A 58 -2.17 1.86 18.41
CA ALA A 58 -2.03 0.44 18.06
C ALA A 58 -3.35 -0.14 17.51
N GLY A 59 -3.23 -1.05 16.54
CA GLY A 59 -4.42 -1.65 15.94
C GLY A 59 -4.15 -2.25 14.55
N THR A 60 -5.07 -3.08 14.09
CA THR A 60 -4.95 -3.71 12.76
C THR A 60 -5.74 -2.92 11.70
N TYR A 61 -5.08 -2.58 10.60
CA TYR A 61 -5.70 -1.82 9.50
C TYR A 61 -5.53 -2.54 8.15
N VAL A 62 -6.51 -2.34 7.26
CA VAL A 62 -6.47 -2.93 5.91
C VAL A 62 -6.41 -1.85 4.82
N LEU A 63 -5.30 -1.81 4.11
CA LEU A 63 -5.09 -0.83 3.03
C LEU A 63 -5.43 -1.44 1.65
N THR A 64 -6.01 -0.63 0.78
CA THR A 64 -6.35 -1.08 -0.58
C THR A 64 -5.61 -0.24 -1.64
N TYR A 65 -5.06 -0.91 -2.65
CA TYR A 65 -4.32 -0.23 -3.73
C TYR A 65 -4.98 -0.51 -5.09
N THR A 66 -5.15 0.53 -5.90
CA THR A 66 -5.78 0.40 -7.22
C THR A 66 -4.98 1.15 -8.29
N VAL A 67 -4.61 0.46 -9.37
CA VAL A 67 -3.82 1.08 -10.45
C VAL A 67 -4.42 0.76 -11.83
N THR A 68 -4.50 1.78 -12.70
CA THR A 68 -5.06 1.60 -14.05
C THR A 68 -3.98 1.65 -15.14
N ASP A 69 -4.00 0.68 -16.04
CA ASP A 69 -3.06 0.60 -17.16
C ASP A 69 -3.37 1.66 -18.24
N SER A 70 -2.44 1.88 -19.15
CA SER A 70 -2.62 2.85 -20.23
C SER A 70 -3.77 2.44 -21.17
N LYS A 71 -3.89 1.15 -21.47
CA LYS A 71 -4.92 0.67 -22.40
C LYS A 71 -6.07 -0.09 -21.70
N GLY A 72 -6.31 0.19 -20.42
CA GLY A 72 -7.57 -0.26 -19.78
C GLY A 72 -7.45 -1.37 -18.73
N HIS A 73 -6.27 -1.95 -18.53
CA HIS A 73 -6.11 -3.01 -17.52
C HIS A 73 -5.95 -2.43 -16.10
N GLU A 74 -7.00 -2.52 -15.30
CA GLU A 74 -7.01 -1.97 -13.94
C GLU A 74 -6.85 -3.07 -12.87
N VAL A 75 -5.73 -3.04 -12.14
CA VAL A 75 -5.41 -4.07 -11.13
C VAL A 75 -5.55 -3.52 -9.70
N THR A 76 -5.90 -4.40 -8.76
CA THR A 76 -6.09 -3.99 -7.35
C THR A 76 -5.61 -5.06 -6.35
N ALA A 77 -5.04 -4.62 -5.23
CA ALA A 77 -4.56 -5.52 -4.17
C ALA A 77 -4.69 -4.88 -2.79
N LYS A 78 -4.66 -5.68 -1.71
CA LYS A 78 -4.82 -5.18 -0.34
C LYS A 78 -3.68 -5.62 0.59
N GLN A 79 -3.43 -4.81 1.62
CA GLN A 79 -2.37 -5.07 2.62
C GLN A 79 -2.91 -4.94 4.05
N THR A 80 -2.68 -5.95 4.88
CA THR A 80 -3.09 -5.90 6.30
C THR A 80 -1.92 -5.48 7.20
N VAL A 81 -1.98 -4.26 7.74
CA VAL A 81 -0.93 -3.73 8.61
C VAL A 81 -1.31 -3.83 10.10
N THR A 82 -0.42 -4.40 10.91
CA THR A 82 -0.66 -4.54 12.36
C THR A 82 0.25 -3.58 13.15
N VAL A 83 -0.36 -2.60 13.82
CA VAL A 83 0.40 -1.67 14.68
C VAL A 83 0.43 -2.18 16.13
N LYS A 84 1.63 -2.44 16.65
CA LYS A 84 1.79 -2.99 18.01
C LYS A 84 2.46 -1.97 18.96
N VAL A 85 2.27 -2.16 20.26
CA VAL A 85 2.68 -1.16 21.26
C VAL A 85 4.16 -1.29 21.68
N ARG A 86 4.76 -0.15 22.03
CA ARG A 86 6.12 -0.10 22.60
C ARG A 86 6.10 -0.44 24.10
N GLU A 87 7.19 -1.01 24.60
CA GLU A 87 7.33 -1.30 26.03
C GLU A 87 8.22 -0.25 26.72
N GLU A 88 8.18 0.98 26.19
CA GLU A 88 9.07 2.05 26.66
C GLU A 88 8.26 3.25 27.22
N VAL A 89 7.00 3.00 27.55
CA VAL A 89 6.07 4.07 27.92
C VAL A 89 6.13 4.42 29.43
N LYS A 90 6.44 5.69 29.71
CA LYS A 90 6.49 6.20 31.10
C LYS A 90 5.91 7.63 31.19
N ASN A 91 6.66 8.59 30.66
CA ASN A 91 6.25 10.01 30.68
C ASN A 91 6.44 10.63 29.28
N ASP A 92 5.77 10.05 28.31
CA ASP A 92 5.97 10.39 26.89
C ASP A 92 5.22 11.68 26.50
N LYS A 93 5.75 12.81 26.97
CA LYS A 93 5.23 14.15 26.65
C LYS A 93 3.69 14.28 26.75
N PRO A 94 3.17 14.54 27.97
CA PRO A 94 1.75 14.85 28.17
C PRO A 94 1.39 16.28 27.69
N ILE A 95 1.76 16.58 26.44
CA ILE A 95 1.61 17.93 25.89
C ILE A 95 0.34 18.06 25.03
N LEU A 96 0.00 19.30 24.67
CA LEU A 96 -1.18 19.56 23.82
C LEU A 96 -0.98 20.77 22.89
N GLU A 97 -0.05 21.65 23.24
CA GLU A 97 0.17 22.89 22.46
C GLU A 97 1.02 22.61 21.21
CA CA B . -0.20 -2.30 -20.32
N MET A 1 7.61 -5.17 -40.22
CA MET A 1 7.65 -4.70 -38.80
C MET A 1 6.44 -3.81 -38.49
N GLY A 2 5.43 -4.39 -37.83
CA GLY A 2 4.23 -3.64 -37.47
C GLY A 2 3.39 -4.34 -36.42
N ASN A 3 2.09 -4.03 -36.38
CA ASN A 3 1.18 -4.61 -35.39
C ASN A 3 0.07 -5.46 -36.04
N GLY A 4 -0.92 -5.83 -35.24
CA GLY A 4 -2.00 -6.70 -35.69
C GLY A 4 -2.54 -7.58 -34.57
N GLU A 5 -3.63 -7.14 -33.94
CA GLU A 5 -4.19 -7.82 -32.76
C GLU A 5 -3.21 -7.77 -31.58
N THR A 6 -3.26 -6.68 -30.81
CA THR A 6 -2.38 -6.50 -29.66
C THR A 6 -3.18 -6.36 -28.36
N SER A 7 -3.39 -7.47 -27.67
CA SER A 7 -4.14 -7.47 -26.40
C SER A 7 -3.34 -6.78 -25.27
N ASP A 8 -4.02 -6.03 -24.42
CA ASP A 8 -3.36 -5.32 -23.34
C ASP A 8 -2.92 -6.27 -22.21
N LEU A 9 -1.62 -6.25 -21.93
CA LEU A 9 -1.08 -7.00 -20.81
C LEU A 9 -1.31 -6.20 -19.50
N GLU A 10 -2.08 -6.77 -18.60
CA GLU A 10 -2.38 -6.13 -17.31
C GLU A 10 -1.09 -5.88 -16.50
N PRO A 11 -1.03 -4.74 -15.78
CA PRO A 11 0.22 -4.28 -15.14
C PRO A 11 0.58 -5.05 -13.87
N LYS A 12 1.88 -5.06 -13.55
CA LYS A 12 2.38 -5.69 -12.33
C LYS A 12 2.30 -4.73 -11.13
N LEU A 13 1.30 -4.91 -10.27
CA LEU A 13 1.15 -4.08 -9.06
C LEU A 13 1.83 -4.77 -7.86
N THR A 14 2.98 -4.24 -7.45
CA THR A 14 3.76 -4.81 -6.34
C THR A 14 3.33 -4.22 -5.00
N VAL A 15 2.70 -5.03 -4.16
CA VAL A 15 2.26 -4.62 -2.82
C VAL A 15 2.54 -5.71 -1.79
N PRO A 16 3.09 -5.36 -0.60
CA PRO A 16 3.30 -6.32 0.48
C PRO A 16 1.99 -6.66 1.21
N VAL A 17 1.61 -7.93 1.21
CA VAL A 17 0.33 -8.36 1.78
C VAL A 17 0.26 -8.18 3.30
N GLY A 18 1.42 -8.13 3.97
CA GLY A 18 1.45 -8.01 5.43
C GLY A 18 2.59 -7.13 5.96
N ALA A 19 2.33 -6.46 7.08
CA ALA A 19 3.31 -5.60 7.74
C ALA A 19 2.95 -5.43 9.23
N THR A 20 3.95 -5.20 10.08
CA THR A 20 3.71 -5.02 11.52
C THR A 20 4.58 -3.89 12.12
N ILE A 21 3.95 -2.92 12.77
CA ILE A 21 4.67 -1.79 13.38
C ILE A 21 4.26 -1.59 14.85
N HIS A 22 4.96 -0.70 15.55
CA HIS A 22 4.65 -0.37 16.94
C HIS A 22 4.09 1.05 17.08
N VAL A 23 3.50 1.35 18.24
CA VAL A 23 3.05 2.70 18.55
C VAL A 23 4.25 3.66 18.63
N GLY A 24 4.18 4.76 17.87
CA GLY A 24 5.29 5.71 17.79
C GLY A 24 6.29 5.38 16.69
N ASP A 25 6.03 4.31 15.94
CA ASP A 25 6.90 3.87 14.85
C ASP A 25 6.57 4.64 13.55
N SER A 26 7.32 4.38 12.49
CA SER A 26 7.11 5.05 11.19
C SER A 26 6.65 4.05 10.13
N PHE A 27 5.86 4.53 9.17
CA PHE A 27 5.35 3.69 8.08
C PHE A 27 5.11 4.53 6.81
N VAL A 28 5.61 4.05 5.67
CA VAL A 28 5.46 4.77 4.39
C VAL A 28 4.76 3.87 3.35
N PRO A 29 3.45 4.13 3.08
CA PRO A 29 2.64 3.29 2.18
C PRO A 29 3.18 3.24 0.73
N MET A 30 3.51 4.39 0.15
CA MET A 30 3.91 4.46 -1.26
C MET A 30 5.37 4.00 -1.50
N ALA A 31 6.14 3.86 -0.43
CA ALA A 31 7.53 3.37 -0.55
C ALA A 31 7.57 1.85 -0.77
N GLU A 32 6.58 1.15 -0.24
CA GLU A 32 6.53 -0.31 -0.34
C GLU A 32 5.62 -0.79 -1.49
N VAL A 33 5.06 0.16 -2.24
CA VAL A 33 4.12 -0.16 -3.33
C VAL A 33 4.62 0.35 -4.69
N LEU A 34 4.71 -0.56 -5.66
CA LEU A 34 5.14 -0.22 -7.03
C LEU A 34 4.13 -0.72 -8.06
N ALA A 35 4.23 -0.21 -9.29
CA ALA A 35 3.38 -0.67 -10.40
C ALA A 35 4.06 -0.46 -11.76
N ILE A 36 4.23 -1.54 -12.51
CA ILE A 36 4.93 -1.50 -13.80
C ILE A 36 4.14 -2.19 -14.92
N ASP A 37 4.02 -1.51 -16.07
CA ASP A 37 3.39 -2.09 -17.25
C ASP A 37 4.41 -2.29 -18.38
N LYS A 38 4.18 -3.29 -19.23
CA LYS A 38 5.11 -3.59 -20.31
C LYS A 38 5.09 -2.53 -21.42
N GLU A 39 3.90 -2.00 -21.74
CA GLU A 39 3.79 -0.99 -22.80
C GLU A 39 4.14 0.42 -22.29
N ASP A 40 3.47 0.86 -21.23
CA ASP A 40 3.63 2.23 -20.72
C ASP A 40 4.90 2.40 -19.87
N GLY A 41 5.19 1.42 -19.01
CA GLY A 41 6.36 1.52 -18.13
C GLY A 41 6.00 1.73 -16.67
N ASP A 42 6.22 2.94 -16.15
CA ASP A 42 5.89 3.26 -14.76
C ASP A 42 4.41 3.60 -14.59
N LEU A 43 3.70 2.77 -13.83
CA LEU A 43 2.33 3.09 -13.43
C LEU A 43 2.26 3.35 -11.92
N THR A 44 3.42 3.27 -11.25
CA THR A 44 3.53 3.55 -9.81
C THR A 44 3.00 4.95 -9.48
N SER A 45 3.27 5.90 -10.37
CA SER A 45 2.81 7.29 -10.19
C SER A 45 1.30 7.44 -10.40
N LYS A 46 0.65 6.38 -10.91
CA LYS A 46 -0.81 6.39 -11.13
C LYS A 46 -1.58 5.63 -10.01
N ILE A 47 -0.85 5.11 -9.03
CA ILE A 47 -1.47 4.33 -7.94
C ILE A 47 -2.27 5.22 -6.97
N LYS A 48 -3.47 4.77 -6.61
CA LYS A 48 -4.28 5.45 -5.58
C LYS A 48 -4.21 4.69 -4.24
N VAL A 49 -4.06 5.43 -3.14
CA VAL A 49 -4.05 4.85 -1.80
C VAL A 49 -5.44 4.93 -1.16
N ASP A 50 -5.82 3.89 -0.43
CA ASP A 50 -7.11 3.86 0.28
C ASP A 50 -6.95 3.29 1.70
N GLY A 51 -7.63 3.92 2.67
CA GLY A 51 -7.53 3.49 4.07
C GLY A 51 -6.67 4.40 4.93
N GLU A 52 -6.42 4.00 6.17
CA GLU A 52 -5.60 4.78 7.10
C GLU A 52 -5.02 3.88 8.22
N VAL A 53 -3.77 4.15 8.61
CA VAL A 53 -3.11 3.38 9.66
C VAL A 53 -2.63 4.27 10.80
N ASP A 54 -3.09 3.99 12.01
CA ASP A 54 -2.72 4.79 13.19
C ASP A 54 -1.40 4.32 13.80
N THR A 55 -0.54 5.27 14.14
CA THR A 55 0.70 4.99 14.88
C THR A 55 0.53 5.33 16.37
N THR A 56 -0.63 5.89 16.70
CA THR A 56 -0.95 6.28 18.08
C THR A 56 -1.75 5.20 18.82
N LYS A 57 -2.52 4.40 18.09
CA LYS A 57 -3.34 3.33 18.67
C LYS A 57 -2.97 1.95 18.10
N ALA A 58 -2.95 0.93 18.94
CA ALA A 58 -2.60 -0.43 18.51
C ALA A 58 -3.78 -1.15 17.84
N GLY A 59 -3.56 -1.66 16.64
CA GLY A 59 -4.60 -2.38 15.91
C GLY A 59 -4.21 -2.68 14.46
N THR A 60 -4.87 -3.67 13.86
CA THR A 60 -4.60 -4.02 12.46
C THR A 60 -5.46 -3.20 11.49
N TYR A 61 -4.82 -2.55 10.54
CA TYR A 61 -5.50 -1.78 9.50
C TYR A 61 -5.05 -2.24 8.10
N VAL A 62 -6.01 -2.42 7.18
CA VAL A 62 -5.71 -2.93 5.84
C VAL A 62 -5.83 -1.84 4.76
N LEU A 63 -4.70 -1.49 4.15
CA LEU A 63 -4.66 -0.45 3.10
C LEU A 63 -4.89 -1.06 1.72
N THR A 64 -5.64 -0.35 0.87
CA THR A 64 -5.91 -0.80 -0.51
C THR A 64 -5.21 0.08 -1.53
N TYR A 65 -4.54 -0.54 -2.50
CA TYR A 65 -3.85 0.18 -3.58
C TYR A 65 -4.39 -0.27 -4.95
N THR A 66 -4.73 0.69 -5.80
CA THR A 66 -5.31 0.36 -7.11
C THR A 66 -4.73 1.24 -8.23
N VAL A 67 -4.40 0.61 -9.36
CA VAL A 67 -3.82 1.33 -10.50
C VAL A 67 -4.46 0.88 -11.83
N THR A 68 -4.58 1.80 -12.79
CA THR A 68 -5.14 1.50 -14.10
C THR A 68 -4.03 1.41 -15.17
N ASP A 69 -4.16 0.45 -16.08
CA ASP A 69 -3.19 0.28 -17.17
C ASP A 69 -3.34 1.38 -18.24
N SER A 70 -2.38 1.46 -19.15
CA SER A 70 -2.44 2.40 -20.26
C SER A 70 -3.62 2.10 -21.20
N LYS A 71 -3.89 0.80 -21.41
CA LYS A 71 -5.01 0.37 -22.28
C LYS A 71 -6.26 -0.01 -21.45
N GLY A 72 -6.25 0.23 -20.14
CA GLY A 72 -7.47 0.16 -19.35
C GLY A 72 -7.58 -0.98 -18.33
N HIS A 73 -6.63 -1.92 -18.29
CA HIS A 73 -6.67 -2.98 -17.27
C HIS A 73 -6.39 -2.42 -15.86
N GLU A 74 -7.41 -2.38 -15.02
CA GLU A 74 -7.28 -1.88 -13.64
C GLU A 74 -7.08 -3.03 -12.64
N VAL A 75 -5.99 -2.97 -11.88
CA VAL A 75 -5.67 -4.03 -10.89
C VAL A 75 -5.53 -3.45 -9.47
N THR A 76 -5.77 -4.28 -8.46
CA THR A 76 -5.73 -3.83 -7.06
C THR A 76 -5.04 -4.85 -6.13
N ALA A 77 -4.38 -4.32 -5.09
CA ALA A 77 -3.70 -5.16 -4.09
C ALA A 77 -3.72 -4.47 -2.72
N LYS A 78 -3.73 -5.26 -1.64
CA LYS A 78 -3.88 -4.71 -0.29
C LYS A 78 -2.69 -5.03 0.61
N GLN A 79 -2.55 -4.24 1.69
CA GLN A 79 -1.45 -4.39 2.65
C GLN A 79 -1.99 -4.42 4.10
N THR A 80 -1.75 -5.52 4.80
CA THR A 80 -2.25 -5.69 6.18
C THR A 80 -1.24 -5.17 7.20
N VAL A 81 -1.50 -4.01 7.77
CA VAL A 81 -0.58 -3.39 8.74
C VAL A 81 -1.06 -3.57 10.18
N THR A 82 -0.30 -4.33 10.98
CA THR A 82 -0.65 -4.59 12.38
C THR A 82 0.16 -3.71 13.33
N VAL A 83 -0.51 -2.78 14.00
CA VAL A 83 0.13 -1.90 14.98
C VAL A 83 0.01 -2.50 16.40
N LYS A 84 1.12 -2.51 17.14
CA LYS A 84 1.14 -3.09 18.49
C LYS A 84 1.83 -2.15 19.50
N VAL A 85 1.44 -2.24 20.77
CA VAL A 85 1.93 -1.33 21.82
C VAL A 85 3.37 -1.67 22.25
N ARG A 86 4.11 -0.65 22.67
CA ARG A 86 5.47 -0.83 23.18
C ARG A 86 5.47 -1.29 24.65
N GLU A 87 4.58 -0.70 25.46
CA GLU A 87 4.45 -1.06 26.87
C GLU A 87 3.21 -1.94 27.10
N GLU A 88 3.41 -3.18 27.55
CA GLU A 88 2.31 -4.12 27.74
C GLU A 88 1.46 -3.77 28.98
N VAL A 89 0.51 -2.86 28.80
CA VAL A 89 -0.38 -2.46 29.90
C VAL A 89 -1.35 -3.59 30.27
N LYS A 90 -1.02 -4.31 31.33
CA LYS A 90 -1.87 -5.42 31.83
C LYS A 90 -2.56 -5.05 33.15
N ASN A 91 -2.55 -3.75 33.46
CA ASN A 91 -3.05 -3.24 34.75
C ASN A 91 -4.59 -3.13 34.78
N ASP A 92 -5.25 -3.58 33.71
CA ASP A 92 -6.72 -3.60 33.62
C ASP A 92 -7.35 -2.19 33.46
N LYS A 93 -6.54 -1.13 33.62
CA LYS A 93 -7.03 0.24 33.39
C LYS A 93 -7.51 0.43 31.94
N PRO A 94 -8.80 0.79 31.74
CA PRO A 94 -9.38 0.94 30.39
C PRO A 94 -8.61 1.94 29.52
N ILE A 95 -8.55 1.66 28.21
CA ILE A 95 -7.81 2.50 27.27
C ILE A 95 -8.66 3.66 26.72
N LEU A 96 -8.00 4.64 26.11
CA LEU A 96 -8.67 5.78 25.46
C LEU A 96 -9.34 6.74 26.47
N GLU A 97 -9.23 6.44 27.76
CA GLU A 97 -9.81 7.31 28.80
C GLU A 97 -8.72 7.88 29.71
CA CA B . -0.53 -2.83 -20.31
N MET A 1 0.55 0.43 -36.82
CA MET A 1 -0.57 -0.39 -37.34
C MET A 1 -0.15 -1.14 -38.62
N GLY A 2 -0.62 -2.38 -38.75
CA GLY A 2 -0.12 -3.28 -39.79
C GLY A 2 0.49 -4.53 -39.17
N ASN A 3 1.41 -4.30 -38.23
CA ASN A 3 1.92 -5.38 -37.36
C ASN A 3 1.42 -5.15 -35.93
N GLY A 4 0.36 -5.86 -35.55
CA GLY A 4 -0.22 -5.69 -34.22
C GLY A 4 -0.21 -6.98 -33.40
N GLU A 5 -1.37 -7.33 -32.83
CA GLU A 5 -1.53 -8.53 -31.99
C GLU A 5 -0.69 -8.43 -30.70
N THR A 6 -0.27 -7.21 -30.35
CA THR A 6 0.44 -6.97 -29.09
C THR A 6 -0.57 -6.83 -27.95
N SER A 7 -0.86 -7.96 -27.28
CA SER A 7 -1.88 -8.04 -26.23
C SER A 7 -1.65 -7.01 -25.11
N ASP A 8 -2.72 -6.33 -24.71
CA ASP A 8 -2.65 -5.34 -23.63
C ASP A 8 -2.55 -6.04 -22.26
N LEU A 9 -1.50 -5.72 -21.53
CA LEU A 9 -1.26 -6.29 -20.21
C LEU A 9 -1.80 -5.39 -19.09
N GLU A 10 -2.42 -6.01 -18.09
CA GLU A 10 -2.80 -5.28 -16.88
C GLU A 10 -1.57 -5.09 -15.95
N PRO A 11 -1.47 -3.93 -15.29
CA PRO A 11 -0.25 -3.55 -14.53
C PRO A 11 0.12 -4.53 -13.40
N LYS A 12 1.43 -4.70 -13.20
CA LYS A 12 1.95 -5.46 -12.06
C LYS A 12 2.00 -4.55 -10.82
N LEU A 13 0.98 -4.67 -9.99
CA LEU A 13 0.90 -3.88 -8.75
C LEU A 13 1.56 -4.64 -7.59
N THR A 14 2.74 -4.20 -7.19
CA THR A 14 3.49 -4.84 -6.11
C THR A 14 3.10 -4.27 -4.74
N VAL A 15 2.40 -5.08 -3.95
CA VAL A 15 1.97 -4.70 -2.61
C VAL A 15 2.36 -5.77 -1.58
N PRO A 16 2.97 -5.38 -0.44
CA PRO A 16 3.31 -6.35 0.61
C PRO A 16 2.05 -6.89 1.31
N VAL A 17 1.90 -8.21 1.33
CA VAL A 17 0.68 -8.84 1.85
C VAL A 17 0.48 -8.57 3.36
N GLY A 18 1.59 -8.39 4.08
CA GLY A 18 1.51 -8.14 5.51
C GLY A 18 2.67 -7.31 6.04
N ALA A 19 2.37 -6.44 7.01
CA ALA A 19 3.40 -5.58 7.62
C ALA A 19 3.07 -5.28 9.08
N THR A 20 4.09 -5.20 9.93
CA THR A 20 3.90 -4.94 11.37
C THR A 20 4.80 -3.81 11.86
N ILE A 21 4.21 -2.85 12.57
CA ILE A 21 4.95 -1.70 13.13
C ILE A 21 4.57 -1.46 14.60
N HIS A 22 5.22 -0.50 15.24
CA HIS A 22 4.92 -0.17 16.64
C HIS A 22 4.43 1.27 16.80
N VAL A 23 3.74 1.53 17.91
CA VAL A 23 3.29 2.89 18.24
C VAL A 23 4.46 3.86 18.38
N GLY A 24 4.57 4.80 17.45
CA GLY A 24 5.71 5.72 17.41
C GLY A 24 6.59 5.54 16.18
N ASP A 25 6.43 4.40 15.49
CA ASP A 25 7.20 4.12 14.25
C ASP A 25 6.67 4.95 13.07
N SER A 26 7.17 4.66 11.86
CA SER A 26 6.75 5.36 10.63
C SER A 26 6.35 4.38 9.53
N PHE A 27 5.51 4.82 8.60
CA PHE A 27 5.04 3.95 7.50
C PHE A 27 4.52 4.78 6.31
N VAL A 28 5.12 4.59 5.15
CA VAL A 28 4.69 5.27 3.92
C VAL A 28 4.15 4.27 2.88
N PRO A 29 2.82 4.27 2.63
CA PRO A 29 2.18 3.33 1.70
C PRO A 29 2.76 3.38 0.27
N MET A 30 3.11 4.57 -0.20
CA MET A 30 3.61 4.74 -1.58
C MET A 30 5.09 4.35 -1.72
N ALA A 31 5.76 4.15 -0.59
CA ALA A 31 7.17 3.70 -0.61
C ALA A 31 7.24 2.16 -0.59
N GLU A 32 6.28 1.53 0.07
CA GLU A 32 6.24 0.07 0.17
C GLU A 32 5.55 -0.57 -1.06
N VAL A 33 4.79 0.24 -1.81
CA VAL A 33 4.01 -0.25 -2.96
C VAL A 33 4.46 0.35 -4.30
N LEU A 34 4.66 -0.53 -5.30
CA LEU A 34 5.04 -0.10 -6.66
C LEU A 34 4.05 -0.64 -7.71
N ALA A 35 4.13 -0.12 -8.93
CA ALA A 35 3.30 -0.62 -10.04
C ALA A 35 4.01 -0.46 -11.39
N ILE A 36 4.19 -1.58 -12.11
CA ILE A 36 4.90 -1.58 -13.39
C ILE A 36 4.12 -2.37 -14.47
N ASP A 37 3.95 -1.80 -15.66
CA ASP A 37 3.38 -2.53 -16.80
C ASP A 37 4.46 -2.76 -17.86
N LYS A 38 4.61 -4.00 -18.31
CA LYS A 38 5.69 -4.40 -19.22
C LYS A 38 5.68 -3.61 -20.54
N GLU A 39 4.50 -3.14 -20.94
CA GLU A 39 4.34 -2.38 -22.19
C GLU A 39 4.68 -0.88 -22.00
N ASP A 40 4.19 -0.31 -20.90
CA ASP A 40 4.26 1.15 -20.68
C ASP A 40 5.49 1.53 -19.82
N GLY A 41 5.67 0.82 -18.71
CA GLY A 41 6.74 1.14 -17.77
C GLY A 41 6.22 1.38 -16.36
N ASP A 42 6.76 2.41 -15.70
CA ASP A 42 6.34 2.75 -14.35
C ASP A 42 4.93 3.35 -14.32
N LEU A 43 4.02 2.67 -13.65
CA LEU A 43 2.66 3.18 -13.43
C LEU A 43 2.40 3.41 -11.93
N THR A 44 3.48 3.50 -11.15
CA THR A 44 3.38 3.69 -9.70
C THR A 44 2.67 5.00 -9.33
N SER A 45 2.75 5.99 -10.22
CA SER A 45 2.08 7.29 -10.01
C SER A 45 0.58 7.20 -10.32
N LYS A 46 0.17 6.12 -10.99
CA LYS A 46 -1.24 5.91 -11.35
C LYS A 46 -2.00 5.14 -10.25
N ILE A 47 -1.34 4.93 -9.11
CA ILE A 47 -1.91 4.17 -8.00
C ILE A 47 -2.80 5.05 -7.09
N LYS A 48 -3.93 4.50 -6.68
CA LYS A 48 -4.79 5.13 -5.66
C LYS A 48 -4.56 4.45 -4.30
N VAL A 49 -4.54 5.23 -3.22
CA VAL A 49 -4.32 4.70 -1.87
C VAL A 49 -5.58 4.80 -1.00
N ASP A 50 -6.16 3.66 -0.66
CA ASP A 50 -7.34 3.59 0.21
C ASP A 50 -6.97 3.07 1.61
N GLY A 51 -7.53 3.70 2.64
CA GLY A 51 -7.30 3.27 4.02
C GLY A 51 -6.30 4.14 4.76
N GLU A 52 -6.00 3.77 6.01
CA GLU A 52 -5.04 4.50 6.84
C GLU A 52 -4.56 3.65 8.02
N VAL A 53 -3.29 3.82 8.41
CA VAL A 53 -2.71 3.13 9.56
C VAL A 53 -2.28 4.12 10.65
N ASP A 54 -2.84 4.01 11.85
CA ASP A 54 -2.46 4.88 12.95
C ASP A 54 -1.13 4.44 13.58
N THR A 55 -0.26 5.40 13.85
CA THR A 55 1.00 5.13 14.58
C THR A 55 0.85 5.47 16.07
N THR A 56 -0.33 5.95 16.45
CA THR A 56 -0.63 6.27 17.86
C THR A 56 -1.56 5.23 18.50
N LYS A 57 -2.17 4.37 17.67
CA LYS A 57 -3.11 3.36 18.17
C LYS A 57 -2.78 1.96 17.63
N ALA A 58 -2.66 1.01 18.54
CA ALA A 58 -2.39 -0.39 18.17
C ALA A 58 -3.61 -1.06 17.52
N GLY A 59 -3.37 -1.93 16.55
CA GLY A 59 -4.46 -2.62 15.87
C GLY A 59 -4.10 -3.04 14.45
N THR A 60 -4.98 -3.82 13.82
CA THR A 60 -4.75 -4.26 12.44
C THR A 60 -5.55 -3.42 11.43
N TYR A 61 -4.85 -2.80 10.49
CA TYR A 61 -5.46 -1.93 9.49
C TYR A 61 -5.22 -2.48 8.08
N VAL A 62 -6.26 -2.51 7.25
CA VAL A 62 -6.16 -3.03 5.88
C VAL A 62 -6.03 -1.91 4.84
N LEU A 63 -4.88 -1.83 4.18
CA LEU A 63 -4.65 -0.83 3.14
C LEU A 63 -4.95 -1.38 1.74
N THR A 64 -5.72 -0.65 0.96
CA THR A 64 -6.11 -1.09 -0.39
C THR A 64 -5.48 -0.18 -1.47
N TYR A 65 -4.88 -0.80 -2.49
CA TYR A 65 -4.24 -0.05 -3.58
C TYR A 65 -4.81 -0.45 -4.94
N THR A 66 -5.00 0.52 -5.83
CA THR A 66 -5.55 0.25 -7.17
C THR A 66 -4.84 1.09 -8.24
N VAL A 67 -4.28 0.43 -9.25
CA VAL A 67 -3.50 1.13 -10.29
C VAL A 67 -4.17 1.04 -11.68
N THR A 68 -4.12 2.15 -12.43
CA THR A 68 -4.74 2.21 -13.76
C THR A 68 -3.69 2.09 -14.88
N ASP A 69 -4.09 1.44 -15.97
CA ASP A 69 -3.23 1.22 -17.14
C ASP A 69 -3.60 2.18 -18.29
N SER A 70 -2.61 2.53 -19.11
CA SER A 70 -2.80 3.52 -20.19
C SER A 70 -3.78 3.03 -21.27
N LYS A 71 -4.07 1.73 -21.29
CA LYS A 71 -4.98 1.17 -22.30
C LYS A 71 -6.37 0.84 -21.72
N GLY A 72 -6.56 1.03 -20.41
CA GLY A 72 -7.87 0.81 -19.81
C GLY A 72 -7.97 -0.38 -18.84
N HIS A 73 -6.84 -0.94 -18.43
CA HIS A 73 -6.84 -2.00 -17.39
C HIS A 73 -6.60 -1.41 -15.99
N GLU A 74 -7.40 -1.82 -15.02
CA GLU A 74 -7.25 -1.32 -13.65
C GLU A 74 -7.31 -2.46 -12.63
N VAL A 75 -6.20 -2.74 -11.97
CA VAL A 75 -6.10 -3.85 -11.00
C VAL A 75 -5.92 -3.36 -9.56
N THR A 76 -6.22 -4.22 -8.60
CA THR A 76 -6.17 -3.85 -7.17
C THR A 76 -5.50 -4.93 -6.30
N ALA A 77 -4.87 -4.50 -5.22
CA ALA A 77 -4.24 -5.40 -4.24
C ALA A 77 -4.31 -4.79 -2.83
N LYS A 78 -4.14 -5.62 -1.80
CA LYS A 78 -4.27 -5.15 -0.41
C LYS A 78 -3.07 -5.53 0.47
N GLN A 79 -2.91 -4.78 1.56
CA GLN A 79 -1.84 -4.99 2.55
C GLN A 79 -2.41 -5.03 3.97
N THR A 80 -2.06 -6.07 4.73
CA THR A 80 -2.51 -6.18 6.13
C THR A 80 -1.45 -5.65 7.10
N VAL A 81 -1.69 -4.45 7.64
CA VAL A 81 -0.75 -3.84 8.60
C VAL A 81 -1.19 -4.08 10.04
N THR A 82 -0.24 -4.34 10.93
CA THR A 82 -0.54 -4.58 12.35
C THR A 82 0.35 -3.72 13.26
N VAL A 83 -0.27 -2.87 14.08
CA VAL A 83 0.47 -2.00 15.00
C VAL A 83 0.49 -2.57 16.42
N LYS A 84 1.68 -2.58 17.04
CA LYS A 84 1.86 -3.12 18.39
C LYS A 84 2.43 -2.05 19.36
N VAL A 85 2.11 -2.18 20.64
CA VAL A 85 2.59 -1.22 21.65
C VAL A 85 3.80 -1.77 22.43
N ARG A 86 4.92 -1.05 22.37
CA ARG A 86 6.11 -1.45 23.14
C ARG A 86 6.09 -0.82 24.54
N GLU A 87 5.32 0.25 24.68
CA GLU A 87 5.19 0.97 25.96
C GLU A 87 4.02 0.43 26.79
N GLU A 88 3.74 1.10 27.91
CA GLU A 88 2.58 0.79 28.75
C GLU A 88 2.19 2.00 29.61
N VAL A 89 0.90 2.25 29.72
CA VAL A 89 0.39 3.45 30.41
C VAL A 89 -0.15 3.12 31.81
N LYS A 90 0.24 3.92 32.81
CA LYS A 90 -0.27 3.77 34.18
C LYS A 90 -1.44 4.72 34.45
N ASN A 91 -1.37 5.92 33.89
CA ASN A 91 -2.47 6.89 33.95
C ASN A 91 -3.06 7.11 32.55
N ASP A 92 -4.27 6.60 32.32
CA ASP A 92 -4.90 6.67 31.01
C ASP A 92 -4.94 8.11 30.45
N LYS A 93 -4.03 8.40 29.52
CA LYS A 93 -3.94 9.72 28.90
C LYS A 93 -5.26 10.12 28.22
N PRO A 94 -5.65 11.41 28.27
CA PRO A 94 -6.75 11.92 27.45
C PRO A 94 -6.34 11.99 25.97
N ILE A 95 -6.64 10.93 25.22
CA ILE A 95 -6.19 10.81 23.84
C ILE A 95 -6.82 11.87 22.93
N LEU A 96 -6.16 13.03 22.83
CA LEU A 96 -6.60 14.10 21.95
C LEU A 96 -6.09 13.88 20.51
N GLU A 97 -6.96 13.35 19.65
CA GLU A 97 -6.59 13.07 18.26
C GLU A 97 -6.64 14.36 17.41
CA CA B . -1.37 -2.16 -20.47
N MET A 1 -13.77 -5.59 -33.48
CA MET A 1 -12.34 -5.86 -33.75
C MET A 1 -11.99 -7.33 -33.46
N GLY A 2 -12.17 -7.73 -32.21
CA GLY A 2 -11.82 -9.09 -31.78
C GLY A 2 -10.63 -9.11 -30.82
N ASN A 3 -9.84 -10.17 -30.88
CA ASN A 3 -8.64 -10.28 -30.03
C ASN A 3 -7.54 -11.10 -30.73
N GLY A 4 -6.32 -11.04 -30.21
CA GLY A 4 -5.20 -11.75 -30.81
C GLY A 4 -4.05 -10.83 -31.16
N GLU A 5 -4.22 -10.05 -32.23
CA GLU A 5 -3.21 -9.06 -32.63
C GLU A 5 -3.27 -7.83 -31.71
N THR A 6 -2.10 -7.43 -31.19
CA THR A 6 -2.02 -6.35 -30.18
C THR A 6 -2.80 -6.71 -28.91
N SER A 7 -2.12 -7.39 -27.99
CA SER A 7 -2.73 -7.78 -26.71
C SER A 7 -2.08 -7.05 -25.52
N ASP A 8 -2.89 -6.37 -24.73
CA ASP A 8 -2.37 -5.62 -23.57
C ASP A 8 -2.41 -6.46 -22.30
N LEU A 9 -1.25 -6.59 -21.65
CA LEU A 9 -1.14 -7.24 -20.35
C LEU A 9 -1.31 -6.21 -19.23
N GLU A 10 -2.14 -6.53 -18.24
CA GLU A 10 -2.38 -5.63 -17.12
C GLU A 10 -1.11 -5.42 -16.29
N PRO A 11 -0.92 -4.19 -15.75
CA PRO A 11 0.30 -3.81 -15.03
C PRO A 11 0.56 -4.67 -13.78
N LYS A 12 1.84 -4.93 -13.51
CA LYS A 12 2.24 -5.72 -12.35
C LYS A 12 2.28 -4.85 -11.09
N LEU A 13 1.22 -4.93 -10.30
CA LEU A 13 1.11 -4.16 -9.06
C LEU A 13 1.67 -4.95 -7.87
N THR A 14 2.82 -4.51 -7.37
CA THR A 14 3.49 -5.19 -6.25
C THR A 14 2.96 -4.70 -4.89
N VAL A 15 2.24 -5.57 -4.19
CA VAL A 15 1.73 -5.26 -2.85
C VAL A 15 1.99 -6.43 -1.89
N PRO A 16 2.67 -6.16 -0.75
CA PRO A 16 2.95 -7.20 0.27
C PRO A 16 1.69 -7.57 1.09
N VAL A 17 1.67 -8.79 1.61
CA VAL A 17 0.52 -9.28 2.37
C VAL A 17 0.26 -8.47 3.65
N GLY A 18 1.34 -7.95 4.26
CA GLY A 18 1.19 -7.17 5.47
C GLY A 18 2.47 -6.47 5.92
N ALA A 19 2.35 -5.63 6.94
CA ALA A 19 3.49 -4.86 7.48
C ALA A 19 3.28 -4.53 8.97
N THR A 20 4.22 -4.95 9.82
CA THR A 20 4.11 -4.73 11.27
C THR A 20 4.99 -3.56 11.75
N ILE A 21 4.38 -2.60 12.43
CA ILE A 21 5.10 -1.46 13.03
C ILE A 21 4.77 -1.31 14.52
N HIS A 22 5.42 -0.36 15.20
CA HIS A 22 5.21 -0.15 16.63
C HIS A 22 4.62 1.23 16.96
N VAL A 23 3.96 1.32 18.11
CA VAL A 23 3.42 2.58 18.62
C VAL A 23 4.54 3.61 18.86
N GLY A 24 4.43 4.76 18.18
CA GLY A 24 5.45 5.79 18.28
C GLY A 24 6.24 5.95 16.98
N ASP A 25 6.27 4.90 16.18
CA ASP A 25 6.99 4.89 14.91
C ASP A 25 6.15 5.50 13.77
N SER A 26 6.54 5.24 12.52
CA SER A 26 5.82 5.78 11.35
C SER A 26 5.75 4.74 10.21
N PHE A 27 5.00 5.08 9.15
CA PHE A 27 4.81 4.15 8.02
C PHE A 27 4.58 4.91 6.70
N VAL A 28 5.18 4.41 5.61
CA VAL A 28 5.01 5.00 4.28
C VAL A 28 4.33 4.03 3.29
N PRO A 29 3.04 4.26 2.96
CA PRO A 29 2.28 3.38 2.04
C PRO A 29 2.91 3.28 0.63
N MET A 30 3.43 4.39 0.13
CA MET A 30 3.97 4.45 -1.24
C MET A 30 5.38 3.82 -1.34
N ALA A 31 5.99 3.52 -0.21
CA ALA A 31 7.34 2.94 -0.21
C ALA A 31 7.32 1.44 -0.50
N GLU A 32 6.39 0.73 0.14
CA GLU A 32 6.34 -0.74 0.05
C GLU A 32 5.52 -1.23 -1.16
N VAL A 33 4.84 -0.31 -1.85
CA VAL A 33 3.98 -0.68 -2.99
C VAL A 33 4.45 -0.03 -4.30
N LEU A 34 4.70 -0.86 -5.32
CA LEU A 34 5.15 -0.39 -6.64
C LEU A 34 4.22 -0.90 -7.76
N ALA A 35 4.30 -0.27 -8.94
CA ALA A 35 3.51 -0.71 -10.10
C ALA A 35 4.31 -0.58 -11.40
N ILE A 36 4.48 -1.70 -12.12
CA ILE A 36 5.26 -1.72 -13.37
C ILE A 36 4.47 -2.38 -14.50
N ASP A 37 4.31 -1.67 -15.61
CA ASP A 37 3.69 -2.24 -16.81
C ASP A 37 4.74 -2.46 -17.91
N LYS A 38 4.51 -3.48 -18.75
CA LYS A 38 5.47 -3.84 -19.80
C LYS A 38 5.59 -2.74 -20.86
N GLU A 39 4.47 -2.37 -21.48
CA GLU A 39 4.50 -1.40 -22.60
C GLU A 39 4.50 0.06 -22.11
N ASP A 40 3.56 0.40 -21.23
CA ASP A 40 3.38 1.80 -20.80
C ASP A 40 4.52 2.25 -19.87
N GLY A 41 5.09 1.30 -19.13
CA GLY A 41 6.22 1.60 -18.24
C GLY A 41 5.81 1.66 -16.78
N ASP A 42 6.47 2.52 -16.00
CA ASP A 42 6.16 2.67 -14.58
C ASP A 42 4.79 3.32 -14.38
N LEU A 43 3.97 2.73 -13.52
CA LEU A 43 2.64 3.27 -13.20
C LEU A 43 2.47 3.47 -11.68
N THR A 44 3.59 3.44 -10.96
CA THR A 44 3.59 3.59 -9.48
C THR A 44 2.95 4.92 -9.05
N SER A 45 3.22 5.97 -9.82
CA SER A 45 2.65 7.30 -9.55
C SER A 45 1.12 7.30 -9.62
N LYS A 46 0.56 6.32 -10.33
CA LYS A 46 -0.90 6.22 -10.51
C LYS A 46 -1.58 5.37 -9.42
N ILE A 47 -0.81 4.86 -8.48
CA ILE A 47 -1.38 4.01 -7.42
C ILE A 47 -2.26 4.83 -6.46
N LYS A 48 -3.56 4.55 -6.50
CA LYS A 48 -4.55 5.21 -5.64
C LYS A 48 -4.64 4.49 -4.29
N VAL A 49 -4.34 5.20 -3.21
CA VAL A 49 -4.33 4.62 -1.86
C VAL A 49 -5.64 4.86 -1.11
N ASP A 50 -6.14 3.84 -0.42
CA ASP A 50 -7.36 3.96 0.39
C ASP A 50 -7.15 3.37 1.79
N GLY A 51 -7.71 4.03 2.80
CA GLY A 51 -7.56 3.57 4.18
C GLY A 51 -6.63 4.45 5.00
N GLU A 52 -6.39 4.06 6.26
CA GLU A 52 -5.50 4.82 7.15
C GLU A 52 -5.07 3.98 8.37
N VAL A 53 -3.79 4.07 8.72
CA VAL A 53 -3.23 3.31 9.84
C VAL A 53 -2.81 4.23 10.99
N ASP A 54 -2.95 3.76 12.23
CA ASP A 54 -2.51 4.52 13.40
C ASP A 54 -1.01 4.32 13.68
N THR A 55 -0.44 5.29 14.38
CA THR A 55 0.95 5.19 14.86
C THR A 55 1.00 5.24 16.39
N THR A 56 -0.04 5.80 17.01
CA THR A 56 -0.14 5.87 18.48
C THR A 56 -1.21 4.91 19.03
N LYS A 57 -1.68 3.99 18.20
CA LYS A 57 -2.69 3.01 18.61
C LYS A 57 -2.39 1.63 18.02
N ALA A 58 -2.43 0.59 18.85
CA ALA A 58 -2.22 -0.78 18.41
C ALA A 58 -3.48 -1.34 17.71
N GLY A 59 -3.27 -2.14 16.67
CA GLY A 59 -4.38 -2.71 15.91
C GLY A 59 -4.00 -3.08 14.48
N THR A 60 -4.98 -3.50 13.69
CA THR A 60 -4.73 -3.91 12.29
C THR A 60 -5.59 -3.12 11.31
N TYR A 61 -4.94 -2.45 10.36
CA TYR A 61 -5.62 -1.64 9.36
C TYR A 61 -5.16 -2.02 7.94
N VAL A 62 -6.11 -2.29 7.05
CA VAL A 62 -5.81 -2.73 5.69
C VAL A 62 -5.85 -1.56 4.68
N LEU A 63 -4.72 -1.29 4.04
CA LEU A 63 -4.63 -0.24 3.03
C LEU A 63 -4.87 -0.81 1.62
N THR A 64 -5.71 -0.13 0.82
CA THR A 64 -6.01 -0.58 -0.54
C THR A 64 -5.21 0.23 -1.58
N TYR A 65 -4.80 -0.43 -2.66
CA TYR A 65 -4.00 0.21 -3.72
C TYR A 65 -4.53 -0.17 -5.11
N THR A 66 -5.05 0.82 -5.84
CA THR A 66 -5.61 0.59 -7.18
C THR A 66 -4.79 1.30 -8.27
N VAL A 67 -4.55 0.62 -9.40
CA VAL A 67 -3.82 1.21 -10.53
C VAL A 67 -4.48 0.84 -11.87
N THR A 68 -4.60 1.84 -12.76
CA THR A 68 -5.23 1.63 -14.08
C THR A 68 -4.21 1.78 -15.22
N ASP A 69 -4.19 0.78 -16.11
CA ASP A 69 -3.35 0.84 -17.31
C ASP A 69 -3.95 1.82 -18.33
N SER A 70 -3.10 2.45 -19.13
CA SER A 70 -3.55 3.42 -20.13
C SER A 70 -4.35 2.76 -21.26
N LYS A 71 -4.05 1.48 -21.53
CA LYS A 71 -4.72 0.76 -22.61
C LYS A 71 -6.02 0.07 -22.15
N GLY A 72 -6.43 0.30 -20.89
CA GLY A 72 -7.77 -0.11 -20.45
C GLY A 72 -7.82 -1.22 -19.39
N HIS A 73 -6.68 -1.79 -18.99
CA HIS A 73 -6.68 -2.87 -17.97
C HIS A 73 -6.45 -2.31 -16.55
N GLU A 74 -7.40 -2.52 -15.65
CA GLU A 74 -7.30 -2.02 -14.27
C GLU A 74 -7.16 -3.16 -13.25
N VAL A 75 -6.29 -2.97 -12.26
CA VAL A 75 -6.09 -3.96 -11.18
C VAL A 75 -5.95 -3.29 -9.81
N THR A 76 -6.31 -4.01 -8.74
CA THR A 76 -6.21 -3.48 -7.38
C THR A 76 -5.74 -4.56 -6.38
N ALA A 77 -5.12 -4.11 -5.29
CA ALA A 77 -4.60 -5.02 -4.27
C ALA A 77 -4.63 -4.38 -2.87
N LYS A 78 -4.54 -5.19 -1.81
CA LYS A 78 -4.59 -4.68 -0.43
C LYS A 78 -3.39 -5.12 0.41
N GLN A 79 -3.06 -4.33 1.43
CA GLN A 79 -1.95 -4.64 2.35
C GLN A 79 -2.43 -4.52 3.81
N THR A 80 -2.24 -5.60 4.57
CA THR A 80 -2.70 -5.64 5.97
C THR A 80 -1.61 -5.15 6.94
N VAL A 81 -1.75 -3.94 7.45
CA VAL A 81 -0.75 -3.35 8.36
C VAL A 81 -1.16 -3.53 9.82
N THR A 82 -0.23 -4.01 10.66
CA THR A 82 -0.51 -4.27 12.08
C THR A 82 0.45 -3.48 12.98
N VAL A 83 -0.13 -2.67 13.86
CA VAL A 83 0.66 -1.88 14.82
C VAL A 83 0.63 -2.54 16.22
N LYS A 84 1.80 -2.69 16.83
CA LYS A 84 1.90 -3.25 18.19
C LYS A 84 2.62 -2.30 19.15
N VAL A 85 2.41 -2.49 20.45
CA VAL A 85 2.91 -1.58 21.47
C VAL A 85 4.29 -1.99 22.02
N ARG A 86 5.25 -1.08 21.95
CA ARG A 86 6.56 -1.29 22.60
C ARG A 86 6.60 -0.65 24.00
N GLU A 87 6.16 0.60 24.09
CA GLU A 87 6.05 1.30 25.37
C GLU A 87 4.59 1.40 25.82
N GLU A 88 4.28 0.77 26.97
CA GLU A 88 2.89 0.68 27.47
C GLU A 88 2.30 2.06 27.79
N VAL A 89 0.96 2.12 27.80
CA VAL A 89 0.23 3.36 28.12
C VAL A 89 0.50 3.83 29.56
N LYS A 90 0.62 5.15 29.72
CA LYS A 90 1.01 5.74 31.02
C LYS A 90 -0.19 5.89 31.98
N ASN A 91 0.08 6.47 33.15
CA ASN A 91 -0.96 6.74 34.15
C ASN A 91 -0.47 7.79 35.16
N ASP A 92 -1.38 8.56 35.75
CA ASP A 92 -1.02 9.70 36.61
C ASP A 92 -0.58 9.27 38.03
N LYS A 93 -0.40 7.97 38.24
CA LYS A 93 0.12 7.46 39.52
C LYS A 93 1.63 7.17 39.43
N PRO A 94 2.33 7.03 40.58
CA PRO A 94 3.73 6.57 40.57
C PRO A 94 3.84 5.11 40.07
N ILE A 95 4.18 4.95 38.79
CA ILE A 95 4.21 3.62 38.16
C ILE A 95 5.58 2.96 38.28
N LEU A 96 5.66 1.70 37.84
CA LEU A 96 6.92 0.94 37.88
C LEU A 96 7.58 0.88 36.49
N GLU A 97 8.84 1.28 36.41
CA GLU A 97 9.58 1.33 35.14
C GLU A 97 9.65 -0.04 34.45
CA CA B . -0.01 -2.91 -20.17
N MET A 1 6.36 3.75 -40.12
CA MET A 1 5.38 4.64 -39.43
C MET A 1 4.06 3.91 -39.14
N GLY A 2 3.42 4.25 -38.02
CA GLY A 2 2.12 3.68 -37.70
C GLY A 2 2.18 2.42 -36.85
N ASN A 3 1.94 2.56 -35.54
CA ASN A 3 1.89 1.41 -34.62
C ASN A 3 0.44 0.94 -34.43
N GLY A 4 0.24 -0.06 -33.57
CA GLY A 4 -1.10 -0.59 -33.32
C GLY A 4 -1.30 -1.08 -31.89
N GLU A 5 -2.56 -1.19 -31.47
CA GLU A 5 -2.89 -1.65 -30.12
C GLU A 5 -2.84 -3.18 -30.03
N THR A 6 -1.67 -3.71 -29.70
CA THR A 6 -1.45 -5.15 -29.61
C THR A 6 -2.01 -5.75 -28.31
N SER A 7 -1.74 -7.04 -28.08
CA SER A 7 -2.17 -7.72 -26.85
C SER A 7 -1.49 -7.10 -25.62
N ASP A 8 -2.25 -6.31 -24.86
CA ASP A 8 -1.70 -5.56 -23.73
C ASP A 8 -1.69 -6.40 -22.43
N LEU A 9 -0.53 -6.48 -21.80
CA LEU A 9 -0.42 -7.13 -20.50
C LEU A 9 -0.69 -6.12 -19.38
N GLU A 10 -1.74 -6.36 -18.59
CA GLU A 10 -2.08 -5.48 -17.46
C GLU A 10 -0.89 -5.29 -16.51
N PRO A 11 -0.80 -4.11 -15.85
CA PRO A 11 0.37 -3.75 -15.04
C PRO A 11 0.64 -4.76 -13.90
N LYS A 12 1.90 -5.06 -13.66
CA LYS A 12 2.28 -5.93 -12.55
C LYS A 12 2.35 -5.12 -11.23
N LEU A 13 1.32 -5.27 -10.40
CA LEU A 13 1.24 -4.56 -9.12
C LEU A 13 1.88 -5.37 -7.98
N THR A 14 2.93 -4.80 -7.37
CA THR A 14 3.59 -5.45 -6.23
C THR A 14 3.01 -4.95 -4.91
N VAL A 15 2.29 -5.82 -4.21
CA VAL A 15 1.72 -5.50 -2.91
C VAL A 15 1.84 -6.70 -1.96
N PRO A 16 2.50 -6.53 -0.79
CA PRO A 16 2.62 -7.59 0.21
C PRO A 16 1.32 -7.79 1.01
N VAL A 17 1.10 -9.01 1.49
CA VAL A 17 -0.15 -9.36 2.19
C VAL A 17 -0.32 -8.57 3.51
N GLY A 18 0.78 -8.25 4.17
CA GLY A 18 0.71 -7.55 5.45
C GLY A 18 2.00 -6.84 5.85
N ALA A 19 1.88 -5.97 6.86
CA ALA A 19 3.01 -5.24 7.42
C ALA A 19 2.84 -5.11 8.94
N THR A 20 3.94 -5.03 9.68
CA THR A 20 3.87 -4.95 11.15
C THR A 20 4.86 -3.93 11.71
N ILE A 21 4.34 -2.91 12.39
CA ILE A 21 5.15 -1.85 12.98
C ILE A 21 4.78 -1.60 14.45
N HIS A 22 5.51 -0.71 15.11
CA HIS A 22 5.20 -0.35 16.50
C HIS A 22 4.67 1.08 16.62
N VAL A 23 3.94 1.33 17.70
CA VAL A 23 3.45 2.68 18.01
C VAL A 23 4.62 3.67 18.14
N GLY A 24 4.56 4.77 17.38
CA GLY A 24 5.63 5.77 17.42
C GLY A 24 6.68 5.58 16.33
N ASP A 25 6.46 4.62 15.43
CA ASP A 25 7.38 4.37 14.32
C ASP A 25 6.91 5.03 13.01
N SER A 26 7.81 5.12 12.04
CA SER A 26 7.52 5.74 10.74
C SER A 26 7.07 4.70 9.70
N PHE A 27 6.03 5.05 8.93
CA PHE A 27 5.49 4.14 7.90
C PHE A 27 5.22 4.88 6.58
N VAL A 28 5.73 4.34 5.48
CA VAL A 28 5.51 4.92 4.15
C VAL A 28 4.90 3.90 3.17
N PRO A 29 3.57 3.92 2.98
CA PRO A 29 2.88 2.95 2.09
C PRO A 29 3.30 3.06 0.62
N MET A 30 3.58 4.29 0.16
CA MET A 30 3.94 4.52 -1.25
C MET A 30 5.39 4.14 -1.58
N ALA A 31 6.17 3.79 -0.57
CA ALA A 31 7.57 3.40 -0.78
C ALA A 31 7.73 1.89 -0.96
N GLU A 32 6.95 1.11 -0.21
CA GLU A 32 7.05 -0.36 -0.24
C GLU A 32 5.97 -1.00 -1.13
N VAL A 33 5.31 -0.17 -1.94
CA VAL A 33 4.36 -0.66 -2.96
C VAL A 33 4.75 -0.11 -4.34
N LEU A 34 4.63 -0.94 -5.38
CA LEU A 34 5.12 -0.60 -6.72
C LEU A 34 4.22 -1.17 -7.82
N ALA A 35 4.20 -0.53 -9.00
CA ALA A 35 3.39 -1.00 -10.14
C ALA A 35 4.07 -0.69 -11.49
N ILE A 36 4.25 -1.73 -12.32
CA ILE A 36 4.89 -1.58 -13.64
C ILE A 36 4.03 -2.18 -14.76
N ASP A 37 3.61 -1.36 -15.72
CA ASP A 37 2.96 -1.85 -16.94
C ASP A 37 4.00 -2.00 -18.06
N LYS A 38 3.79 -2.98 -18.93
CA LYS A 38 4.77 -3.30 -19.97
C LYS A 38 5.06 -2.09 -20.88
N GLU A 39 4.06 -1.60 -21.59
CA GLU A 39 4.28 -0.49 -22.55
C GLU A 39 4.15 0.90 -21.88
N ASP A 40 3.16 1.03 -21.00
CA ASP A 40 2.87 2.31 -20.34
C ASP A 40 3.98 2.66 -19.32
N GLY A 41 4.69 1.64 -18.85
CA GLY A 41 5.86 1.86 -18.00
C GLY A 41 5.54 1.90 -16.51
N ASP A 42 6.29 2.69 -15.76
CA ASP A 42 6.09 2.83 -14.32
C ASP A 42 4.76 3.52 -14.00
N LEU A 43 3.92 2.84 -13.23
CA LEU A 43 2.62 3.37 -12.82
C LEU A 43 2.51 3.42 -11.28
N THR A 44 3.66 3.50 -10.62
CA THR A 44 3.70 3.48 -9.15
C THR A 44 2.97 4.69 -8.53
N SER A 45 3.12 5.86 -9.15
CA SER A 45 2.46 7.08 -8.66
C SER A 45 0.99 7.13 -9.11
N LYS A 46 0.58 6.14 -9.91
CA LYS A 46 -0.82 5.99 -10.34
C LYS A 46 -1.64 5.23 -9.28
N ILE A 47 -0.94 4.64 -8.31
CA ILE A 47 -1.57 3.76 -7.31
C ILE A 47 -2.49 4.53 -6.35
N LYS A 48 -3.77 4.18 -6.38
CA LYS A 48 -4.76 4.73 -5.46
C LYS A 48 -4.75 3.95 -4.13
N VAL A 49 -4.50 4.66 -3.02
CA VAL A 49 -4.47 4.04 -1.69
C VAL A 49 -5.80 4.27 -0.95
N ASP A 50 -6.52 3.20 -0.65
CA ASP A 50 -7.79 3.28 0.07
C ASP A 50 -7.65 2.71 1.50
N GLY A 51 -7.98 3.53 2.50
CA GLY A 51 -7.86 3.11 3.90
C GLY A 51 -7.11 4.12 4.77
N GLU A 52 -7.07 3.87 6.08
CA GLU A 52 -6.41 4.78 7.02
C GLU A 52 -5.53 4.03 8.04
N VAL A 53 -4.38 4.59 8.38
CA VAL A 53 -3.44 3.96 9.33
C VAL A 53 -3.09 4.90 10.49
N ASP A 54 -3.24 4.41 11.71
CA ASP A 54 -2.87 5.19 12.90
C ASP A 54 -1.62 4.62 13.58
N THR A 55 -0.70 5.49 14.00
CA THR A 55 0.59 5.05 14.57
C THR A 55 0.72 5.34 16.07
N THR A 56 -0.34 5.87 16.68
CA THR A 56 -0.31 6.19 18.12
C THR A 56 -1.23 5.27 18.95
N LYS A 57 -2.06 4.49 18.26
CA LYS A 57 -2.95 3.53 18.93
C LYS A 57 -2.80 2.14 18.28
N ALA A 58 -2.58 1.10 19.09
CA ALA A 58 -2.34 -0.25 18.58
C ALA A 58 -3.60 -0.87 17.94
N GLY A 59 -3.46 -1.35 16.71
CA GLY A 59 -4.58 -1.96 16.00
C GLY A 59 -4.22 -2.39 14.59
N THR A 60 -5.14 -3.06 13.91
CA THR A 60 -4.90 -3.53 12.54
C THR A 60 -5.54 -2.59 11.51
N TYR A 61 -4.74 -2.04 10.60
CA TYR A 61 -5.22 -1.08 9.60
C TYR A 61 -4.92 -1.59 8.17
N VAL A 62 -5.96 -1.98 7.44
CA VAL A 62 -5.79 -2.57 6.11
C VAL A 62 -5.90 -1.50 5.00
N LEU A 63 -4.89 -1.45 4.13
CA LEU A 63 -4.90 -0.53 2.99
C LEU A 63 -5.17 -1.27 1.68
N THR A 64 -5.73 -0.57 0.70
CA THR A 64 -6.00 -1.13 -0.63
C THR A 64 -5.28 -0.34 -1.72
N TYR A 65 -4.56 -1.04 -2.59
CA TYR A 65 -3.78 -0.39 -3.65
C TYR A 65 -4.32 -0.77 -5.04
N THR A 66 -4.75 0.24 -5.80
CA THR A 66 -5.31 0.03 -7.14
C THR A 66 -4.55 0.85 -8.20
N VAL A 67 -4.32 0.27 -9.38
CA VAL A 67 -3.60 0.97 -10.46
C VAL A 67 -4.22 0.67 -11.85
N THR A 68 -4.24 1.68 -12.72
CA THR A 68 -4.80 1.54 -14.09
C THR A 68 -3.76 1.90 -15.16
N ASP A 69 -3.76 1.16 -16.28
CA ASP A 69 -2.79 1.39 -17.36
C ASP A 69 -3.38 2.21 -18.53
N SER A 70 -2.54 2.48 -19.53
CA SER A 70 -2.94 3.26 -20.72
C SER A 70 -4.18 2.71 -21.44
N LYS A 71 -4.37 1.38 -21.40
CA LYS A 71 -5.53 0.76 -22.08
C LYS A 71 -6.77 0.74 -21.18
N GLY A 72 -6.57 0.97 -19.88
CA GLY A 72 -7.68 0.93 -18.94
C GLY A 72 -7.73 -0.35 -18.09
N HIS A 73 -6.65 -1.13 -18.10
CA HIS A 73 -6.54 -2.31 -17.24
C HIS A 73 -6.36 -1.91 -15.78
N GLU A 74 -7.24 -2.37 -14.90
CA GLU A 74 -7.23 -1.96 -13.49
C GLU A 74 -7.08 -3.15 -12.54
N VAL A 75 -5.91 -3.27 -11.93
CA VAL A 75 -5.63 -4.31 -10.94
C VAL A 75 -5.58 -3.72 -9.51
N THR A 76 -5.83 -4.55 -8.49
CA THR A 76 -5.90 -4.05 -7.11
C THR A 76 -5.53 -5.14 -6.07
N ALA A 77 -4.73 -4.76 -5.08
CA ALA A 77 -4.29 -5.67 -4.03
C ALA A 77 -4.25 -4.97 -2.65
N LYS A 78 -4.54 -5.72 -1.59
CA LYS A 78 -4.61 -5.16 -0.24
C LYS A 78 -3.39 -5.52 0.61
N GLN A 79 -3.14 -4.71 1.65
CA GLN A 79 -2.07 -4.97 2.61
C GLN A 79 -2.52 -4.60 4.03
N THR A 80 -2.56 -5.59 4.92
CA THR A 80 -2.96 -5.36 6.32
C THR A 80 -1.79 -4.86 7.18
N VAL A 81 -1.86 -3.61 7.62
CA VAL A 81 -0.81 -3.00 8.45
C VAL A 81 -1.15 -3.08 9.93
N THR A 82 -0.51 -4.00 10.64
CA THR A 82 -0.77 -4.22 12.07
C THR A 82 0.20 -3.41 12.95
N VAL A 83 -0.35 -2.43 13.67
CA VAL A 83 0.45 -1.61 14.58
C VAL A 83 0.37 -2.14 16.03
N LYS A 84 1.50 -2.57 16.58
CA LYS A 84 1.53 -3.06 17.96
C LYS A 84 2.33 -2.12 18.86
N VAL A 85 2.10 -2.19 20.17
CA VAL A 85 2.73 -1.27 21.12
C VAL A 85 4.24 -1.54 21.27
N ARG A 86 5.00 -0.52 21.66
CA ARG A 86 6.43 -0.69 21.96
C ARG A 86 6.65 -0.88 23.47
N GLU A 87 7.52 -1.81 23.84
CA GLU A 87 7.76 -2.12 25.25
C GLU A 87 8.76 -1.15 25.87
N GLU A 88 8.27 -0.06 26.46
CA GLU A 88 9.13 0.97 27.05
C GLU A 88 8.71 1.35 28.48
N VAL A 89 9.53 2.17 29.13
CA VAL A 89 9.26 2.66 30.49
C VAL A 89 9.52 4.18 30.59
N LYS A 90 9.34 4.88 29.47
CA LYS A 90 9.68 6.31 29.36
C LYS A 90 8.59 7.21 29.96
N ASN A 91 7.74 6.66 30.82
CA ASN A 91 6.67 7.43 31.46
C ASN A 91 7.23 8.32 32.59
N ASP A 92 7.72 9.50 32.22
CA ASP A 92 8.34 10.41 33.18
C ASP A 92 7.31 11.22 33.98
N LYS A 93 6.51 10.49 34.78
CA LYS A 93 5.48 11.10 35.64
C LYS A 93 4.59 12.12 34.90
N PRO A 94 3.78 11.65 33.92
CA PRO A 94 2.81 12.52 33.23
C PRO A 94 1.63 12.91 34.14
N ILE A 95 1.56 14.19 34.51
CA ILE A 95 0.50 14.67 35.40
C ILE A 95 -0.73 15.20 34.63
N LEU A 96 -0.77 14.90 33.34
CA LEU A 96 -1.91 15.28 32.49
C LEU A 96 -3.24 14.78 33.10
N GLU A 97 -4.26 15.65 33.13
CA GLU A 97 -5.54 15.31 33.74
C GLU A 97 -6.48 14.63 32.73
CA CA B . -0.43 -1.82 -20.81
N MET A 1 -4.48 -0.99 -43.78
CA MET A 1 -4.89 -2.39 -44.05
C MET A 1 -3.85 -3.39 -43.54
N GLY A 2 -4.31 -4.58 -43.14
CA GLY A 2 -3.42 -5.57 -42.54
C GLY A 2 -2.96 -5.16 -41.14
N ASN A 3 -3.91 -5.02 -40.23
CA ASN A 3 -3.62 -4.59 -38.86
C ASN A 3 -2.67 -5.56 -38.13
N GLY A 4 -1.42 -5.12 -37.95
CA GLY A 4 -0.46 -5.87 -37.15
C GLY A 4 -0.39 -5.35 -35.73
N GLU A 5 -1.52 -5.44 -35.02
CA GLU A 5 -1.65 -4.84 -33.68
C GLU A 5 -1.52 -5.89 -32.56
N THR A 6 -0.80 -5.52 -31.50
CA THR A 6 -0.62 -6.38 -30.33
C THR A 6 -1.68 -6.11 -29.25
N SER A 7 -2.01 -7.10 -28.44
CA SER A 7 -2.96 -6.93 -27.33
C SER A 7 -2.23 -6.59 -26.03
N ASP A 8 -2.83 -5.73 -25.20
CA ASP A 8 -2.20 -5.30 -23.94
C ASP A 8 -2.56 -6.23 -22.78
N LEU A 9 -1.67 -6.25 -21.79
CA LEU A 9 -1.83 -7.08 -20.59
C LEU A 9 -2.02 -6.20 -19.35
N GLU A 10 -2.93 -6.58 -18.47
CA GLU A 10 -3.14 -5.85 -17.21
C GLU A 10 -1.82 -5.71 -16.41
N PRO A 11 -1.57 -4.51 -15.81
CA PRO A 11 -0.25 -4.15 -15.27
C PRO A 11 0.21 -4.94 -14.03
N LYS A 12 1.52 -4.92 -13.79
CA LYS A 12 2.16 -5.58 -12.64
C LYS A 12 2.09 -4.68 -11.39
N LEU A 13 1.16 -5.00 -10.49
CA LEU A 13 1.05 -4.29 -9.22
C LEU A 13 1.64 -5.11 -8.05
N THR A 14 2.71 -4.61 -7.46
CA THR A 14 3.35 -5.29 -6.32
C THR A 14 2.98 -4.62 -4.99
N VAL A 15 2.22 -5.32 -4.17
CA VAL A 15 1.82 -4.84 -2.84
C VAL A 15 2.20 -5.86 -1.75
N PRO A 16 2.83 -5.42 -0.64
CA PRO A 16 3.20 -6.33 0.46
C PRO A 16 1.96 -6.90 1.19
N VAL A 17 2.01 -8.20 1.52
CA VAL A 17 0.86 -8.88 2.13
C VAL A 17 0.64 -8.46 3.60
N GLY A 18 1.72 -8.18 4.32
CA GLY A 18 1.60 -7.86 5.74
C GLY A 18 2.71 -6.94 6.24
N ALA A 19 2.38 -6.14 7.26
CA ALA A 19 3.34 -5.20 7.87
C ALA A 19 3.21 -5.20 9.40
N THR A 20 4.33 -5.05 10.09
CA THR A 20 4.33 -5.07 11.57
C THR A 20 5.11 -3.88 12.13
N ILE A 21 4.45 -3.01 12.88
CA ILE A 21 5.10 -1.84 13.49
C ILE A 21 4.67 -1.63 14.95
N HIS A 22 5.24 -0.63 15.60
CA HIS A 22 4.93 -0.34 17.01
C HIS A 22 4.58 1.13 17.23
N VAL A 23 3.58 1.36 18.08
CA VAL A 23 3.09 2.72 18.40
C VAL A 23 4.23 3.71 18.68
N GLY A 24 4.28 4.80 17.91
CA GLY A 24 5.32 5.81 18.08
C GLY A 24 6.41 5.75 17.01
N ASP A 25 6.15 5.03 15.92
CA ASP A 25 7.13 4.87 14.84
C ASP A 25 6.82 5.80 13.64
N SER A 26 7.41 5.47 12.48
CA SER A 26 7.13 6.19 11.23
C SER A 26 6.92 5.20 10.08
N PHE A 27 5.69 5.11 9.57
CA PHE A 27 5.35 4.16 8.51
C PHE A 27 4.86 4.88 7.24
N VAL A 28 5.33 4.44 6.08
CA VAL A 28 4.90 5.01 4.80
C VAL A 28 4.28 3.92 3.90
N PRO A 29 2.96 4.01 3.63
CA PRO A 29 2.24 2.99 2.84
C PRO A 29 2.77 2.81 1.41
N MET A 30 2.92 3.91 0.66
CA MET A 30 3.33 3.82 -0.76
C MET A 30 4.83 3.60 -0.94
N ALA A 31 5.63 3.77 0.11
CA ALA A 31 7.08 3.61 0.00
C ALA A 31 7.48 2.17 -0.32
N GLU A 32 6.57 1.23 -0.02
CA GLU A 32 6.85 -0.19 -0.25
C GLU A 32 6.06 -0.75 -1.45
N VAL A 33 5.25 0.09 -2.11
CA VAL A 33 4.42 -0.35 -3.24
C VAL A 33 5.07 -0.02 -4.60
N LEU A 34 4.78 -0.82 -5.62
CA LEU A 34 5.37 -0.65 -6.95
C LEU A 34 4.38 -1.10 -8.05
N ALA A 35 4.42 -0.43 -9.21
CA ALA A 35 3.53 -0.78 -10.34
C ALA A 35 4.22 -0.57 -11.70
N ILE A 36 4.19 -1.60 -12.55
CA ILE A 36 4.85 -1.56 -13.87
C ILE A 36 3.93 -2.10 -14.99
N ASP A 37 3.84 -1.40 -16.12
CA ASP A 37 3.11 -1.90 -17.30
C ASP A 37 4.08 -2.34 -18.41
N LYS A 38 3.71 -3.39 -19.14
CA LYS A 38 4.55 -3.94 -20.20
C LYS A 38 4.85 -2.92 -21.30
N GLU A 39 3.86 -2.10 -21.66
CA GLU A 39 4.03 -1.09 -22.73
C GLU A 39 4.69 0.20 -22.22
N ASP A 40 4.08 0.81 -21.20
CA ASP A 40 4.47 2.16 -20.75
C ASP A 40 5.74 2.14 -19.88
N GLY A 41 5.76 1.26 -18.89
CA GLY A 41 6.89 1.21 -17.96
C GLY A 41 6.45 1.39 -16.52
N ASP A 42 6.82 2.51 -15.90
CA ASP A 42 6.52 2.73 -14.48
C ASP A 42 5.13 3.38 -14.28
N LEU A 43 4.24 2.66 -13.61
CA LEU A 43 2.90 3.19 -13.27
C LEU A 43 2.75 3.39 -11.75
N THR A 44 3.88 3.49 -11.04
CA THR A 44 3.86 3.64 -9.58
C THR A 44 3.10 4.91 -9.14
N SER A 45 3.05 5.91 -10.03
CA SER A 45 2.31 7.16 -9.75
C SER A 45 0.80 6.99 -10.06
N LYS A 46 0.47 5.96 -10.84
CA LYS A 46 -0.93 5.67 -11.20
C LYS A 46 -1.65 4.87 -10.09
N ILE A 47 -0.97 4.63 -8.98
CA ILE A 47 -1.52 3.83 -7.87
C ILE A 47 -2.51 4.65 -7.00
N LYS A 48 -3.60 4.00 -6.61
CA LYS A 48 -4.62 4.60 -5.75
C LYS A 48 -4.51 4.05 -4.32
N VAL A 49 -4.66 4.90 -3.31
CA VAL A 49 -4.52 4.47 -1.91
C VAL A 49 -5.84 4.59 -1.13
N ASP A 50 -6.41 3.44 -0.77
CA ASP A 50 -7.60 3.41 0.09
C ASP A 50 -7.23 2.90 1.50
N GLY A 51 -7.71 3.60 2.52
CA GLY A 51 -7.35 3.25 3.90
C GLY A 51 -6.06 3.92 4.34
N GLU A 52 -5.80 3.91 5.65
CA GLU A 52 -4.60 4.54 6.20
C GLU A 52 -4.25 3.98 7.58
N VAL A 53 -2.96 3.95 7.90
CA VAL A 53 -2.49 3.41 9.18
C VAL A 53 -2.25 4.52 10.21
N ASP A 54 -2.67 4.27 11.45
CA ASP A 54 -2.42 5.20 12.56
C ASP A 54 -1.30 4.65 13.46
N THR A 55 -0.38 5.52 13.87
CA THR A 55 0.80 5.11 14.64
C THR A 55 0.74 5.52 16.12
N THR A 56 -0.42 6.03 16.56
CA THR A 56 -0.61 6.39 17.98
C THR A 56 -1.62 5.47 18.68
N LYS A 57 -2.30 4.63 17.90
CA LYS A 57 -3.26 3.66 18.43
C LYS A 57 -2.99 2.25 17.87
N ALA A 58 -2.96 1.25 18.75
CA ALA A 58 -2.68 -0.13 18.35
C ALA A 58 -3.88 -0.81 17.68
N GLY A 59 -3.64 -1.48 16.55
CA GLY A 59 -4.70 -2.15 15.82
C GLY A 59 -4.27 -2.61 14.44
N THR A 60 -5.18 -3.24 13.70
CA THR A 60 -4.88 -3.75 12.36
C THR A 60 -5.56 -2.93 11.26
N TYR A 61 -4.77 -2.38 10.35
CA TYR A 61 -5.27 -1.51 9.27
C TYR A 61 -5.09 -2.18 7.90
N VAL A 62 -6.19 -2.32 7.16
CA VAL A 62 -6.14 -2.93 5.83
C VAL A 62 -6.09 -1.88 4.72
N LEU A 63 -4.97 -1.85 3.99
CA LEU A 63 -4.75 -0.85 2.94
C LEU A 63 -5.00 -1.46 1.54
N THR A 64 -5.75 -0.75 0.71
CA THR A 64 -6.05 -1.19 -0.67
C THR A 64 -5.33 -0.31 -1.70
N TYR A 65 -4.59 -0.93 -2.61
CA TYR A 65 -3.88 -0.21 -3.67
C TYR A 65 -4.40 -0.63 -5.06
N THR A 66 -4.80 0.35 -5.86
CA THR A 66 -5.34 0.08 -7.21
C THR A 66 -4.63 0.90 -8.28
N VAL A 67 -4.05 0.22 -9.27
CA VAL A 67 -3.32 0.93 -10.34
C VAL A 67 -4.06 0.82 -11.69
N THR A 68 -4.03 1.90 -12.46
CA THR A 68 -4.73 1.95 -13.76
C THR A 68 -3.75 2.05 -14.94
N ASP A 69 -3.89 1.13 -15.89
CA ASP A 69 -3.09 1.14 -17.12
C ASP A 69 -3.71 2.08 -18.19
N SER A 70 -2.87 2.50 -19.15
CA SER A 70 -3.29 3.45 -20.19
C SER A 70 -4.48 2.95 -21.02
N LYS A 71 -4.56 1.64 -21.26
CA LYS A 71 -5.64 1.07 -22.08
C LYS A 71 -6.85 0.67 -21.24
N GLY A 72 -6.88 1.14 -19.98
CA GLY A 72 -8.04 0.91 -19.12
C GLY A 72 -7.94 -0.36 -18.26
N HIS A 73 -6.77 -0.98 -18.22
CA HIS A 73 -6.57 -2.18 -17.40
C HIS A 73 -6.33 -1.80 -15.92
N GLU A 74 -7.33 -2.06 -15.09
CA GLU A 74 -7.28 -1.67 -13.68
C GLU A 74 -7.19 -2.91 -12.76
N VAL A 75 -6.17 -2.94 -11.90
CA VAL A 75 -5.97 -4.05 -10.96
C VAL A 75 -5.73 -3.54 -9.53
N THR A 76 -6.07 -4.35 -8.53
CA THR A 76 -5.97 -3.94 -7.12
C THR A 76 -5.38 -5.05 -6.22
N ALA A 77 -4.76 -4.64 -5.13
CA ALA A 77 -4.19 -5.56 -4.13
C ALA A 77 -4.26 -4.95 -2.72
N LYS A 78 -4.14 -5.79 -1.69
CA LYS A 78 -4.27 -5.32 -0.28
C LYS A 78 -3.03 -5.63 0.57
N GLN A 79 -2.88 -4.84 1.65
CA GLN A 79 -1.79 -5.01 2.63
C GLN A 79 -2.37 -5.00 4.05
N THR A 80 -2.02 -6.02 4.85
CA THR A 80 -2.48 -6.11 6.24
C THR A 80 -1.42 -5.56 7.22
N VAL A 81 -1.64 -4.36 7.74
CA VAL A 81 -0.70 -3.73 8.68
C VAL A 81 -1.17 -3.90 10.14
N THR A 82 -0.27 -4.33 11.02
CA THR A 82 -0.61 -4.51 12.44
C THR A 82 0.29 -3.66 13.34
N VAL A 83 -0.33 -2.74 14.08
CA VAL A 83 0.39 -1.84 15.00
C VAL A 83 0.31 -2.36 16.45
N LYS A 84 1.47 -2.55 17.09
CA LYS A 84 1.53 -3.09 18.46
C LYS A 84 2.05 -2.07 19.47
N VAL A 85 1.64 -2.20 20.73
CA VAL A 85 2.00 -1.24 21.80
C VAL A 85 3.44 -1.49 22.34
N ARG A 86 4.04 -0.45 22.92
CA ARG A 86 5.33 -0.56 23.60
C ARG A 86 5.15 -0.93 25.09
N GLU A 87 6.25 -1.01 25.83
CA GLU A 87 6.21 -1.33 27.25
C GLU A 87 6.45 -0.10 28.13
N GLU A 88 6.97 0.96 27.52
CA GLU A 88 7.33 2.17 28.24
C GLU A 88 6.17 3.18 28.27
N VAL A 89 5.95 3.81 29.42
CA VAL A 89 4.87 4.80 29.58
C VAL A 89 5.23 6.14 28.91
N LYS A 90 4.59 6.41 27.77
CA LYS A 90 4.82 7.66 27.03
C LYS A 90 3.67 8.66 27.22
N ASN A 91 4.02 9.90 27.56
CA ASN A 91 3.05 10.99 27.64
C ASN A 91 3.16 11.89 26.39
N ASP A 92 3.89 11.41 25.40
CA ASP A 92 4.16 12.16 24.16
C ASP A 92 2.89 12.36 23.32
N LYS A 93 2.11 13.38 23.66
CA LYS A 93 0.97 13.81 22.84
C LYS A 93 1.14 15.28 22.42
N PRO A 94 0.94 15.59 21.13
CA PRO A 94 1.11 16.97 20.62
C PRO A 94 0.12 17.97 21.22
N ILE A 95 0.64 18.98 21.92
CA ILE A 95 -0.20 20.00 22.57
C ILE A 95 -0.75 21.04 21.58
N LEU A 96 -0.85 20.67 20.31
CA LEU A 96 -1.34 21.56 19.26
C LEU A 96 -2.69 21.08 18.70
N GLU A 97 -3.25 21.84 17.76
CA GLU A 97 -4.56 21.52 17.18
C GLU A 97 -4.48 20.31 16.23
CA CA B . -0.55 -1.71 -20.89
N MET A 1 -5.46 0.04 -41.47
CA MET A 1 -5.14 -1.13 -40.62
C MET A 1 -5.53 -2.45 -41.30
N GLY A 2 -4.59 -3.38 -41.37
CA GLY A 2 -4.86 -4.71 -41.94
C GLY A 2 -5.25 -5.72 -40.87
N ASN A 3 -4.32 -5.98 -39.95
CA ASN A 3 -4.57 -6.83 -38.78
C ASN A 3 -4.00 -6.16 -37.52
N GLY A 4 -4.87 -5.62 -36.68
CA GLY A 4 -4.43 -4.95 -35.46
C GLY A 4 -3.92 -5.91 -34.39
N GLU A 5 -2.79 -6.56 -34.67
CA GLU A 5 -2.19 -7.50 -33.71
C GLU A 5 -1.37 -6.73 -32.65
N THR A 6 -1.93 -6.60 -31.46
CA THR A 6 -1.31 -5.88 -30.35
C THR A 6 -1.63 -6.56 -29.02
N SER A 7 -1.01 -6.10 -27.93
CA SER A 7 -1.20 -6.74 -26.62
C SER A 7 -0.93 -5.80 -25.44
N ASP A 8 -1.99 -5.24 -24.87
CA ASP A 8 -1.87 -4.51 -23.61
C ASP A 8 -2.04 -5.47 -22.43
N LEU A 9 -0.97 -5.65 -21.67
CA LEU A 9 -1.01 -6.47 -20.46
C LEU A 9 -1.38 -5.62 -19.25
N GLU A 10 -2.25 -6.13 -18.40
CA GLU A 10 -2.57 -5.50 -17.13
C GLU A 10 -1.28 -5.30 -16.28
N PRO A 11 -1.08 -4.09 -15.73
CA PRO A 11 0.18 -3.74 -15.04
C PRO A 11 0.47 -4.64 -13.82
N LYS A 12 1.76 -4.86 -13.56
CA LYS A 12 2.19 -5.66 -12.41
C LYS A 12 2.22 -4.81 -11.12
N LEU A 13 1.28 -5.06 -10.22
CA LEU A 13 1.18 -4.32 -8.96
C LEU A 13 1.86 -5.09 -7.81
N THR A 14 2.98 -4.55 -7.31
CA THR A 14 3.71 -5.18 -6.20
C THR A 14 3.16 -4.70 -4.84
N VAL A 15 2.48 -5.60 -4.13
CA VAL A 15 1.91 -5.30 -2.80
C VAL A 15 2.17 -6.43 -1.80
N PRO A 16 2.69 -6.12 -0.60
CA PRO A 16 2.91 -7.12 0.46
C PRO A 16 1.61 -7.55 1.17
N VAL A 17 1.61 -8.74 1.75
CA VAL A 17 0.39 -9.31 2.37
C VAL A 17 0.13 -8.76 3.78
N GLY A 18 1.19 -8.48 4.55
CA GLY A 18 1.00 -8.05 5.93
C GLY A 18 2.29 -7.63 6.64
N ALA A 19 2.20 -6.56 7.43
CA ALA A 19 3.33 -6.06 8.22
C ALA A 19 2.86 -5.60 9.60
N THR A 20 3.76 -5.67 10.59
CA THR A 20 3.45 -5.27 11.97
C THR A 20 4.53 -4.36 12.56
N ILE A 21 4.14 -3.16 13.01
CA ILE A 21 5.07 -2.17 13.57
C ILE A 21 4.65 -1.76 15.00
N HIS A 22 5.45 -0.91 15.64
CA HIS A 22 5.13 -0.42 16.99
C HIS A 22 4.68 1.05 17.00
N VAL A 23 4.02 1.46 18.09
CA VAL A 23 3.59 2.85 18.27
C VAL A 23 4.78 3.83 18.28
N GLY A 24 4.70 4.85 17.42
CA GLY A 24 5.78 5.83 17.31
C GLY A 24 6.65 5.63 16.08
N ASP A 25 6.37 4.58 15.29
CA ASP A 25 7.12 4.30 14.06
C ASP A 25 6.49 5.03 12.85
N SER A 26 7.01 4.79 11.65
CA SER A 26 6.50 5.45 10.43
C SER A 26 6.32 4.46 9.27
N PHE A 27 5.22 4.59 8.54
CA PHE A 27 4.89 3.69 7.42
C PHE A 27 4.63 4.49 6.14
N VAL A 28 5.21 4.06 5.01
CA VAL A 28 5.12 4.82 3.75
C VAL A 28 4.53 3.97 2.60
N PRO A 29 3.20 4.04 2.38
CA PRO A 29 2.52 3.25 1.34
C PRO A 29 2.96 3.60 -0.10
N MET A 30 3.37 4.85 -0.33
CA MET A 30 3.76 5.30 -1.67
C MET A 30 5.19 4.86 -2.04
N ALA A 31 5.92 4.29 -1.09
CA ALA A 31 7.28 3.80 -1.34
C ALA A 31 7.34 2.26 -1.29
N GLU A 32 6.59 1.67 -0.35
CA GLU A 32 6.59 0.22 -0.14
C GLU A 32 5.73 -0.52 -1.20
N VAL A 33 4.97 0.24 -1.99
CA VAL A 33 4.14 -0.35 -3.06
C VAL A 33 4.54 0.20 -4.45
N LEU A 34 4.86 -0.72 -5.38
CA LEU A 34 5.32 -0.34 -6.72
C LEU A 34 4.42 -0.93 -7.81
N ALA A 35 4.49 -0.38 -9.03
CA ALA A 35 3.71 -0.88 -10.17
C ALA A 35 4.46 -0.70 -11.49
N ILE A 36 4.68 -1.81 -12.21
CA ILE A 36 5.40 -1.79 -13.50
C ILE A 36 4.55 -2.41 -14.61
N ASP A 37 4.51 -1.76 -15.78
CA ASP A 37 3.73 -2.25 -16.92
C ASP A 37 4.63 -2.50 -18.15
N LYS A 38 4.23 -3.47 -18.98
CA LYS A 38 5.02 -3.85 -20.16
C LYS A 38 5.17 -2.70 -21.17
N GLU A 39 4.04 -2.22 -21.70
CA GLU A 39 4.07 -1.19 -22.76
C GLU A 39 4.16 0.22 -22.19
N ASP A 40 3.26 0.56 -21.27
CA ASP A 40 3.15 1.92 -20.74
C ASP A 40 4.41 2.30 -19.92
N GLY A 41 4.80 1.41 -19.00
CA GLY A 41 5.98 1.65 -18.19
C GLY A 41 5.69 1.64 -16.69
N ASP A 42 6.42 2.45 -15.94
CA ASP A 42 6.23 2.54 -14.49
C ASP A 42 4.90 3.24 -14.16
N LEU A 43 3.94 2.50 -13.62
CA LEU A 43 2.63 3.07 -13.25
C LEU A 43 2.51 3.24 -11.74
N THR A 44 3.64 3.22 -11.03
CA THR A 44 3.67 3.41 -9.57
C THR A 44 3.01 4.75 -9.17
N SER A 45 3.22 5.78 -9.99
CA SER A 45 2.63 7.10 -9.73
C SER A 45 1.11 7.10 -9.91
N LYS A 46 0.57 6.03 -10.49
CA LYS A 46 -0.88 5.93 -10.77
C LYS A 46 -1.61 5.07 -9.72
N ILE A 47 -0.88 4.61 -8.71
CA ILE A 47 -1.45 3.75 -7.67
C ILE A 47 -2.35 4.55 -6.70
N LYS A 48 -3.62 4.20 -6.65
CA LYS A 48 -4.57 4.81 -5.73
C LYS A 48 -4.51 4.13 -4.35
N VAL A 49 -4.08 4.88 -3.33
CA VAL A 49 -3.94 4.33 -1.98
C VAL A 49 -5.19 4.61 -1.11
N ASP A 50 -5.97 3.56 -0.87
CA ASP A 50 -7.19 3.66 -0.06
C ASP A 50 -6.94 3.11 1.36
N GLY A 51 -7.24 3.93 2.37
CA GLY A 51 -7.05 3.50 3.75
C GLY A 51 -5.94 4.26 4.47
N GLU A 52 -5.93 4.18 5.81
CA GLU A 52 -4.95 4.91 6.62
C GLU A 52 -4.62 4.15 7.92
N VAL A 53 -3.37 4.26 8.37
CA VAL A 53 -2.89 3.55 9.57
C VAL A 53 -2.38 4.54 10.64
N ASP A 54 -2.97 4.49 11.84
CA ASP A 54 -2.49 5.30 12.96
C ASP A 54 -1.18 4.72 13.53
N THR A 55 -0.21 5.57 13.81
CA THR A 55 1.05 5.14 14.45
C THR A 55 1.00 5.33 15.97
N THR A 56 -0.13 5.84 16.47
CA THR A 56 -0.34 6.06 17.91
C THR A 56 -1.46 5.18 18.46
N LYS A 57 -2.02 4.31 17.63
CA LYS A 57 -3.17 3.48 18.01
C LYS A 57 -2.89 1.98 17.76
N ALA A 58 -2.99 1.18 18.82
CA ALA A 58 -2.85 -0.27 18.70
C ALA A 58 -4.04 -0.90 17.96
N GLY A 59 -3.79 -1.43 16.76
CA GLY A 59 -4.85 -2.05 15.97
C GLY A 59 -4.38 -2.48 14.59
N THR A 60 -5.20 -3.27 13.90
CA THR A 60 -4.89 -3.74 12.53
C THR A 60 -5.69 -2.97 11.46
N TYR A 61 -4.98 -2.35 10.52
CA TYR A 61 -5.62 -1.64 9.41
C TYR A 61 -5.20 -2.24 8.05
N VAL A 62 -6.18 -2.67 7.26
CA VAL A 62 -5.92 -3.21 5.93
C VAL A 62 -6.01 -2.12 4.86
N LEU A 63 -4.90 -1.86 4.17
CA LEU A 63 -4.85 -0.82 3.13
C LEU A 63 -5.11 -1.43 1.74
N THR A 64 -5.71 -0.64 0.85
CA THR A 64 -6.03 -1.11 -0.52
C THR A 64 -5.24 -0.32 -1.56
N TYR A 65 -4.63 -1.02 -2.51
CA TYR A 65 -3.85 -0.37 -3.58
C TYR A 65 -4.38 -0.75 -4.96
N THR A 66 -4.89 0.23 -5.70
CA THR A 66 -5.46 -0.03 -7.03
C THR A 66 -4.79 0.83 -8.11
N VAL A 67 -4.24 0.19 -9.14
CA VAL A 67 -3.58 0.91 -10.24
C VAL A 67 -4.27 0.63 -11.59
N THR A 68 -4.44 1.70 -12.39
CA THR A 68 -5.18 1.59 -13.66
C THR A 68 -4.29 1.93 -14.87
N ASP A 69 -4.26 1.04 -15.86
CA ASP A 69 -3.52 1.24 -17.10
C ASP A 69 -4.24 2.27 -18.00
N SER A 70 -3.47 2.99 -18.83
CA SER A 70 -4.01 4.02 -19.71
C SER A 70 -5.02 3.47 -20.73
N LYS A 71 -4.89 2.20 -21.11
CA LYS A 71 -5.80 1.57 -22.07
C LYS A 71 -6.95 0.81 -21.38
N GLY A 72 -7.02 0.88 -20.05
CA GLY A 72 -8.17 0.35 -19.33
C GLY A 72 -7.97 -1.02 -18.66
N HIS A 73 -6.77 -1.30 -18.17
CA HIS A 73 -6.55 -2.50 -17.34
C HIS A 73 -6.28 -2.12 -15.89
N GLU A 74 -7.22 -2.44 -15.00
CA GLU A 74 -7.15 -2.03 -13.59
C GLU A 74 -6.98 -3.23 -12.65
N VAL A 75 -5.86 -3.24 -11.91
CA VAL A 75 -5.59 -4.32 -10.93
C VAL A 75 -5.50 -3.76 -9.50
N THR A 76 -5.77 -4.61 -8.51
CA THR A 76 -5.81 -4.15 -7.11
C THR A 76 -5.35 -5.23 -6.11
N ALA A 77 -4.70 -4.79 -5.04
CA ALA A 77 -4.22 -5.68 -3.97
C ALA A 77 -4.22 -4.98 -2.61
N LYS A 78 -4.55 -5.72 -1.56
CA LYS A 78 -4.61 -5.16 -0.19
C LYS A 78 -3.43 -5.62 0.69
N GLN A 79 -3.18 -4.86 1.75
CA GLN A 79 -2.09 -5.14 2.69
C GLN A 79 -2.58 -5.04 4.15
N THR A 80 -2.28 -6.05 4.96
CA THR A 80 -2.72 -6.08 6.36
C THR A 80 -1.64 -5.54 7.31
N VAL A 81 -1.83 -4.31 7.79
CA VAL A 81 -0.87 -3.67 8.70
C VAL A 81 -1.36 -3.70 10.16
N THR A 82 -0.47 -4.04 11.08
CA THR A 82 -0.82 -4.09 12.51
C THR A 82 0.14 -3.24 13.34
N VAL A 83 -0.41 -2.40 14.22
CA VAL A 83 0.39 -1.56 15.12
C VAL A 83 0.26 -2.04 16.57
N LYS A 84 1.41 -2.26 17.23
CA LYS A 84 1.44 -2.70 18.62
C LYS A 84 2.10 -1.65 19.53
N VAL A 85 1.72 -1.63 20.81
CA VAL A 85 2.26 -0.65 21.76
C VAL A 85 3.64 -1.09 22.29
N ARG A 86 4.52 -0.12 22.55
CA ARG A 86 5.84 -0.42 23.09
C ARG A 86 5.82 -0.58 24.62
N GLU A 87 6.83 -1.28 25.15
CA GLU A 87 6.92 -1.57 26.58
C GLU A 87 7.19 -0.32 27.42
N GLU A 88 6.60 -0.27 28.62
CA GLU A 88 6.89 0.77 29.60
C GLU A 88 7.68 0.20 30.78
N VAL A 89 8.72 0.90 31.23
CA VAL A 89 9.58 0.41 32.31
C VAL A 89 9.00 0.74 33.70
N LYS A 90 9.69 0.29 34.75
CA LYS A 90 9.27 0.56 36.14
C LYS A 90 9.26 2.05 36.47
N ASN A 91 8.12 2.69 36.25
CA ASN A 91 7.96 4.13 36.53
C ASN A 91 7.37 4.35 37.94
N ASP A 92 7.37 5.60 38.37
CA ASP A 92 6.87 5.98 39.70
C ASP A 92 5.34 6.15 39.71
N LYS A 93 4.66 5.36 38.87
CA LYS A 93 3.21 5.46 38.68
C LYS A 93 2.79 6.89 38.28
N PRO A 94 3.07 7.30 37.04
CA PRO A 94 2.75 8.66 36.55
C PRO A 94 1.25 8.88 36.37
N ILE A 95 0.64 9.64 37.29
CA ILE A 95 -0.78 9.98 37.20
C ILE A 95 -1.00 11.05 36.12
N LEU A 96 -0.99 10.62 34.86
CA LEU A 96 -1.06 11.55 33.72
C LEU A 96 -2.46 12.12 33.52
N GLU A 97 -2.73 13.26 34.16
CA GLU A 97 -4.02 13.94 34.02
C GLU A 97 -3.90 15.13 33.05
CA CA B . -0.26 -2.34 -19.99
N MET A 1 -16.47 -4.98 -38.72
CA MET A 1 -15.47 -5.48 -37.74
C MET A 1 -14.16 -5.94 -38.41
N GLY A 2 -13.13 -5.12 -38.29
CA GLY A 2 -11.81 -5.46 -38.83
C GLY A 2 -10.68 -4.72 -38.13
N ASN A 3 -10.88 -4.40 -36.85
CA ASN A 3 -9.91 -3.63 -36.07
C ASN A 3 -8.64 -4.46 -35.78
N GLY A 4 -7.55 -4.14 -36.47
CA GLY A 4 -6.29 -4.86 -36.27
C GLY A 4 -5.52 -4.40 -35.04
N GLU A 5 -6.15 -4.46 -33.87
CA GLU A 5 -5.52 -4.04 -32.62
C GLU A 5 -5.12 -5.25 -31.76
N THR A 6 -3.99 -5.15 -31.09
CA THR A 6 -3.47 -6.27 -30.27
C THR A 6 -3.92 -6.18 -28.81
N SER A 7 -3.63 -7.22 -28.04
CA SER A 7 -4.03 -7.29 -26.62
C SER A 7 -2.96 -6.70 -25.70
N ASP A 8 -3.34 -5.69 -24.92
CA ASP A 8 -2.43 -5.06 -23.96
C ASP A 8 -2.16 -5.97 -22.76
N LEU A 9 -0.93 -5.93 -22.27
CA LEU A 9 -0.55 -6.69 -21.08
C LEU A 9 -0.83 -5.87 -19.82
N GLU A 10 -1.58 -6.47 -18.89
CA GLU A 10 -1.91 -5.83 -17.62
C GLU A 10 -0.65 -5.53 -16.79
N PRO A 11 -0.64 -4.42 -16.04
CA PRO A 11 0.54 -4.00 -15.27
C PRO A 11 0.74 -4.82 -13.99
N LYS A 12 2.00 -5.02 -13.60
CA LYS A 12 2.33 -5.76 -12.39
C LYS A 12 2.25 -4.86 -11.15
N LEU A 13 1.17 -5.02 -10.37
CA LEU A 13 1.01 -4.26 -9.14
C LEU A 13 1.62 -5.01 -7.95
N THR A 14 2.76 -4.53 -7.47
CA THR A 14 3.46 -5.15 -6.34
C THR A 14 2.97 -4.58 -5.00
N VAL A 15 2.27 -5.43 -4.23
CA VAL A 15 1.75 -5.04 -2.92
C VAL A 15 2.08 -6.10 -1.86
N PRO A 16 2.71 -5.70 -0.73
CA PRO A 16 3.06 -6.64 0.34
C PRO A 16 1.81 -7.15 1.10
N VAL A 17 1.79 -8.44 1.40
CA VAL A 17 0.62 -9.07 2.02
C VAL A 17 0.36 -8.53 3.44
N GLY A 18 1.42 -8.22 4.17
CA GLY A 18 1.26 -7.75 5.54
C GLY A 18 2.51 -7.05 6.10
N ALA A 19 2.32 -6.27 7.15
CA ALA A 19 3.42 -5.56 7.81
C ALA A 19 3.14 -5.35 9.30
N THR A 20 4.18 -5.13 10.09
CA THR A 20 4.03 -4.92 11.54
C THR A 20 4.86 -3.71 12.02
N ILE A 21 4.22 -2.76 12.69
CA ILE A 21 4.90 -1.58 13.25
C ILE A 21 4.54 -1.37 14.72
N HIS A 22 5.18 -0.39 15.37
CA HIS A 22 4.95 -0.13 16.79
C HIS A 22 4.46 1.31 17.05
N VAL A 23 4.06 1.58 18.28
CA VAL A 23 3.66 2.94 18.69
C VAL A 23 4.85 3.91 18.60
N GLY A 24 4.69 4.95 17.78
CA GLY A 24 5.78 5.90 17.54
C GLY A 24 6.57 5.60 16.26
N ASP A 25 6.16 4.55 15.55
CA ASP A 25 6.82 4.14 14.30
C ASP A 25 6.43 5.06 13.13
N SER A 26 7.00 4.81 11.96
CA SER A 26 6.68 5.58 10.74
C SER A 26 6.45 4.64 9.54
N PHE A 27 5.31 4.78 8.87
CA PHE A 27 4.95 3.88 7.75
C PHE A 27 4.57 4.68 6.50
N VAL A 28 5.10 4.26 5.35
CA VAL A 28 4.83 4.92 4.06
C VAL A 28 4.27 3.94 3.01
N PRO A 29 2.95 3.96 2.77
CA PRO A 29 2.28 3.06 1.81
C PRO A 29 2.78 3.22 0.36
N MET A 30 3.08 4.46 -0.05
CA MET A 30 3.51 4.73 -1.43
C MET A 30 5.00 4.36 -1.65
N ALA A 31 5.67 3.92 -0.60
CA ALA A 31 7.05 3.42 -0.73
C ALA A 31 7.05 1.89 -0.89
N GLU A 32 6.30 1.20 -0.03
CA GLU A 32 6.22 -0.27 -0.08
C GLU A 32 5.53 -0.78 -1.35
N VAL A 33 4.50 -0.07 -1.81
CA VAL A 33 3.74 -0.48 -2.99
C VAL A 33 4.38 0.03 -4.29
N LEU A 34 4.32 -0.78 -5.34
CA LEU A 34 4.94 -0.46 -6.63
C LEU A 34 4.05 -0.95 -7.80
N ALA A 35 4.12 -0.28 -8.95
CA ALA A 35 3.40 -0.74 -10.14
C ALA A 35 4.24 -0.59 -11.41
N ILE A 36 4.48 -1.70 -12.11
CA ILE A 36 5.31 -1.71 -13.32
C ILE A 36 4.61 -2.38 -14.50
N ASP A 37 4.43 -1.64 -15.59
CA ASP A 37 3.87 -2.22 -16.82
C ASP A 37 4.99 -2.46 -17.85
N LYS A 38 4.82 -3.47 -18.69
CA LYS A 38 5.85 -3.86 -19.66
C LYS A 38 6.05 -2.78 -20.75
N GLU A 39 4.98 -2.40 -21.45
CA GLU A 39 5.11 -1.44 -22.56
C GLU A 39 5.10 0.02 -22.07
N ASP A 40 4.09 0.39 -21.28
CA ASP A 40 3.89 1.80 -20.89
C ASP A 40 4.96 2.26 -19.89
N GLY A 41 5.42 1.35 -19.03
CA GLY A 41 6.48 1.67 -18.07
C GLY A 41 5.98 1.74 -16.62
N ASP A 42 6.56 2.65 -15.84
CA ASP A 42 6.21 2.80 -14.43
C ASP A 42 4.80 3.39 -14.26
N LEU A 43 3.93 2.68 -13.56
CA LEU A 43 2.56 3.14 -13.29
C LEU A 43 2.30 3.29 -11.78
N THR A 44 3.38 3.41 -11.01
CA THR A 44 3.29 3.54 -9.54
C THR A 44 2.53 4.81 -9.13
N SER A 45 2.79 5.90 -9.86
CA SER A 45 2.10 7.18 -9.62
C SER A 45 0.62 7.11 -10.04
N LYS A 46 0.23 6.02 -10.72
CA LYS A 46 -1.16 5.81 -11.13
C LYS A 46 -1.96 5.11 -10.02
N ILE A 47 -1.25 4.63 -8.99
CA ILE A 47 -1.89 3.92 -7.87
C ILE A 47 -2.63 4.87 -6.94
N LYS A 48 -3.96 4.72 -6.87
CA LYS A 48 -4.76 5.50 -5.93
C LYS A 48 -4.89 4.74 -4.59
N VAL A 49 -4.41 5.36 -3.52
CA VAL A 49 -4.35 4.73 -2.19
C VAL A 49 -5.55 5.12 -1.31
N ASP A 50 -6.12 4.14 -0.60
CA ASP A 50 -7.21 4.41 0.35
C ASP A 50 -6.93 3.72 1.70
N GLY A 51 -7.14 4.45 2.79
CA GLY A 51 -6.91 3.90 4.13
C GLY A 51 -6.02 4.78 4.99
N GLU A 52 -5.79 4.37 6.24
CA GLU A 52 -4.92 5.12 7.16
C GLU A 52 -4.54 4.29 8.40
N VAL A 53 -3.25 4.27 8.71
CA VAL A 53 -2.73 3.48 9.84
C VAL A 53 -2.31 4.39 11.02
N ASP A 54 -2.77 4.04 12.22
CA ASP A 54 -2.41 4.80 13.43
C ASP A 54 -1.09 4.33 14.03
N THR A 55 -0.30 5.27 14.54
CA THR A 55 0.98 4.94 15.19
C THR A 55 0.93 5.23 16.70
N THR A 56 -0.24 5.66 17.20
CA THR A 56 -0.41 5.92 18.65
C THR A 56 -1.21 4.80 19.34
N LYS A 57 -2.08 4.14 18.59
CA LYS A 57 -2.93 3.08 19.13
C LYS A 57 -2.67 1.74 18.42
N ALA A 58 -2.52 0.67 19.20
CA ALA A 58 -2.28 -0.66 18.64
C ALA A 58 -3.55 -1.20 17.94
N GLY A 59 -3.35 -1.92 16.83
CA GLY A 59 -4.48 -2.47 16.09
C GLY A 59 -4.12 -2.84 14.65
N THR A 60 -4.90 -3.75 14.06
CA THR A 60 -4.64 -4.20 12.69
C THR A 60 -5.54 -3.48 11.68
N TYR A 61 -4.92 -2.84 10.68
CA TYR A 61 -5.65 -2.08 9.65
C TYR A 61 -5.32 -2.60 8.24
N VAL A 62 -6.27 -2.49 7.31
CA VAL A 62 -6.06 -2.92 5.92
C VAL A 62 -6.07 -1.74 4.94
N LEU A 63 -5.00 -1.61 4.15
CA LEU A 63 -4.87 -0.54 3.16
C LEU A 63 -5.16 -1.06 1.74
N THR A 64 -5.84 -0.25 0.92
CA THR A 64 -6.21 -0.66 -0.44
C THR A 64 -5.46 0.15 -1.50
N TYR A 65 -5.02 -0.52 -2.57
CA TYR A 65 -4.26 0.11 -3.65
C TYR A 65 -4.83 -0.29 -5.03
N THR A 66 -5.23 0.69 -5.83
CA THR A 66 -5.80 0.42 -7.17
C THR A 66 -5.06 1.19 -8.27
N VAL A 67 -4.58 0.46 -9.28
CA VAL A 67 -3.89 1.06 -10.42
C VAL A 67 -4.59 0.72 -11.75
N THR A 68 -4.47 1.58 -12.75
CA THR A 68 -5.06 1.33 -14.08
C THR A 68 -4.07 1.60 -15.21
N ASP A 69 -3.98 0.65 -16.13
CA ASP A 69 -3.12 0.78 -17.32
C ASP A 69 -3.72 1.77 -18.32
N SER A 70 -2.84 2.42 -19.09
CA SER A 70 -3.27 3.41 -20.10
C SER A 70 -4.20 2.78 -21.15
N LYS A 71 -4.01 1.50 -21.45
CA LYS A 71 -4.84 0.80 -22.44
C LYS A 71 -6.12 0.22 -21.82
N GLY A 72 -6.32 0.43 -20.51
CA GLY A 72 -7.59 0.08 -19.87
C GLY A 72 -7.57 -1.23 -19.08
N HIS A 73 -6.45 -1.57 -18.45
CA HIS A 73 -6.40 -2.74 -17.55
C HIS A 73 -6.26 -2.31 -16.08
N GLU A 74 -7.29 -2.54 -15.28
CA GLU A 74 -7.31 -2.12 -13.88
C GLU A 74 -6.96 -3.27 -12.92
N VAL A 75 -6.00 -3.04 -12.02
CA VAL A 75 -5.57 -4.04 -11.05
C VAL A 75 -5.61 -3.45 -9.61
N THR A 76 -6.12 -4.23 -8.65
CA THR A 76 -6.23 -3.75 -7.25
C THR A 76 -5.76 -4.81 -6.23
N ALA A 77 -5.14 -4.35 -5.15
CA ALA A 77 -4.62 -5.23 -4.09
C ALA A 77 -4.68 -4.57 -2.70
N LYS A 78 -4.58 -5.38 -1.64
CA LYS A 78 -4.64 -4.87 -0.26
C LYS A 78 -3.40 -5.26 0.57
N GLN A 79 -3.11 -4.46 1.60
CA GLN A 79 -1.99 -4.72 2.52
C GLN A 79 -2.46 -4.65 3.98
N THR A 80 -2.20 -5.70 4.75
CA THR A 80 -2.62 -5.75 6.17
C THR A 80 -1.47 -5.29 7.11
N VAL A 81 -1.63 -4.11 7.71
CA VAL A 81 -0.62 -3.56 8.63
C VAL A 81 -1.08 -3.66 10.10
N THR A 82 -0.29 -4.34 10.93
CA THR A 82 -0.61 -4.49 12.35
C THR A 82 0.28 -3.60 13.24
N VAL A 83 -0.36 -2.74 14.02
CA VAL A 83 0.35 -1.84 14.96
C VAL A 83 0.34 -2.42 16.38
N LYS A 84 1.48 -2.37 17.07
CA LYS A 84 1.59 -2.88 18.44
C LYS A 84 2.27 -1.87 19.39
N VAL A 85 1.98 -1.99 20.68
CA VAL A 85 2.55 -1.08 21.69
C VAL A 85 3.98 -1.50 22.07
N ARG A 86 4.83 -0.52 22.37
CA ARG A 86 6.22 -0.78 22.77
C ARG A 86 6.32 -1.10 24.27
N GLU A 87 7.52 -1.37 24.76
CA GLU A 87 7.72 -1.77 26.16
C GLU A 87 7.45 -0.63 27.16
N GLU A 88 6.28 -0.66 27.79
CA GLU A 88 5.95 0.30 28.86
C GLU A 88 6.13 -0.34 30.25
N VAL A 89 6.41 0.48 31.25
CA VAL A 89 6.75 -0.02 32.60
C VAL A 89 5.52 -0.12 33.52
N LYS A 90 5.77 -0.48 34.79
CA LYS A 90 4.70 -0.58 35.79
C LYS A 90 3.99 0.76 36.01
N ASN A 91 2.68 0.77 35.86
CA ASN A 91 1.87 1.96 36.13
C ASN A 91 1.53 2.06 37.63
N ASP A 92 2.57 2.24 38.46
CA ASP A 92 2.42 2.27 39.92
C ASP A 92 2.10 3.67 40.45
N LYS A 93 2.55 4.70 39.73
CA LYS A 93 2.40 6.10 40.16
C LYS A 93 0.95 6.43 40.61
N PRO A 94 0.74 6.67 41.92
CA PRO A 94 -0.60 6.81 42.52
C PRO A 94 -1.19 8.24 42.43
N ILE A 95 -2.52 8.30 42.29
CA ILE A 95 -3.28 9.56 42.28
C ILE A 95 -2.84 10.52 41.16
N LEU A 96 -3.42 10.33 39.97
CA LEU A 96 -3.13 11.20 38.82
C LEU A 96 -3.98 10.80 37.59
N GLU A 97 -4.34 11.80 36.78
CA GLU A 97 -5.09 11.55 35.53
C GLU A 97 -4.23 10.79 34.50
CA CA B . 0.28 -2.53 -20.43
N MET A 1 1.06 -6.68 -42.17
CA MET A 1 0.25 -7.92 -41.95
C MET A 1 1.15 -9.13 -41.63
N GLY A 2 0.52 -10.29 -41.43
CA GLY A 2 1.26 -11.51 -41.14
C GLY A 2 1.59 -11.67 -39.66
N ASN A 3 2.45 -10.80 -39.14
CA ASN A 3 2.84 -10.84 -37.73
C ASN A 3 1.94 -9.94 -36.87
N GLY A 4 1.73 -10.32 -35.60
CA GLY A 4 0.93 -9.50 -34.69
C GLY A 4 1.26 -9.76 -33.23
N GLU A 5 0.33 -10.38 -32.50
CA GLU A 5 0.53 -10.76 -31.09
C GLU A 5 0.56 -9.55 -30.13
N THR A 6 0.65 -8.34 -30.67
CA THR A 6 0.82 -7.13 -29.85
C THR A 6 -0.46 -6.79 -29.06
N SER A 7 -0.43 -7.08 -27.75
CA SER A 7 -1.58 -6.81 -26.87
C SER A 7 -1.14 -6.09 -25.59
N ASP A 8 -2.09 -5.41 -24.93
CA ASP A 8 -1.82 -4.74 -23.65
C ASP A 8 -1.97 -5.73 -22.49
N LEU A 9 -0.92 -5.87 -21.71
CA LEU A 9 -0.94 -6.71 -20.50
C LEU A 9 -1.20 -5.85 -19.26
N GLU A 10 -2.07 -6.33 -18.37
CA GLU A 10 -2.32 -5.65 -17.09
C GLU A 10 -1.01 -5.47 -16.29
N PRO A 11 -0.84 -4.30 -15.64
CA PRO A 11 0.43 -3.96 -14.97
C PRO A 11 0.73 -4.80 -13.72
N LYS A 12 2.01 -4.89 -13.37
CA LYS A 12 2.44 -5.62 -12.17
C LYS A 12 2.41 -4.72 -10.93
N LEU A 13 1.40 -4.93 -10.08
CA LEU A 13 1.27 -4.20 -8.82
C LEU A 13 1.88 -4.99 -7.66
N THR A 14 3.04 -4.53 -7.15
CA THR A 14 3.71 -5.21 -6.03
C THR A 14 3.17 -4.72 -4.68
N VAL A 15 2.47 -5.61 -3.97
CA VAL A 15 1.89 -5.29 -2.66
C VAL A 15 2.10 -6.43 -1.66
N PRO A 16 2.60 -6.12 -0.44
CA PRO A 16 2.75 -7.12 0.62
C PRO A 16 1.41 -7.47 1.27
N VAL A 17 1.24 -8.74 1.65
CA VAL A 17 -0.04 -9.19 2.23
C VAL A 17 -0.17 -8.78 3.70
N GLY A 18 0.96 -8.64 4.39
CA GLY A 18 0.95 -8.25 5.80
C GLY A 18 2.24 -7.59 6.27
N ALA A 19 2.11 -6.51 7.04
CA ALA A 19 3.27 -5.80 7.61
C ALA A 19 3.06 -5.56 9.11
N THR A 20 4.15 -5.33 9.84
CA THR A 20 4.07 -5.14 11.31
C THR A 20 4.91 -3.95 11.79
N ILE A 21 4.30 -3.06 12.57
CA ILE A 21 5.00 -1.90 13.15
C ILE A 21 4.56 -1.66 14.61
N HIS A 22 5.17 -0.69 15.27
CA HIS A 22 4.82 -0.35 16.66
C HIS A 22 4.45 1.13 16.80
N VAL A 23 3.83 1.48 17.92
CA VAL A 23 3.52 2.87 18.23
C VAL A 23 4.80 3.72 18.30
N GLY A 24 4.96 4.62 17.33
CA GLY A 24 6.17 5.43 17.22
C GLY A 24 6.90 5.21 15.91
N ASP A 25 6.73 4.04 15.31
CA ASP A 25 7.36 3.71 14.03
C ASP A 25 6.76 4.53 12.87
N SER A 26 7.46 4.56 11.74
CA SER A 26 7.02 5.33 10.57
C SER A 26 6.83 4.42 9.35
N PHE A 27 5.61 4.41 8.80
CA PHE A 27 5.27 3.55 7.67
C PHE A 27 4.86 4.39 6.45
N VAL A 28 5.50 4.15 5.30
CA VAL A 28 5.19 4.89 4.07
C VAL A 28 4.60 3.96 2.99
N PRO A 29 3.26 3.97 2.81
CA PRO A 29 2.57 3.09 1.85
C PRO A 29 3.12 3.21 0.41
N MET A 30 3.29 4.44 -0.07
CA MET A 30 3.71 4.66 -1.47
C MET A 30 5.22 4.43 -1.68
N ALA A 31 5.94 4.06 -0.63
CA ALA A 31 7.36 3.73 -0.75
C ALA A 31 7.55 2.22 -0.94
N GLU A 32 6.87 1.43 -0.11
CA GLU A 32 6.99 -0.04 -0.16
C GLU A 32 6.11 -0.65 -1.27
N VAL A 33 5.12 0.10 -1.75
CA VAL A 33 4.26 -0.37 -2.85
C VAL A 33 4.74 0.19 -4.20
N LEU A 34 4.65 -0.64 -5.24
CA LEU A 34 5.19 -0.28 -6.57
C LEU A 34 4.32 -0.87 -7.69
N ALA A 35 4.28 -0.20 -8.85
CA ALA A 35 3.56 -0.71 -10.02
C ALA A 35 4.30 -0.41 -11.33
N ILE A 36 4.64 -1.48 -12.07
CA ILE A 36 5.33 -1.36 -13.36
C ILE A 36 4.57 -2.13 -14.45
N ASP A 37 4.59 -1.59 -15.66
CA ASP A 37 3.87 -2.19 -16.78
C ASP A 37 4.81 -2.43 -17.98
N LYS A 38 4.50 -3.48 -18.75
CA LYS A 38 5.33 -3.87 -19.90
C LYS A 38 5.49 -2.74 -20.93
N GLU A 39 4.37 -2.28 -21.49
CA GLU A 39 4.42 -1.26 -22.55
C GLU A 39 4.49 0.17 -21.97
N ASP A 40 3.54 0.51 -21.09
CA ASP A 40 3.40 1.89 -20.61
C ASP A 40 4.56 2.30 -19.69
N GLY A 41 4.96 1.41 -18.80
CA GLY A 41 6.06 1.70 -17.89
C GLY A 41 5.61 1.89 -16.44
N ASP A 42 6.08 2.98 -15.81
CA ASP A 42 5.76 3.24 -14.40
C ASP A 42 4.30 3.65 -14.23
N LEU A 43 3.52 2.82 -13.57
CA LEU A 43 2.15 3.16 -13.20
C LEU A 43 2.03 3.33 -11.68
N THR A 44 3.19 3.40 -11.01
CA THR A 44 3.26 3.63 -9.56
C THR A 44 2.61 4.97 -9.18
N SER A 45 2.65 5.93 -10.12
CA SER A 45 1.98 7.23 -9.94
C SER A 45 0.45 7.09 -10.00
N LYS A 46 -0.02 6.04 -10.68
CA LYS A 46 -1.47 5.80 -10.84
C LYS A 46 -2.08 5.12 -9.61
N ILE A 47 -1.22 4.59 -8.73
CA ILE A 47 -1.68 3.88 -7.54
C ILE A 47 -2.44 4.78 -6.56
N LYS A 48 -3.72 4.51 -6.37
CA LYS A 48 -4.52 5.20 -5.34
C LYS A 48 -4.63 4.35 -4.08
N VAL A 49 -4.24 4.93 -2.95
CA VAL A 49 -4.22 4.22 -1.66
C VAL A 49 -5.49 4.51 -0.85
N ASP A 50 -6.33 3.49 -0.69
CA ASP A 50 -7.54 3.60 0.12
C ASP A 50 -7.33 3.01 1.52
N GLY A 51 -7.77 3.73 2.55
CA GLY A 51 -7.55 3.30 3.93
C GLY A 51 -6.52 4.16 4.66
N GLU A 52 -6.39 3.95 5.97
CA GLU A 52 -5.48 4.76 6.78
C GLU A 52 -4.81 3.92 7.89
N VAL A 53 -3.59 4.30 8.25
CA VAL A 53 -2.83 3.61 9.32
C VAL A 53 -2.35 4.61 10.38
N ASP A 54 -2.81 4.44 11.61
CA ASP A 54 -2.37 5.29 12.73
C ASP A 54 -1.10 4.75 13.39
N THR A 55 -0.15 5.65 13.68
CA THR A 55 1.11 5.27 14.35
C THR A 55 1.04 5.56 15.85
N THR A 56 0.03 6.33 16.26
CA THR A 56 -0.17 6.68 17.67
C THR A 56 -1.14 5.70 18.36
N LYS A 57 -2.05 5.10 17.58
CA LYS A 57 -3.00 4.13 18.11
C LYS A 57 -2.78 2.76 17.46
N ALA A 58 -2.73 1.71 18.29
CA ALA A 58 -2.45 0.35 17.80
C ALA A 58 -3.71 -0.39 17.32
N GLY A 59 -3.53 -1.20 16.29
CA GLY A 59 -4.62 -1.96 15.72
C GLY A 59 -4.28 -2.49 14.33
N THR A 60 -5.19 -3.27 13.73
CA THR A 60 -4.97 -3.78 12.38
C THR A 60 -5.64 -2.88 11.33
N TYR A 61 -4.85 -2.36 10.40
CA TYR A 61 -5.35 -1.46 9.37
C TYR A 61 -5.07 -2.01 7.97
N VAL A 62 -6.14 -2.24 7.19
CA VAL A 62 -6.01 -2.77 5.83
C VAL A 62 -5.91 -1.63 4.80
N LEU A 63 -4.84 -1.62 4.02
CA LEU A 63 -4.64 -0.63 2.96
C LEU A 63 -4.89 -1.23 1.57
N THR A 64 -5.78 -0.60 0.80
CA THR A 64 -6.08 -1.05 -0.57
C THR A 64 -5.35 -0.20 -1.61
N TYR A 65 -4.63 -0.86 -2.51
CA TYR A 65 -3.90 -0.16 -3.58
C TYR A 65 -4.49 -0.49 -4.95
N THR A 66 -5.07 0.51 -5.61
CA THR A 66 -5.67 0.31 -6.94
C THR A 66 -4.91 1.07 -8.03
N VAL A 67 -4.48 0.35 -9.07
CA VAL A 67 -3.76 0.96 -10.18
C VAL A 67 -4.38 0.56 -11.54
N THR A 68 -4.57 1.54 -12.42
CA THR A 68 -5.15 1.28 -13.75
C THR A 68 -4.17 1.59 -14.87
N ASP A 69 -4.11 0.71 -15.88
CA ASP A 69 -3.29 0.94 -17.07
C ASP A 69 -3.97 2.00 -17.95
N SER A 70 -3.17 2.73 -18.71
CA SER A 70 -3.68 3.80 -19.59
C SER A 70 -4.72 3.26 -20.58
N LYS A 71 -4.57 2.00 -21.02
CA LYS A 71 -5.51 1.41 -21.99
C LYS A 71 -6.67 0.66 -21.31
N GLY A 72 -6.77 0.76 -19.98
CA GLY A 72 -7.98 0.28 -19.28
C GLY A 72 -7.85 -1.08 -18.58
N HIS A 73 -6.69 -1.39 -18.02
CA HIS A 73 -6.54 -2.61 -17.20
C HIS A 73 -6.36 -2.27 -15.71
N GLU A 74 -7.37 -2.58 -14.90
CA GLU A 74 -7.34 -2.24 -13.46
C GLU A 74 -6.87 -3.42 -12.60
N VAL A 75 -5.88 -3.16 -11.73
CA VAL A 75 -5.38 -4.16 -10.78
C VAL A 75 -5.41 -3.58 -9.35
N THR A 76 -5.98 -4.32 -8.40
CA THR A 76 -6.11 -3.83 -7.02
C THR A 76 -5.77 -4.92 -5.99
N ALA A 77 -4.89 -4.57 -5.05
CA ALA A 77 -4.43 -5.51 -4.00
C ALA A 77 -4.41 -4.83 -2.63
N LYS A 78 -4.47 -5.61 -1.55
CA LYS A 78 -4.56 -5.05 -0.19
C LYS A 78 -3.41 -5.50 0.72
N GLN A 79 -3.16 -4.72 1.78
CA GLN A 79 -2.10 -5.03 2.75
C GLN A 79 -2.63 -4.96 4.19
N THR A 80 -2.39 -6.01 4.97
CA THR A 80 -2.75 -6.03 6.39
C THR A 80 -1.64 -5.44 7.26
N VAL A 81 -1.83 -4.20 7.73
CA VAL A 81 -0.83 -3.54 8.57
C VAL A 81 -1.18 -3.69 10.06
N THR A 82 -0.41 -4.51 10.77
CA THR A 82 -0.64 -4.75 12.20
C THR A 82 0.23 -3.81 13.07
N VAL A 83 -0.40 -2.84 13.73
CA VAL A 83 0.30 -1.94 14.65
C VAL A 83 0.21 -2.45 16.10
N LYS A 84 1.36 -2.61 16.74
CA LYS A 84 1.42 -3.17 18.11
C LYS A 84 1.94 -2.16 19.13
N VAL A 85 1.44 -2.24 20.36
CA VAL A 85 1.84 -1.31 21.44
C VAL A 85 3.11 -1.78 22.15
N ARG A 86 3.94 -0.82 22.56
CA ARG A 86 5.06 -1.10 23.47
C ARG A 86 4.62 -0.85 24.91
N GLU A 87 5.00 -1.74 25.82
CA GLU A 87 4.59 -1.64 27.23
C GLU A 87 5.40 -0.59 28.00
N GLU A 88 5.73 0.51 27.33
CA GLU A 88 6.51 1.59 27.92
C GLU A 88 5.78 2.94 27.77
N VAL A 89 5.08 3.36 28.82
CA VAL A 89 4.35 4.64 28.79
C VAL A 89 5.32 5.84 28.86
N LYS A 90 5.98 6.10 27.73
CA LYS A 90 7.02 7.13 27.67
C LYS A 90 7.00 7.89 26.33
N ASN A 91 7.03 9.22 26.41
CA ASN A 91 7.27 10.06 25.23
C ASN A 91 8.62 10.78 25.37
N ASP A 92 9.26 11.11 24.25
CA ASP A 92 10.54 11.84 24.30
C ASP A 92 10.31 13.35 24.55
N LYS A 93 9.30 13.64 25.37
CA LYS A 93 8.92 15.02 25.73
C LYS A 93 8.37 15.81 24.51
N PRO A 94 7.44 16.77 24.76
CA PRO A 94 6.85 17.59 23.68
C PRO A 94 7.92 18.36 22.88
N ILE A 95 7.55 18.80 21.67
CA ILE A 95 8.48 19.53 20.81
C ILE A 95 8.88 20.88 21.44
N LEU A 96 10.00 20.87 22.17
CA LEU A 96 10.49 22.07 22.83
C LEU A 96 11.14 23.04 21.83
N GLU A 97 10.89 24.33 22.01
CA GLU A 97 11.40 25.35 21.09
C GLU A 97 12.60 26.08 21.72
CA CA B . 0.06 -2.67 -20.02
N MET A 1 1.47 -4.00 -45.59
CA MET A 1 0.04 -4.39 -45.69
C MET A 1 -0.38 -5.29 -44.52
N GLY A 2 -1.69 -5.51 -44.37
CA GLY A 2 -2.20 -6.37 -43.32
C GLY A 2 -2.33 -5.66 -41.97
N ASN A 3 -2.95 -6.35 -40.99
CA ASN A 3 -3.09 -5.81 -39.63
C ASN A 3 -2.33 -6.66 -38.61
N GLY A 4 -1.22 -6.14 -38.10
CA GLY A 4 -0.48 -6.83 -37.06
C GLY A 4 -1.18 -6.76 -35.69
N GLU A 5 -1.69 -7.89 -35.22
CA GLU A 5 -2.41 -7.95 -33.94
C GLU A 5 -1.49 -7.54 -32.78
N THR A 6 -1.85 -6.45 -32.11
CA THR A 6 -1.13 -5.98 -30.92
C THR A 6 -1.73 -6.60 -29.64
N SER A 7 -1.15 -6.27 -28.49
CA SER A 7 -1.62 -6.83 -27.21
C SER A 7 -1.68 -5.76 -26.12
N ASP A 8 -2.77 -5.73 -25.36
CA ASP A 8 -2.84 -4.91 -24.16
C ASP A 8 -2.54 -5.76 -22.92
N LEU A 9 -1.41 -5.48 -22.29
CA LEU A 9 -1.01 -6.19 -21.08
C LEU A 9 -1.50 -5.47 -19.82
N GLU A 10 -1.99 -6.23 -18.86
CA GLU A 10 -2.37 -5.69 -17.55
C GLU A 10 -1.11 -5.51 -16.67
N PRO A 11 -1.06 -4.43 -15.87
CA PRO A 11 0.15 -4.09 -15.10
C PRO A 11 0.42 -5.04 -13.92
N LYS A 12 1.71 -5.26 -13.64
CA LYS A 12 2.11 -6.04 -12.47
C LYS A 12 2.14 -5.16 -11.22
N LEU A 13 1.13 -5.30 -10.37
CA LEU A 13 1.08 -4.59 -9.10
C LEU A 13 1.77 -5.41 -8.00
N THR A 14 2.63 -4.76 -7.23
CA THR A 14 3.37 -5.43 -6.15
C THR A 14 3.08 -4.78 -4.79
N VAL A 15 2.38 -5.50 -3.93
CA VAL A 15 2.02 -5.01 -2.61
C VAL A 15 2.40 -6.03 -1.53
N PRO A 16 3.02 -5.59 -0.41
CA PRO A 16 3.38 -6.49 0.70
C PRO A 16 2.14 -7.06 1.40
N VAL A 17 2.09 -8.39 1.53
CA VAL A 17 0.91 -9.07 2.07
C VAL A 17 0.62 -8.71 3.54
N GLY A 18 1.66 -8.27 4.25
CA GLY A 18 1.49 -7.88 5.66
C GLY A 18 2.70 -7.17 6.24
N ALA A 19 2.46 -6.35 7.26
CA ALA A 19 3.53 -5.62 7.96
C ALA A 19 3.15 -5.37 9.43
N THR A 20 4.15 -5.19 10.28
CA THR A 20 3.91 -4.95 11.72
C THR A 20 4.75 -3.79 12.24
N ILE A 21 4.10 -2.82 12.88
CA ILE A 21 4.79 -1.66 13.45
C ILE A 21 4.39 -1.42 14.92
N HIS A 22 5.00 -0.43 15.57
CA HIS A 22 4.68 -0.13 16.97
C HIS A 22 4.08 1.28 17.14
N VAL A 23 3.52 1.53 18.31
CA VAL A 23 3.02 2.86 18.66
C VAL A 23 4.17 3.86 18.79
N GLY A 24 4.21 4.81 17.87
CA GLY A 24 5.35 5.73 17.76
C GLY A 24 6.20 5.46 16.52
N ASP A 25 5.83 4.44 15.76
CA ASP A 25 6.55 4.07 14.52
C ASP A 25 6.19 5.05 13.38
N SER A 26 6.58 4.70 12.15
CA SER A 26 6.25 5.51 10.97
C SER A 26 6.13 4.62 9.72
N PHE A 27 5.10 4.86 8.90
CA PHE A 27 4.81 4.01 7.74
C PHE A 27 4.41 4.82 6.50
N VAL A 28 5.09 4.58 5.38
CA VAL A 28 4.80 5.29 4.11
C VAL A 28 4.19 4.34 3.05
N PRO A 29 2.86 4.40 2.86
CA PRO A 29 2.15 3.55 1.87
C PRO A 29 2.74 3.64 0.44
N MET A 30 3.07 4.85 0.01
CA MET A 30 3.56 5.08 -1.36
C MET A 30 5.05 4.69 -1.54
N ALA A 31 5.67 4.14 -0.48
CA ALA A 31 7.06 3.66 -0.57
C ALA A 31 7.14 2.13 -0.54
N GLU A 32 6.05 1.47 -0.15
CA GLU A 32 6.04 0.01 0.01
C GLU A 32 5.47 -0.72 -1.22
N VAL A 33 4.94 0.03 -2.18
CA VAL A 33 4.25 -0.57 -3.35
C VAL A 33 4.89 -0.16 -4.68
N LEU A 34 4.71 -1.00 -5.71
CA LEU A 34 5.31 -0.75 -7.03
C LEU A 34 4.43 -1.36 -8.15
N ALA A 35 4.35 -0.69 -9.31
CA ALA A 35 3.52 -1.18 -10.44
C ALA A 35 4.15 -0.88 -11.81
N ILE A 36 4.21 -1.90 -12.68
CA ILE A 36 4.80 -1.76 -14.02
C ILE A 36 3.93 -2.42 -15.11
N ASP A 37 3.78 -1.73 -16.25
CA ASP A 37 3.20 -2.33 -17.46
C ASP A 37 4.27 -2.35 -18.57
N LYS A 38 4.31 -3.42 -19.36
CA LYS A 38 5.32 -3.57 -20.41
C LYS A 38 5.09 -2.60 -21.58
N GLU A 39 3.83 -2.23 -21.83
CA GLU A 39 3.51 -1.32 -22.93
C GLU A 39 3.69 0.16 -22.54
N ASP A 40 3.21 0.52 -21.34
CA ASP A 40 3.19 1.92 -20.89
C ASP A 40 4.45 2.26 -20.09
N GLY A 41 5.01 1.27 -19.39
CA GLY A 41 6.22 1.47 -18.60
C GLY A 41 5.94 1.52 -17.10
N ASP A 42 6.55 2.48 -16.42
CA ASP A 42 6.35 2.64 -14.98
C ASP A 42 4.95 3.17 -14.65
N LEU A 43 4.22 2.46 -13.81
CA LEU A 43 2.88 2.89 -13.38
C LEU A 43 2.81 3.09 -11.85
N THR A 44 3.96 2.99 -11.18
CA THR A 44 4.01 3.15 -9.71
C THR A 44 3.49 4.53 -9.28
N SER A 45 3.85 5.56 -10.05
CA SER A 45 3.35 6.92 -9.81
C SER A 45 1.83 7.04 -10.03
N LYS A 46 1.24 6.02 -10.67
CA LYS A 46 -0.19 6.01 -10.98
C LYS A 46 -1.00 5.18 -9.96
N ILE A 47 -0.34 4.71 -8.90
CA ILE A 47 -1.00 3.90 -7.87
C ILE A 47 -1.80 4.78 -6.88
N LYS A 48 -3.10 4.58 -6.84
CA LYS A 48 -3.98 5.30 -5.90
C LYS A 48 -4.14 4.50 -4.59
N VAL A 49 -4.07 5.20 -3.45
CA VAL A 49 -4.15 4.56 -2.14
C VAL A 49 -5.48 4.88 -1.43
N ASP A 50 -6.05 3.88 -0.76
CA ASP A 50 -7.24 4.08 0.08
C ASP A 50 -7.05 3.42 1.45
N GLY A 51 -7.24 4.20 2.51
CA GLY A 51 -6.96 3.71 3.87
C GLY A 51 -5.64 4.26 4.42
N GLU A 52 -5.53 4.37 5.74
CA GLU A 52 -4.34 4.95 6.37
C GLU A 52 -4.12 4.40 7.79
N VAL A 53 -2.85 4.22 8.16
CA VAL A 53 -2.49 3.65 9.47
C VAL A 53 -2.08 4.74 10.48
N ASP A 54 -2.60 4.65 11.69
CA ASP A 54 -2.13 5.50 12.79
C ASP A 54 -1.15 4.74 13.69
N THR A 55 -0.22 5.45 14.31
CA THR A 55 0.79 4.83 15.17
C THR A 55 0.51 5.14 16.65
N THR A 56 -0.76 5.34 17.00
CA THR A 56 -1.16 5.64 18.39
C THR A 56 -2.05 4.55 18.99
N LYS A 57 -2.81 3.86 18.14
CA LYS A 57 -3.75 2.83 18.60
C LYS A 57 -3.35 1.43 18.09
N ALA A 58 -3.13 0.49 19.02
CA ALA A 58 -2.72 -0.86 18.64
C ALA A 58 -3.83 -1.63 17.94
N GLY A 59 -3.75 -1.71 16.62
CA GLY A 59 -4.75 -2.43 15.84
C GLY A 59 -4.29 -2.74 14.44
N THR A 60 -5.03 -3.59 13.74
CA THR A 60 -4.70 -3.95 12.35
C THR A 60 -5.48 -3.10 11.34
N TYR A 61 -4.74 -2.42 10.47
CA TYR A 61 -5.33 -1.56 9.43
C TYR A 61 -4.98 -2.10 8.04
N VAL A 62 -5.99 -2.35 7.22
CA VAL A 62 -5.78 -2.89 5.87
C VAL A 62 -5.77 -1.78 4.80
N LEU A 63 -4.60 -1.53 4.22
CA LEU A 63 -4.44 -0.49 3.21
C LEU A 63 -4.73 -1.03 1.80
N THR A 64 -5.56 -0.31 1.05
CA THR A 64 -5.92 -0.71 -0.32
C THR A 64 -5.11 0.07 -1.36
N TYR A 65 -4.55 -0.65 -2.34
CA TYR A 65 -3.79 -0.03 -3.43
C TYR A 65 -4.39 -0.38 -4.79
N THR A 66 -4.54 0.61 -5.66
CA THR A 66 -5.18 0.42 -6.98
C THR A 66 -4.40 1.12 -8.10
N VAL A 67 -4.10 0.40 -9.18
CA VAL A 67 -3.39 0.99 -10.32
C VAL A 67 -4.17 0.80 -11.63
N THR A 68 -4.30 1.88 -12.40
CA THR A 68 -5.09 1.85 -13.64
C THR A 68 -4.19 1.93 -14.89
N ASP A 69 -4.29 0.91 -15.74
CA ASP A 69 -3.57 0.88 -17.02
C ASP A 69 -4.22 1.84 -18.02
N SER A 70 -3.41 2.39 -18.92
CA SER A 70 -3.86 3.43 -19.87
C SER A 70 -4.91 2.90 -20.86
N LYS A 71 -4.87 1.59 -21.12
CA LYS A 71 -5.84 0.96 -22.03
C LYS A 71 -7.06 0.39 -21.28
N GLY A 72 -7.06 0.45 -19.94
CA GLY A 72 -8.25 0.08 -19.18
C GLY A 72 -8.12 -1.20 -18.34
N HIS A 73 -6.90 -1.64 -18.04
CA HIS A 73 -6.70 -2.77 -17.12
C HIS A 73 -6.38 -2.27 -15.69
N GLU A 74 -7.37 -2.36 -14.80
CA GLU A 74 -7.22 -1.86 -13.43
C GLU A 74 -7.22 -3.01 -12.41
N VAL A 75 -6.09 -3.21 -11.73
CA VAL A 75 -5.95 -4.26 -10.72
C VAL A 75 -5.87 -3.68 -9.30
N THR A 76 -6.18 -4.51 -8.31
CA THR A 76 -6.21 -4.06 -6.90
C THR A 76 -5.53 -5.07 -5.96
N ALA A 77 -4.90 -4.55 -4.91
CA ALA A 77 -4.24 -5.38 -3.88
C ALA A 77 -4.28 -4.68 -2.52
N LYS A 78 -4.09 -5.45 -1.43
CA LYS A 78 -4.19 -4.88 -0.08
C LYS A 78 -3.02 -5.32 0.82
N GLN A 79 -2.77 -4.53 1.86
CA GLN A 79 -1.71 -4.82 2.83
C GLN A 79 -2.25 -4.72 4.27
N THR A 80 -2.05 -5.77 5.07
CA THR A 80 -2.49 -5.77 6.47
C THR A 80 -1.36 -5.31 7.42
N VAL A 81 -1.52 -4.11 8.00
CA VAL A 81 -0.52 -3.56 8.92
C VAL A 81 -1.01 -3.60 10.38
N THR A 82 -0.33 -4.38 11.21
CA THR A 82 -0.70 -4.51 12.63
C THR A 82 0.17 -3.63 13.53
N VAL A 83 -0.46 -2.77 14.32
CA VAL A 83 0.25 -1.89 15.26
C VAL A 83 0.28 -2.48 16.67
N LYS A 84 1.45 -2.46 17.31
CA LYS A 84 1.62 -2.96 18.68
C LYS A 84 2.14 -1.85 19.62
N VAL A 85 1.71 -1.86 20.88
CA VAL A 85 2.14 -0.82 21.82
C VAL A 85 3.54 -1.11 22.38
N ARG A 86 4.33 -0.05 22.59
CA ARG A 86 5.65 -0.19 23.21
C ARG A 86 5.52 -0.51 24.70
N GLU A 87 6.21 -1.57 25.13
CA GLU A 87 6.13 -2.04 26.53
C GLU A 87 6.42 -0.92 27.54
N GLU A 88 5.65 -0.91 28.62
CA GLU A 88 5.70 0.17 29.61
C GLU A 88 6.75 -0.09 30.70
N VAL A 89 7.49 0.95 31.06
CA VAL A 89 8.49 0.89 32.14
C VAL A 89 8.29 2.03 33.13
N LYS A 90 8.95 1.96 34.28
CA LYS A 90 8.91 3.07 35.25
C LYS A 90 9.57 4.32 34.66
N ASN A 91 8.84 5.44 34.64
CA ASN A 91 9.35 6.67 34.02
C ASN A 91 10.56 7.21 34.79
N ASP A 92 11.74 7.06 34.19
CA ASP A 92 12.98 7.54 34.79
C ASP A 92 13.53 8.77 34.05
N LYS A 93 13.86 9.81 34.81
CA LYS A 93 14.41 11.04 34.23
C LYS A 93 15.90 11.21 34.62
N PRO A 94 16.83 10.84 33.71
CA PRO A 94 18.27 10.98 33.95
C PRO A 94 18.77 12.42 33.76
N ILE A 95 20.08 12.60 33.65
CA ILE A 95 20.65 13.93 33.40
C ILE A 95 20.95 14.12 31.91
N LEU A 96 19.96 14.64 31.17
CA LEU A 96 20.10 14.88 29.73
C LEU A 96 21.13 15.99 29.47
N GLU A 97 22.35 15.58 29.12
CA GLU A 97 23.47 16.51 28.97
C GLU A 97 23.39 17.31 27.67
CA CA B . -1.87 -2.05 -20.78
N MET A 1 -5.02 0.72 -41.83
CA MET A 1 -3.94 0.19 -42.70
C MET A 1 -4.21 -1.26 -43.12
N GLY A 2 -4.08 -2.20 -42.20
CA GLY A 2 -4.32 -3.62 -42.50
C GLY A 2 -5.20 -4.31 -41.46
N ASN A 3 -4.63 -4.62 -40.31
CA ASN A 3 -5.37 -5.29 -39.24
C ASN A 3 -4.81 -4.95 -37.84
N GLY A 4 -3.57 -5.37 -37.57
CA GLY A 4 -2.97 -5.12 -36.26
C GLY A 4 -3.54 -6.01 -35.15
N GLU A 5 -2.96 -5.94 -33.95
CA GLU A 5 -3.44 -6.71 -32.81
C GLU A 5 -3.51 -5.83 -31.55
N THR A 6 -2.33 -5.49 -31.02
CA THR A 6 -2.21 -4.75 -29.75
C THR A 6 -2.83 -5.54 -28.58
N SER A 7 -2.01 -6.37 -27.95
CA SER A 7 -2.41 -7.07 -26.72
C SER A 7 -2.00 -6.27 -25.49
N ASP A 8 -2.96 -5.88 -24.66
CA ASP A 8 -2.69 -5.05 -23.50
C ASP A 8 -1.98 -5.83 -22.38
N LEU A 9 -0.77 -5.40 -22.06
CA LEU A 9 -0.02 -5.98 -20.94
C LEU A 9 -0.49 -5.37 -19.63
N GLU A 10 -1.05 -6.18 -18.74
CA GLU A 10 -1.55 -5.69 -17.45
C GLU A 10 -0.39 -5.46 -16.46
N PRO A 11 -0.42 -4.35 -15.70
CA PRO A 11 0.68 -3.97 -14.81
C PRO A 11 0.80 -4.86 -13.57
N LYS A 12 2.04 -5.17 -13.18
CA LYS A 12 2.30 -5.96 -11.98
C LYS A 12 2.29 -5.07 -10.73
N LEU A 13 1.24 -5.17 -9.94
CA LEU A 13 1.10 -4.40 -8.70
C LEU A 13 1.72 -5.16 -7.52
N THR A 14 2.85 -4.68 -7.00
CA THR A 14 3.52 -5.34 -5.87
C THR A 14 2.94 -4.86 -4.53
N VAL A 15 2.21 -5.74 -3.84
CA VAL A 15 1.61 -5.44 -2.54
C VAL A 15 1.68 -6.66 -1.61
N PRO A 16 2.34 -6.53 -0.43
CA PRO A 16 2.47 -7.64 0.52
C PRO A 16 1.16 -7.92 1.27
N VAL A 17 0.95 -9.18 1.66
CA VAL A 17 -0.26 -9.59 2.36
C VAL A 17 -0.40 -8.91 3.74
N GLY A 18 0.71 -8.76 4.45
CA GLY A 18 0.68 -8.17 5.78
C GLY A 18 2.00 -7.55 6.23
N ALA A 19 1.91 -6.63 7.19
CA ALA A 19 3.08 -5.96 7.75
C ALA A 19 2.82 -5.52 9.20
N THR A 20 3.78 -5.75 10.10
CA THR A 20 3.59 -5.39 11.51
C THR A 20 4.58 -4.31 11.96
N ILE A 21 4.05 -3.20 12.48
CA ILE A 21 4.87 -2.10 13.00
C ILE A 21 4.45 -1.74 14.44
N HIS A 22 5.15 -0.80 15.07
CA HIS A 22 4.84 -0.40 16.45
C HIS A 22 4.41 1.07 16.54
N VAL A 23 3.69 1.39 17.62
CA VAL A 23 3.27 2.76 17.90
C VAL A 23 4.48 3.71 17.94
N GLY A 24 4.54 4.63 16.96
CA GLY A 24 5.64 5.58 16.89
C GLY A 24 6.50 5.42 15.63
N ASP A 25 6.42 4.26 14.96
CA ASP A 25 7.20 4.01 13.74
C ASP A 25 6.66 4.76 12.53
N SER A 26 7.32 4.57 11.38
CA SER A 26 6.96 5.25 10.13
C SER A 26 6.66 4.25 9.01
N PHE A 27 5.79 4.63 8.08
CA PHE A 27 5.39 3.77 6.97
C PHE A 27 4.83 4.59 5.80
N VAL A 28 5.51 4.56 4.65
CA VAL A 28 5.09 5.33 3.47
C VAL A 28 4.64 4.41 2.33
N PRO A 29 3.32 4.20 2.18
CA PRO A 29 2.76 3.30 1.14
C PRO A 29 3.29 3.60 -0.27
N MET A 30 3.35 4.89 -0.64
CA MET A 30 3.76 5.29 -1.99
C MET A 30 5.29 5.23 -2.18
N ALA A 31 6.02 4.87 -1.13
CA ALA A 31 7.49 4.71 -1.23
C ALA A 31 7.90 3.24 -1.07
N GLU A 32 6.94 2.37 -0.72
CA GLU A 32 7.22 0.95 -0.49
C GLU A 32 6.38 0.04 -1.42
N VAL A 33 5.26 0.55 -1.92
CA VAL A 33 4.43 -0.17 -2.89
C VAL A 33 4.77 0.24 -4.33
N LEU A 34 4.64 -0.68 -5.28
CA LEU A 34 5.13 -0.46 -6.66
C LEU A 34 4.21 -1.12 -7.71
N ALA A 35 4.17 -0.55 -8.92
CA ALA A 35 3.41 -1.12 -10.04
C ALA A 35 4.06 -0.77 -11.39
N ILE A 36 4.39 -1.80 -12.18
CA ILE A 36 5.05 -1.59 -13.48
C ILE A 36 4.27 -2.21 -14.65
N ASP A 37 4.12 -1.45 -15.73
CA ASP A 37 3.59 -1.96 -17.00
C ASP A 37 4.67 -1.85 -18.09
N LYS A 38 4.93 -2.95 -18.80
CA LYS A 38 6.03 -3.00 -19.76
C LYS A 38 5.82 -2.06 -20.96
N GLU A 39 4.56 -1.78 -21.29
CA GLU A 39 4.24 -0.92 -22.45
C GLU A 39 4.35 0.57 -22.09
N ASP A 40 3.87 0.95 -20.90
CA ASP A 40 3.85 2.34 -20.47
C ASP A 40 5.09 2.70 -19.62
N GLY A 41 5.37 1.87 -18.61
CA GLY A 41 6.49 2.11 -17.70
C GLY A 41 6.08 2.04 -16.24
N ASP A 42 6.46 3.05 -15.45
CA ASP A 42 6.11 3.11 -14.04
C ASP A 42 4.64 3.53 -13.85
N LEU A 43 3.81 2.58 -13.42
CA LEU A 43 2.43 2.90 -13.06
C LEU A 43 2.28 3.04 -11.55
N THR A 44 3.40 2.95 -10.83
CA THR A 44 3.44 3.25 -9.38
C THR A 44 2.89 4.65 -9.13
N SER A 45 3.26 5.56 -10.02
CA SER A 45 2.79 6.96 -9.96
C SER A 45 1.27 7.07 -10.24
N LYS A 46 0.65 5.97 -10.64
CA LYS A 46 -0.80 5.95 -10.95
C LYS A 46 -1.61 5.28 -9.83
N ILE A 47 -0.93 4.69 -8.85
CA ILE A 47 -1.59 3.98 -7.75
C ILE A 47 -2.30 4.97 -6.79
N LYS A 48 -3.48 4.59 -6.31
CA LYS A 48 -4.15 5.32 -5.24
C LYS A 48 -4.16 4.49 -3.95
N VAL A 49 -3.81 5.13 -2.83
CA VAL A 49 -3.80 4.45 -1.54
C VAL A 49 -5.10 4.73 -0.76
N ASP A 50 -5.96 3.72 -0.67
CA ASP A 50 -7.23 3.84 0.03
C ASP A 50 -7.12 3.22 1.44
N GLY A 51 -7.50 3.97 2.46
CA GLY A 51 -7.41 3.48 3.83
C GLY A 51 -6.57 4.38 4.74
N GLU A 52 -6.37 3.94 5.98
CA GLU A 52 -5.61 4.70 6.97
C GLU A 52 -5.03 3.79 8.05
N VAL A 53 -3.80 4.08 8.49
CA VAL A 53 -3.14 3.30 9.54
C VAL A 53 -2.68 4.21 10.69
N ASP A 54 -3.32 4.07 11.85
CA ASP A 54 -2.92 4.82 13.04
C ASP A 54 -1.55 4.35 13.56
N THR A 55 -0.68 5.29 13.88
CA THR A 55 0.65 4.97 14.42
C THR A 55 0.79 5.43 15.87
N THR A 56 -0.28 6.04 16.39
CA THR A 56 -0.32 6.52 17.77
C THR A 56 -1.04 5.52 18.69
N LYS A 57 -1.81 4.61 18.09
CA LYS A 57 -2.58 3.63 18.84
C LYS A 57 -2.52 2.24 18.17
N ALA A 58 -2.39 1.20 18.99
CA ALA A 58 -2.25 -0.17 18.50
C ALA A 58 -3.54 -0.71 17.88
N GLY A 59 -3.39 -1.52 16.82
CA GLY A 59 -4.54 -2.10 16.13
C GLY A 59 -4.19 -2.54 14.72
N THR A 60 -5.01 -3.41 14.13
CA THR A 60 -4.77 -3.88 12.75
C THR A 60 -5.61 -3.09 11.75
N TYR A 61 -4.92 -2.47 10.78
CA TYR A 61 -5.58 -1.64 9.76
C TYR A 61 -5.22 -2.16 8.34
N VAL A 62 -6.12 -1.98 7.38
CA VAL A 62 -5.91 -2.50 6.02
C VAL A 62 -5.80 -1.37 4.99
N LEU A 63 -4.81 -1.47 4.11
CA LEU A 63 -4.59 -0.49 3.03
C LEU A 63 -4.86 -1.10 1.65
N THR A 64 -5.74 -0.46 0.88
CA THR A 64 -6.09 -0.90 -0.47
C THR A 64 -5.32 -0.10 -1.54
N TYR A 65 -4.67 -0.79 -2.46
CA TYR A 65 -3.90 -0.14 -3.52
C TYR A 65 -4.51 -0.43 -4.90
N THR A 66 -5.04 0.59 -5.56
CA THR A 66 -5.67 0.44 -6.88
C THR A 66 -4.92 1.22 -7.96
N VAL A 67 -4.63 0.56 -9.09
CA VAL A 67 -3.95 1.21 -10.23
C VAL A 67 -4.60 0.82 -11.56
N THR A 68 -4.78 1.81 -12.45
CA THR A 68 -5.42 1.58 -13.75
C THR A 68 -4.41 1.62 -14.91
N ASP A 69 -4.52 0.65 -15.82
CA ASP A 69 -3.68 0.57 -17.01
C ASP A 69 -4.07 1.64 -18.04
N SER A 70 -3.12 2.04 -18.87
CA SER A 70 -3.39 3.02 -19.94
C SER A 70 -4.37 2.47 -20.99
N LYS A 71 -4.48 1.14 -21.08
CA LYS A 71 -5.40 0.49 -22.03
C LYS A 71 -6.63 -0.14 -21.33
N GLY A 72 -6.75 0.08 -20.01
CA GLY A 72 -8.00 -0.32 -19.30
C GLY A 72 -7.86 -1.45 -18.27
N HIS A 73 -6.70 -2.09 -18.13
CA HIS A 73 -6.52 -3.11 -17.06
C HIS A 73 -6.39 -2.43 -15.67
N GLU A 74 -7.49 -2.39 -14.92
CA GLU A 74 -7.47 -1.79 -13.58
C GLU A 74 -7.35 -2.87 -12.49
N VAL A 75 -6.17 -2.95 -11.88
CA VAL A 75 -5.88 -4.01 -10.88
C VAL A 75 -5.73 -3.41 -9.47
N THR A 76 -6.04 -4.21 -8.44
CA THR A 76 -5.96 -3.75 -7.05
C THR A 76 -5.55 -4.88 -6.10
N ALA A 77 -4.89 -4.52 -5.00
CA ALA A 77 -4.47 -5.47 -3.97
C ALA A 77 -4.48 -4.81 -2.58
N LYS A 78 -4.64 -5.61 -1.52
CA LYS A 78 -4.74 -5.08 -0.15
C LYS A 78 -3.55 -5.51 0.73
N GLN A 79 -3.28 -4.72 1.76
CA GLN A 79 -2.20 -5.02 2.72
C GLN A 79 -2.71 -4.88 4.18
N THR A 80 -2.52 -5.94 4.97
CA THR A 80 -2.92 -5.93 6.39
C THR A 80 -1.79 -5.45 7.29
N VAL A 81 -1.89 -4.21 7.77
CA VAL A 81 -0.86 -3.63 8.63
C VAL A 81 -1.26 -3.68 10.12
N THR A 82 -0.58 -4.52 10.90
CA THR A 82 -0.86 -4.65 12.34
C THR A 82 0.10 -3.77 13.18
N VAL A 83 -0.48 -2.90 14.00
CA VAL A 83 0.30 -2.02 14.88
C VAL A 83 0.26 -2.51 16.34
N LYS A 84 1.43 -2.65 16.95
CA LYS A 84 1.54 -3.06 18.36
C LYS A 84 2.18 -1.97 19.24
N VAL A 85 1.97 -2.05 20.55
CA VAL A 85 2.52 -1.07 21.49
C VAL A 85 3.97 -1.41 21.89
N ARG A 86 4.73 -0.39 22.32
CA ARG A 86 6.10 -0.62 22.82
C ARG A 86 6.09 -0.73 24.35
N GLU A 87 6.82 -1.72 24.89
CA GLU A 87 6.88 -1.94 26.34
C GLU A 87 8.08 -1.22 26.97
N GLU A 88 7.95 -0.88 28.26
CA GLU A 88 8.94 -0.07 28.97
C GLU A 88 9.75 -0.88 29.99
N VAL A 89 10.75 -0.23 30.58
CA VAL A 89 11.58 -0.83 31.64
C VAL A 89 11.60 0.06 32.89
N LYS A 90 11.94 -0.51 34.04
CA LYS A 90 12.05 0.25 35.29
C LYS A 90 13.34 -0.08 36.06
N ASN A 91 13.92 0.94 36.68
CA ASN A 91 15.18 0.79 37.44
C ASN A 91 14.90 0.59 38.94
N ASP A 92 13.63 0.74 39.33
CA ASP A 92 13.21 0.60 40.72
C ASP A 92 13.14 -0.87 41.15
N LYS A 93 14.29 -1.55 41.12
CA LYS A 93 14.37 -3.00 41.41
C LYS A 93 13.64 -3.83 40.34
N PRO A 94 14.18 -5.01 39.98
CA PRO A 94 13.62 -5.85 38.91
C PRO A 94 12.16 -6.30 39.15
N ILE A 95 11.21 -5.52 38.66
CA ILE A 95 9.79 -5.90 38.67
C ILE A 95 9.51 -6.88 37.51
N LEU A 96 9.81 -8.15 37.75
CA LEU A 96 9.80 -9.19 36.70
C LEU A 96 8.41 -9.83 36.49
N GLU A 97 7.35 -9.09 36.83
CA GLU A 97 5.97 -9.57 36.60
C GLU A 97 5.76 -10.01 35.15
CA CA B . -1.01 -2.05 -20.44
N MET A 1 -6.55 -1.49 -44.34
CA MET A 1 -6.96 -1.22 -42.93
C MET A 1 -7.41 -2.51 -42.24
N GLY A 2 -6.82 -2.77 -41.06
CA GLY A 2 -7.17 -3.96 -40.30
C GLY A 2 -7.26 -3.69 -38.79
N ASN A 3 -7.99 -4.54 -38.09
CA ASN A 3 -8.18 -4.37 -36.64
C ASN A 3 -7.05 -5.03 -35.83
N GLY A 4 -5.83 -4.53 -36.04
CA GLY A 4 -4.67 -5.04 -35.31
C GLY A 4 -4.10 -4.02 -34.33
N GLU A 5 -3.83 -4.46 -33.10
CA GLU A 5 -3.30 -3.58 -32.06
C GLU A 5 -2.44 -4.36 -31.05
N THR A 6 -1.67 -3.64 -30.24
CA THR A 6 -0.79 -4.27 -29.24
C THR A 6 -1.59 -5.12 -28.22
N SER A 7 -1.00 -6.24 -27.82
CA SER A 7 -1.61 -7.11 -26.81
C SER A 7 -1.61 -6.43 -25.43
N ASP A 8 -2.77 -5.94 -24.99
CA ASP A 8 -2.86 -5.20 -23.73
C ASP A 8 -2.75 -6.13 -22.52
N LEU A 9 -1.71 -5.92 -21.73
CA LEU A 9 -1.50 -6.65 -20.48
C LEU A 9 -1.90 -5.78 -19.28
N GLU A 10 -2.56 -6.39 -18.29
CA GLU A 10 -2.81 -5.72 -17.02
C GLU A 10 -1.51 -5.59 -16.22
N PRO A 11 -1.27 -4.43 -15.58
CA PRO A 11 0.01 -4.15 -14.89
C PRO A 11 0.21 -4.96 -13.61
N LYS A 12 1.47 -5.24 -13.28
CA LYS A 12 1.81 -5.92 -12.03
C LYS A 12 1.89 -4.92 -10.87
N LEU A 13 0.90 -4.98 -9.99
CA LEU A 13 0.88 -4.16 -8.77
C LEU A 13 1.55 -4.93 -7.63
N THR A 14 2.71 -4.44 -7.19
CA THR A 14 3.49 -5.11 -6.14
C THR A 14 3.18 -4.54 -4.75
N VAL A 15 2.52 -5.35 -3.93
CA VAL A 15 2.11 -4.95 -2.58
C VAL A 15 2.45 -6.06 -1.56
N PRO A 16 3.04 -5.70 -0.40
CA PRO A 16 3.33 -6.66 0.68
C PRO A 16 2.04 -7.10 1.41
N VAL A 17 1.91 -8.40 1.68
CA VAL A 17 0.69 -8.94 2.29
C VAL A 17 0.47 -8.39 3.71
N GLY A 18 1.55 -8.15 4.43
CA GLY A 18 1.45 -7.66 5.80
C GLY A 18 2.70 -6.93 6.28
N ALA A 19 2.51 -6.02 7.23
CA ALA A 19 3.63 -5.24 7.80
C ALA A 19 3.41 -4.97 9.30
N THR A 20 4.34 -5.43 10.13
CA THR A 20 4.24 -5.24 11.58
C THR A 20 5.05 -4.02 12.05
N ILE A 21 4.37 -3.07 12.69
CA ILE A 21 5.03 -1.86 13.23
C ILE A 21 4.61 -1.61 14.69
N HIS A 22 5.19 -0.58 15.32
CA HIS A 22 4.87 -0.27 16.72
C HIS A 22 4.32 1.17 16.89
N VAL A 23 3.53 1.36 17.94
CA VAL A 23 2.93 2.67 18.25
C VAL A 23 4.01 3.77 18.38
N GLY A 24 3.96 4.75 17.47
CA GLY A 24 4.96 5.81 17.46
C GLY A 24 6.05 5.61 16.41
N ASP A 25 5.74 4.86 15.36
CA ASP A 25 6.70 4.59 14.28
C ASP A 25 6.30 5.34 12.99
N SER A 26 7.14 5.25 11.96
CA SER A 26 6.88 5.93 10.67
C SER A 26 6.65 4.91 9.55
N PHE A 27 5.57 5.08 8.80
CA PHE A 27 5.22 4.17 7.69
C PHE A 27 4.70 4.96 6.47
N VAL A 28 5.30 4.72 5.31
CA VAL A 28 4.90 5.42 4.07
C VAL A 28 4.30 4.45 3.02
N PRO A 29 2.96 4.47 2.84
CA PRO A 29 2.26 3.59 1.87
C PRO A 29 2.83 3.66 0.45
N MET A 30 3.16 4.88 0.00
CA MET A 30 3.67 5.07 -1.36
C MET A 30 5.16 4.68 -1.50
N ALA A 31 5.79 4.30 -0.40
CA ALA A 31 7.18 3.84 -0.43
C ALA A 31 7.28 2.31 -0.44
N GLU A 32 6.18 1.65 -0.05
CA GLU A 32 6.17 0.19 0.09
C GLU A 32 5.55 -0.52 -1.14
N VAL A 33 4.88 0.26 -2.01
CA VAL A 33 4.13 -0.33 -3.14
C VAL A 33 4.59 0.23 -4.51
N LEU A 34 4.81 -0.69 -5.47
CA LEU A 34 5.20 -0.31 -6.85
C LEU A 34 4.23 -0.92 -7.87
N ALA A 35 4.28 -0.41 -9.12
CA ALA A 35 3.41 -0.92 -10.20
C ALA A 35 4.05 -0.74 -11.58
N ILE A 36 4.13 -1.83 -12.35
CA ILE A 36 4.77 -1.82 -13.68
C ILE A 36 3.93 -2.56 -14.74
N ASP A 37 3.85 -1.98 -15.96
CA ASP A 37 3.23 -2.68 -17.10
C ASP A 37 4.27 -2.83 -18.23
N LYS A 38 4.28 -4.00 -18.87
CA LYS A 38 5.24 -4.30 -19.95
C LYS A 38 5.14 -3.29 -21.10
N GLU A 39 3.93 -2.82 -21.38
CA GLU A 39 3.67 -1.91 -22.50
C GLU A 39 3.99 -0.44 -22.14
N ASP A 40 3.53 0.01 -20.98
CA ASP A 40 3.59 1.43 -20.62
C ASP A 40 4.84 1.78 -19.80
N GLY A 41 5.28 0.85 -18.95
CA GLY A 41 6.45 1.09 -18.09
C GLY A 41 6.07 1.35 -16.64
N ASP A 42 6.50 2.49 -16.10
CA ASP A 42 6.23 2.84 -14.71
C ASP A 42 4.78 3.30 -14.49
N LEU A 43 4.06 2.56 -13.67
CA LEU A 43 2.73 2.96 -13.23
C LEU A 43 2.70 3.14 -11.70
N THR A 44 3.88 3.07 -11.08
CA THR A 44 4.02 3.32 -9.64
C THR A 44 3.54 4.73 -9.28
N SER A 45 3.81 5.68 -10.18
CA SER A 45 3.36 7.07 -10.03
C SER A 45 1.85 7.20 -10.30
N LYS A 46 1.20 6.09 -10.67
CA LYS A 46 -0.24 6.09 -10.98
C LYS A 46 -1.05 5.34 -9.93
N ILE A 47 -0.38 4.82 -8.90
CA ILE A 47 -1.04 4.06 -7.84
C ILE A 47 -1.91 4.95 -6.95
N LYS A 48 -3.16 4.55 -6.74
CA LYS A 48 -4.08 5.27 -5.86
C LYS A 48 -4.25 4.52 -4.53
N VAL A 49 -4.04 5.22 -3.41
CA VAL A 49 -4.11 4.60 -2.08
C VAL A 49 -5.47 4.85 -1.42
N ASP A 50 -6.04 3.79 -0.83
CA ASP A 50 -7.28 3.87 -0.07
C ASP A 50 -7.10 3.22 1.32
N GLY A 51 -7.81 3.75 2.33
CA GLY A 51 -7.68 3.25 3.68
C GLY A 51 -6.89 4.20 4.59
N GLU A 52 -6.59 3.75 5.81
CA GLU A 52 -5.82 4.56 6.76
C GLU A 52 -5.29 3.72 7.93
N VAL A 53 -4.00 3.85 8.24
CA VAL A 53 -3.37 3.14 9.36
C VAL A 53 -3.00 4.11 10.49
N ASP A 54 -3.61 3.93 11.66
CA ASP A 54 -3.26 4.73 12.84
C ASP A 54 -1.90 4.28 13.40
N THR A 55 -1.05 5.24 13.72
CA THR A 55 0.29 4.93 14.26
C THR A 55 0.39 5.21 15.75
N THR A 56 -0.71 5.68 16.35
CA THR A 56 -0.73 6.03 17.79
C THR A 56 -1.52 5.02 18.62
N LYS A 57 -2.10 4.00 17.98
CA LYS A 57 -2.88 2.99 18.69
C LYS A 57 -2.69 1.60 18.06
N ALA A 58 -2.48 0.58 18.91
CA ALA A 58 -2.20 -0.78 18.44
C ALA A 58 -3.42 -1.45 17.80
N GLY A 59 -3.18 -2.19 16.73
CA GLY A 59 -4.26 -2.86 16.02
C GLY A 59 -3.94 -3.10 14.55
N THR A 60 -4.74 -3.94 13.89
CA THR A 60 -4.54 -4.25 12.48
C THR A 60 -5.42 -3.37 11.56
N TYR A 61 -4.79 -2.64 10.65
CA TYR A 61 -5.49 -1.78 9.70
C TYR A 61 -5.15 -2.19 8.25
N VAL A 62 -6.11 -2.13 7.34
CA VAL A 62 -5.92 -2.61 5.96
C VAL A 62 -5.87 -1.46 4.93
N LEU A 63 -4.81 -1.46 4.12
CA LEU A 63 -4.66 -0.47 3.04
C LEU A 63 -4.90 -1.11 1.66
N THR A 64 -5.70 -0.45 0.83
CA THR A 64 -5.99 -0.95 -0.52
C THR A 64 -5.34 -0.07 -1.59
N TYR A 65 -4.55 -0.68 -2.46
CA TYR A 65 -3.85 0.04 -3.53
C TYR A 65 -4.43 -0.33 -4.90
N THR A 66 -4.78 0.66 -5.70
CA THR A 66 -5.35 0.43 -7.03
C THR A 66 -4.67 1.29 -8.11
N VAL A 67 -4.17 0.66 -9.16
CA VAL A 67 -3.45 1.37 -10.23
C VAL A 67 -4.18 1.24 -11.60
N THR A 68 -4.17 2.32 -12.37
CA THR A 68 -4.88 2.36 -13.66
C THR A 68 -3.91 2.25 -14.87
N ASP A 69 -4.10 1.20 -15.66
CA ASP A 69 -3.35 0.99 -16.90
C ASP A 69 -3.85 1.97 -18.00
N SER A 70 -2.96 2.32 -18.92
CA SER A 70 -3.27 3.32 -19.96
C SER A 70 -4.19 2.76 -21.05
N LYS A 71 -4.32 1.45 -21.11
CA LYS A 71 -5.22 0.80 -22.08
C LYS A 71 -6.54 0.32 -21.44
N GLY A 72 -6.75 0.64 -20.16
CA GLY A 72 -8.03 0.34 -19.51
C GLY A 72 -8.03 -0.87 -18.58
N HIS A 73 -6.88 -1.20 -17.98
CA HIS A 73 -6.82 -2.25 -16.96
C HIS A 73 -6.57 -1.67 -15.56
N GLU A 74 -7.60 -1.62 -14.73
CA GLU A 74 -7.48 -1.14 -13.35
C GLU A 74 -7.37 -2.32 -12.36
N VAL A 75 -6.17 -2.56 -11.85
CA VAL A 75 -5.93 -3.69 -10.93
C VAL A 75 -5.74 -3.21 -9.49
N THR A 76 -6.05 -4.07 -8.52
CA THR A 76 -5.98 -3.70 -7.10
C THR A 76 -5.31 -4.79 -6.24
N ALA A 77 -4.62 -4.36 -5.19
CA ALA A 77 -3.98 -5.27 -4.22
C ALA A 77 -3.97 -4.61 -2.83
N LYS A 78 -4.02 -5.42 -1.77
CA LYS A 78 -4.17 -4.89 -0.41
C LYS A 78 -3.01 -5.29 0.53
N GLN A 79 -2.83 -4.51 1.59
CA GLN A 79 -1.79 -4.76 2.59
C GLN A 79 -2.38 -4.72 4.01
N THR A 80 -2.18 -5.81 4.76
CA THR A 80 -2.66 -5.89 6.14
C THR A 80 -1.57 -5.45 7.13
N VAL A 81 -1.70 -4.23 7.66
CA VAL A 81 -0.70 -3.68 8.58
C VAL A 81 -1.09 -3.88 10.04
N THR A 82 -0.17 -4.42 10.84
CA THR A 82 -0.45 -4.69 12.26
C THR A 82 0.44 -3.84 13.17
N VAL A 83 -0.20 -2.95 13.93
CA VAL A 83 0.50 -2.07 14.88
C VAL A 83 0.53 -2.70 16.29
N LYS A 84 1.68 -2.66 16.94
CA LYS A 84 1.86 -3.24 18.28
C LYS A 84 2.35 -2.19 19.29
N VAL A 85 2.08 -2.42 20.57
CA VAL A 85 2.46 -1.48 21.64
C VAL A 85 3.97 -1.57 21.94
N ARG A 86 4.56 -0.44 22.34
CA ARG A 86 5.97 -0.42 22.76
C ARG A 86 6.10 -0.74 24.26
N GLU A 87 7.29 -0.55 24.83
CA GLU A 87 7.57 -1.03 26.19
C GLU A 87 8.11 0.06 27.13
N GLU A 88 7.40 0.25 28.25
CA GLU A 88 7.85 1.10 29.35
C GLU A 88 7.51 0.43 30.70
N VAL A 89 8.02 0.96 31.80
CA VAL A 89 7.80 0.36 33.12
C VAL A 89 7.02 1.30 34.06
N LYS A 90 5.91 0.81 34.61
CA LYS A 90 5.13 1.58 35.59
C LYS A 90 5.92 1.78 36.90
N ASN A 91 6.58 2.92 37.01
CA ASN A 91 7.41 3.25 38.18
C ASN A 91 7.55 4.78 38.34
N ASP A 92 7.92 5.24 39.54
CA ASP A 92 8.04 6.68 39.80
C ASP A 92 9.22 7.31 39.03
N LYS A 93 8.92 8.41 38.34
CA LYS A 93 9.92 9.13 37.55
C LYS A 93 10.41 10.40 38.27
N PRO A 94 11.73 10.57 38.47
CA PRO A 94 12.28 11.77 39.15
C PRO A 94 11.85 13.09 38.49
N ILE A 95 10.98 13.84 39.18
CA ILE A 95 10.45 15.12 38.68
C ILE A 95 9.68 14.93 37.36
N LEU A 96 8.35 14.82 37.46
CA LEU A 96 7.49 14.61 36.29
C LEU A 96 7.37 15.90 35.47
N GLU A 97 7.98 15.91 34.28
CA GLU A 97 7.98 17.08 33.40
C GLU A 97 6.84 17.02 32.36
CA CA B . -1.81 -2.41 -20.37
N MET A 1 -8.17 -3.37 -42.21
CA MET A 1 -8.89 -3.99 -41.06
C MET A 1 -8.54 -5.48 -40.92
N GLY A 2 -9.28 -6.19 -40.07
CA GLY A 2 -9.02 -7.61 -39.83
C GLY A 2 -8.82 -7.93 -38.35
N ASN A 3 -7.79 -7.33 -37.75
CA ASN A 3 -7.50 -7.52 -36.32
C ASN A 3 -7.43 -6.17 -35.59
N GLY A 4 -8.53 -5.77 -34.98
CA GLY A 4 -8.57 -4.52 -34.23
C GLY A 4 -8.24 -4.71 -32.76
N GLU A 5 -8.87 -5.71 -32.14
CA GLU A 5 -8.62 -6.03 -30.73
C GLU A 5 -7.23 -6.65 -30.53
N THR A 6 -6.29 -5.84 -30.05
CA THR A 6 -4.93 -6.31 -29.74
C THR A 6 -4.84 -6.81 -28.30
N SER A 7 -3.85 -7.67 -28.04
CA SER A 7 -3.67 -8.24 -26.69
C SER A 7 -2.93 -7.29 -25.75
N ASP A 8 -3.68 -6.56 -24.92
CA ASP A 8 -3.07 -5.73 -23.87
C ASP A 8 -2.92 -6.53 -22.56
N LEU A 9 -1.74 -6.45 -21.98
CA LEU A 9 -1.46 -7.08 -20.69
C LEU A 9 -1.56 -6.06 -19.55
N GLU A 10 -2.37 -6.36 -18.55
CA GLU A 10 -2.59 -5.49 -17.38
C GLU A 10 -1.28 -5.19 -16.63
N PRO A 11 -1.22 -4.07 -15.88
CA PRO A 11 0.01 -3.64 -15.19
C PRO A 11 0.31 -4.47 -13.94
N LYS A 12 1.59 -4.70 -13.68
CA LYS A 12 2.02 -5.49 -12.51
C LYS A 12 2.03 -4.61 -11.24
N LEU A 13 1.03 -4.79 -10.39
CA LEU A 13 0.95 -4.06 -9.12
C LEU A 13 1.65 -4.83 -8.00
N THR A 14 2.82 -4.34 -7.60
CA THR A 14 3.64 -5.01 -6.58
C THR A 14 3.32 -4.48 -5.18
N VAL A 15 2.71 -5.33 -4.35
CA VAL A 15 2.26 -4.96 -3.01
C VAL A 15 2.70 -6.00 -1.96
N PRO A 16 3.14 -5.56 -0.76
CA PRO A 16 3.49 -6.47 0.33
C PRO A 16 2.24 -7.04 1.05
N VAL A 17 2.36 -8.26 1.57
CA VAL A 17 1.22 -8.93 2.22
C VAL A 17 0.82 -8.28 3.55
N GLY A 18 1.80 -7.77 4.30
CA GLY A 18 1.51 -7.16 5.59
C GLY A 18 2.74 -6.63 6.33
N ALA A 19 2.51 -5.88 7.39
CA ALA A 19 3.59 -5.31 8.21
C ALA A 19 3.12 -5.04 9.65
N THR A 20 3.97 -5.33 10.64
CA THR A 20 3.63 -5.12 12.06
C THR A 20 4.57 -4.10 12.73
N ILE A 21 3.99 -3.03 13.26
CA ILE A 21 4.78 -1.94 13.89
C ILE A 21 4.25 -1.59 15.29
N HIS A 22 4.97 -0.72 15.99
CA HIS A 22 4.56 -0.28 17.33
C HIS A 22 4.22 1.22 17.37
N VAL A 23 3.59 1.64 18.46
CA VAL A 23 3.31 3.06 18.70
C VAL A 23 4.61 3.87 18.69
N GLY A 24 4.78 4.72 17.68
CA GLY A 24 6.02 5.48 17.50
C GLY A 24 6.66 5.24 16.14
N ASP A 25 6.53 4.03 15.61
CA ASP A 25 7.10 3.69 14.31
C ASP A 25 6.30 4.33 13.16
N SER A 26 7.00 5.03 12.27
CA SER A 26 6.37 5.64 11.09
C SER A 26 6.28 4.63 9.94
N PHE A 27 5.21 4.71 9.17
CA PHE A 27 4.99 3.78 8.05
C PHE A 27 4.94 4.51 6.70
N VAL A 28 5.67 4.00 5.71
CA VAL A 28 5.75 4.63 4.39
C VAL A 28 5.18 3.70 3.30
N PRO A 29 3.90 3.90 2.92
CA PRO A 29 3.20 3.01 1.96
C PRO A 29 3.59 3.24 0.47
N MET A 30 3.93 4.46 0.10
CA MET A 30 4.20 4.79 -1.31
C MET A 30 5.59 4.34 -1.75
N ALA A 31 6.44 3.97 -0.81
CA ALA A 31 7.80 3.49 -1.12
C ALA A 31 7.85 1.96 -1.23
N GLU A 32 6.95 1.26 -0.52
CA GLU A 32 6.93 -0.21 -0.51
C GLU A 32 6.01 -0.78 -1.60
N VAL A 33 5.25 0.08 -2.28
CA VAL A 33 4.34 -0.35 -3.34
C VAL A 33 4.78 0.20 -4.71
N LEU A 34 4.89 -0.71 -5.69
CA LEU A 34 5.29 -0.34 -7.06
C LEU A 34 4.24 -0.80 -8.08
N ALA A 35 4.20 -0.14 -9.25
CA ALA A 35 3.32 -0.56 -10.35
C ALA A 35 4.02 -0.38 -11.70
N ILE A 36 4.13 -1.46 -12.46
CA ILE A 36 4.84 -1.44 -13.76
C ILE A 36 3.98 -2.03 -14.90
N ASP A 37 3.72 -1.22 -15.92
CA ASP A 37 3.04 -1.70 -17.14
C ASP A 37 4.06 -2.08 -18.21
N LYS A 38 3.72 -3.04 -19.04
CA LYS A 38 4.65 -3.59 -20.04
C LYS A 38 4.84 -2.66 -21.25
N GLU A 39 3.78 -1.95 -21.67
CA GLU A 39 3.91 -1.02 -22.80
C GLU A 39 4.41 0.36 -22.35
N ASP A 40 3.71 0.97 -21.39
CA ASP A 40 4.01 2.34 -20.96
C ASP A 40 5.27 2.42 -20.08
N GLY A 41 5.33 1.58 -19.05
CA GLY A 41 6.43 1.62 -18.09
C GLY A 41 5.96 1.79 -16.66
N ASP A 42 6.66 2.62 -15.88
CA ASP A 42 6.31 2.84 -14.47
C ASP A 42 4.97 3.59 -14.33
N LEU A 43 4.03 2.97 -13.61
CA LEU A 43 2.72 3.59 -13.30
C LEU A 43 2.53 3.75 -11.79
N THR A 44 3.64 3.71 -11.03
CA THR A 44 3.59 3.79 -9.57
C THR A 44 2.92 5.09 -9.08
N SER A 45 3.09 6.16 -9.83
CA SER A 45 2.50 7.46 -9.46
C SER A 45 0.97 7.47 -9.66
N LYS A 46 0.45 6.46 -10.37
CA LYS A 46 -0.99 6.34 -10.61
C LYS A 46 -1.69 5.47 -9.55
N ILE A 47 -0.92 4.92 -8.63
CA ILE A 47 -1.47 4.07 -7.56
C ILE A 47 -2.32 4.87 -6.57
N LYS A 48 -3.60 4.50 -6.46
CA LYS A 48 -4.49 5.12 -5.50
C LYS A 48 -4.45 4.35 -4.16
N VAL A 49 -4.20 5.06 -3.06
CA VAL A 49 -4.07 4.42 -1.74
C VAL A 49 -5.39 4.48 -0.95
N ASP A 50 -5.81 3.34 -0.43
CA ASP A 50 -7.02 3.23 0.41
C ASP A 50 -6.67 2.63 1.78
N GLY A 51 -7.36 3.07 2.83
CA GLY A 51 -7.12 2.55 4.17
C GLY A 51 -6.68 3.61 5.17
N GLU A 52 -5.95 3.18 6.20
CA GLU A 52 -5.45 4.09 7.23
C GLU A 52 -4.39 3.42 8.11
N VAL A 53 -3.36 4.16 8.49
CA VAL A 53 -2.35 3.65 9.42
C VAL A 53 -2.15 4.61 10.61
N ASP A 54 -2.57 4.20 11.80
CA ASP A 54 -2.36 5.00 13.00
C ASP A 54 -1.08 4.56 13.71
N THR A 55 -0.27 5.52 14.15
CA THR A 55 1.02 5.21 14.80
C THR A 55 0.97 5.43 16.32
N THR A 56 -0.18 5.85 16.81
CA THR A 56 -0.38 6.06 18.26
C THR A 56 -1.45 5.12 18.83
N LYS A 57 -2.36 4.64 17.97
CA LYS A 57 -3.45 3.75 18.40
C LYS A 57 -3.26 2.33 17.85
N ALA A 58 -3.18 1.35 18.74
CA ALA A 58 -2.94 -0.04 18.35
C ALA A 58 -4.15 -0.67 17.64
N GLY A 59 -3.87 -1.52 16.65
CA GLY A 59 -4.92 -2.21 15.90
C GLY A 59 -4.47 -2.65 14.52
N THR A 60 -5.19 -3.57 13.90
CA THR A 60 -4.86 -4.04 12.54
C THR A 60 -5.72 -3.33 11.49
N TYR A 61 -5.08 -2.66 10.54
CA TYR A 61 -5.76 -1.90 9.50
C TYR A 61 -5.42 -2.45 8.11
N VAL A 62 -6.41 -2.57 7.24
CA VAL A 62 -6.20 -3.07 5.88
C VAL A 62 -6.02 -1.92 4.88
N LEU A 63 -4.97 -2.03 4.06
CA LEU A 63 -4.68 -1.04 3.01
C LEU A 63 -4.97 -1.62 1.61
N THR A 64 -5.66 -0.86 0.77
CA THR A 64 -5.97 -1.30 -0.60
C THR A 64 -5.32 -0.38 -1.63
N TYR A 65 -4.64 -0.97 -2.62
CA TYR A 65 -3.94 -0.19 -3.66
C TYR A 65 -4.50 -0.52 -5.06
N THR A 66 -4.79 0.51 -5.84
CA THR A 66 -5.34 0.32 -7.19
C THR A 66 -4.54 1.10 -8.25
N VAL A 67 -4.33 0.49 -9.42
CA VAL A 67 -3.60 1.14 -10.52
C VAL A 67 -4.24 0.79 -11.89
N THR A 68 -4.19 1.74 -12.83
CA THR A 68 -4.81 1.56 -14.15
C THR A 68 -3.77 1.43 -15.27
N ASP A 69 -4.08 0.61 -16.28
CA ASP A 69 -3.20 0.37 -17.43
C ASP A 69 -3.20 1.58 -18.38
N SER A 70 -2.26 1.58 -19.34
CA SER A 70 -2.23 2.61 -20.38
C SER A 70 -3.43 2.46 -21.34
N LYS A 71 -3.89 1.22 -21.53
CA LYS A 71 -5.07 0.95 -22.38
C LYS A 71 -6.37 0.83 -21.58
N GLY A 72 -6.28 0.78 -20.24
CA GLY A 72 -7.48 0.81 -19.40
C GLY A 72 -7.79 -0.47 -18.61
N HIS A 73 -6.79 -1.31 -18.37
CA HIS A 73 -6.95 -2.44 -17.43
C HIS A 73 -6.71 -1.98 -15.97
N GLU A 74 -7.72 -2.14 -15.12
CA GLU A 74 -7.62 -1.73 -13.71
C GLU A 74 -7.41 -2.93 -12.77
N VAL A 75 -6.30 -2.94 -12.04
CA VAL A 75 -5.99 -4.02 -11.09
C VAL A 75 -5.82 -3.47 -9.66
N THR A 76 -6.00 -4.34 -8.66
CA THR A 76 -5.92 -3.91 -7.26
C THR A 76 -5.35 -5.01 -6.33
N ALA A 77 -4.64 -4.59 -5.29
CA ALA A 77 -4.02 -5.51 -4.31
C ALA A 77 -4.13 -4.94 -2.89
N LYS A 78 -3.95 -5.80 -1.88
CA LYS A 78 -4.18 -5.39 -0.48
C LYS A 78 -2.99 -5.75 0.45
N GLN A 79 -2.84 -4.94 1.50
CA GLN A 79 -1.79 -5.15 2.52
C GLN A 79 -2.39 -5.07 3.94
N THR A 80 -1.92 -5.94 4.84
CA THR A 80 -2.45 -5.98 6.21
C THR A 80 -1.44 -5.46 7.25
N VAL A 81 -1.69 -4.27 7.80
CA VAL A 81 -0.78 -3.65 8.78
C VAL A 81 -1.31 -3.80 10.21
N THR A 82 -0.44 -4.24 11.13
CA THR A 82 -0.82 -4.42 12.54
C THR A 82 0.02 -3.53 13.47
N VAL A 83 -0.64 -2.63 14.19
CA VAL A 83 0.05 -1.73 15.14
C VAL A 83 -0.15 -2.20 16.60
N LYS A 84 0.92 -2.12 17.40
CA LYS A 84 0.87 -2.52 18.82
C LYS A 84 1.42 -1.42 19.74
N VAL A 85 1.03 -1.46 21.01
CA VAL A 85 1.43 -0.42 21.98
C VAL A 85 2.86 -0.65 22.50
N ARG A 86 3.53 0.43 22.91
CA ARG A 86 4.93 0.34 23.39
C ARG A 86 5.01 -0.06 24.88
N GLU A 87 3.97 0.27 25.65
CA GLU A 87 3.93 0.00 27.09
C GLU A 87 2.48 -0.16 27.59
N GLU A 88 2.27 -1.01 28.59
CA GLU A 88 0.95 -1.20 29.19
C GLU A 88 0.73 -0.27 30.38
N VAL A 89 -0.19 0.69 30.24
CA VAL A 89 -0.53 1.61 31.33
C VAL A 89 -1.69 1.06 32.17
N LYS A 90 -1.46 0.89 33.48
CA LYS A 90 -2.46 0.30 34.38
C LYS A 90 -3.33 1.37 35.06
N ASN A 91 -3.19 2.62 34.64
CA ASN A 91 -4.00 3.72 35.17
C ASN A 91 -5.00 4.24 34.13
N ASP A 92 -6.25 3.82 34.25
CA ASP A 92 -7.32 4.26 33.36
C ASP A 92 -7.82 5.66 33.75
N LYS A 93 -8.39 6.37 32.79
CA LYS A 93 -8.87 7.73 33.00
C LYS A 93 -10.30 7.92 32.44
N PRO A 94 -11.08 8.86 32.99
CA PRO A 94 -12.43 9.16 32.49
C PRO A 94 -12.46 9.40 30.96
N ILE A 95 -12.87 8.39 30.21
CA ILE A 95 -12.91 8.46 28.75
C ILE A 95 -14.27 8.99 28.24
N LEU A 96 -14.28 9.47 27.00
CA LEU A 96 -15.49 10.07 26.40
C LEU A 96 -16.41 8.99 25.81
N GLU A 97 -17.68 8.99 26.23
CA GLU A 97 -18.68 8.04 25.72
C GLU A 97 -20.06 8.70 25.60
CA CA B . -0.81 -2.75 -20.54
N MET A 1 4.80 -5.70 -44.17
CA MET A 1 5.13 -7.15 -44.05
C MET A 1 5.25 -7.56 -42.58
N GLY A 2 5.24 -8.88 -42.33
CA GLY A 2 5.26 -9.37 -40.95
C GLY A 2 3.88 -9.32 -40.29
N ASN A 3 3.69 -10.12 -39.24
CA ASN A 3 2.42 -10.14 -38.51
C ASN A 3 2.63 -10.19 -36.99
N GLY A 4 1.93 -9.33 -36.25
CA GLY A 4 2.09 -9.27 -34.80
C GLY A 4 1.17 -8.27 -34.12
N GLU A 5 -0.14 -8.50 -34.25
CA GLU A 5 -1.14 -7.67 -33.56
C GLU A 5 -1.37 -8.17 -32.13
N THR A 6 -0.61 -7.63 -31.19
CA THR A 6 -0.59 -8.13 -29.81
C THR A 6 -1.75 -7.60 -28.96
N SER A 7 -2.00 -8.27 -27.84
CA SER A 7 -2.95 -7.81 -26.83
C SER A 7 -2.19 -7.17 -25.66
N ASP A 8 -2.74 -6.10 -25.09
CA ASP A 8 -2.04 -5.37 -24.03
C ASP A 8 -2.04 -6.13 -22.69
N LEU A 9 -0.98 -5.90 -21.92
CA LEU A 9 -0.83 -6.50 -20.60
C LEU A 9 -1.19 -5.48 -19.50
N GLU A 10 -1.91 -5.96 -18.48
CA GLU A 10 -2.28 -5.12 -17.33
C GLU A 10 -1.04 -4.83 -16.45
N PRO A 11 -1.01 -3.68 -15.78
CA PRO A 11 0.12 -3.33 -14.89
C PRO A 11 0.25 -4.28 -13.69
N LYS A 12 1.46 -4.76 -13.42
CA LYS A 12 1.69 -5.65 -12.28
C LYS A 12 1.83 -4.85 -10.98
N LEU A 13 0.80 -4.92 -10.15
CA LEU A 13 0.78 -4.19 -8.88
C LEU A 13 1.39 -5.03 -7.75
N THR A 14 2.60 -4.66 -7.33
CA THR A 14 3.29 -5.36 -6.25
C THR A 14 2.89 -4.78 -4.89
N VAL A 15 2.15 -5.57 -4.12
CA VAL A 15 1.68 -5.16 -2.79
C VAL A 15 2.06 -6.21 -1.73
N PRO A 16 2.71 -5.79 -0.63
CA PRO A 16 3.07 -6.70 0.47
C PRO A 16 1.84 -7.29 1.16
N VAL A 17 1.99 -8.46 1.77
CA VAL A 17 0.85 -9.15 2.40
C VAL A 17 0.56 -8.60 3.81
N GLY A 18 1.61 -8.20 4.52
CA GLY A 18 1.45 -7.70 5.87
C GLY A 18 2.66 -6.91 6.38
N ALA A 19 2.46 -6.15 7.46
CA ALA A 19 3.54 -5.36 8.07
C ALA A 19 3.26 -5.05 9.55
N THR A 20 4.15 -5.53 10.43
CA THR A 20 4.01 -5.29 11.88
C THR A 20 4.88 -4.12 12.35
N ILE A 21 4.26 -3.15 13.03
CA ILE A 21 4.97 -1.96 13.54
C ILE A 21 4.49 -1.60 14.96
N HIS A 22 5.11 -0.58 15.56
CA HIS A 22 4.74 -0.14 16.92
C HIS A 22 4.16 1.28 16.95
N VAL A 23 3.76 1.72 18.13
CA VAL A 23 3.30 3.11 18.33
C VAL A 23 4.45 4.11 18.13
N GLY A 24 4.28 5.03 17.20
CA GLY A 24 5.34 5.97 16.86
C GLY A 24 6.31 5.43 15.82
N ASP A 25 5.89 4.40 15.09
CA ASP A 25 6.72 3.77 14.06
C ASP A 25 6.63 4.55 12.73
N SER A 26 7.26 4.03 11.68
CA SER A 26 7.23 4.65 10.34
C SER A 26 6.70 3.69 9.27
N PHE A 27 5.90 4.21 8.35
CA PHE A 27 5.29 3.39 7.30
C PHE A 27 4.97 4.24 6.05
N VAL A 28 5.47 3.83 4.89
CA VAL A 28 5.27 4.61 3.64
C VAL A 28 4.64 3.74 2.52
N PRO A 29 3.30 3.77 2.39
CA PRO A 29 2.58 2.96 1.39
C PRO A 29 2.97 3.29 -0.07
N MET A 30 3.22 4.57 -0.37
CA MET A 30 3.53 4.99 -1.74
C MET A 30 4.99 4.70 -2.14
N ALA A 31 5.73 4.03 -1.26
CA ALA A 31 7.10 3.59 -1.56
C ALA A 31 7.23 2.07 -1.48
N GLU A 32 6.59 1.48 -0.46
CA GLU A 32 6.61 0.03 -0.27
C GLU A 32 5.76 -0.70 -1.32
N VAL A 33 4.77 -0.01 -1.89
CA VAL A 33 3.97 -0.56 -2.99
C VAL A 33 4.51 -0.07 -4.36
N LEU A 34 4.45 -0.93 -5.38
CA LEU A 34 5.03 -0.62 -6.69
C LEU A 34 4.16 -1.16 -7.83
N ALA A 35 4.17 -0.50 -8.99
CA ALA A 35 3.37 -0.93 -10.15
C ALA A 35 4.09 -0.68 -11.49
N ILE A 36 4.10 -1.69 -12.37
CA ILE A 36 4.79 -1.60 -13.68
C ILE A 36 3.91 -2.13 -14.83
N ASP A 37 3.82 -1.37 -15.93
CA ASP A 37 3.17 -1.85 -17.15
C ASP A 37 4.23 -2.06 -18.26
N LYS A 38 4.01 -3.01 -19.15
CA LYS A 38 4.98 -3.33 -20.20
C LYS A 38 5.09 -2.21 -21.24
N GLU A 39 4.00 -1.47 -21.45
CA GLU A 39 3.96 -0.43 -22.49
C GLU A 39 4.60 0.89 -22.00
N ASP A 40 4.25 1.32 -20.80
CA ASP A 40 4.71 2.61 -20.27
C ASP A 40 5.95 2.46 -19.39
N GLY A 41 5.90 1.52 -18.45
CA GLY A 41 6.97 1.33 -17.49
C GLY A 41 6.50 1.53 -16.05
N ASP A 42 7.08 2.50 -15.35
CA ASP A 42 6.74 2.75 -13.96
C ASP A 42 5.37 3.44 -13.82
N LEU A 43 4.42 2.74 -13.18
CA LEU A 43 3.10 3.31 -12.85
C LEU A 43 2.91 3.42 -11.34
N THR A 44 4.02 3.48 -10.59
CA THR A 44 3.98 3.52 -9.13
C THR A 44 3.22 4.76 -8.60
N SER A 45 3.39 5.89 -9.29
CA SER A 45 2.67 7.13 -8.92
C SER A 45 1.19 7.08 -9.33
N LYS A 46 0.83 6.06 -10.12
CA LYS A 46 -0.56 5.92 -10.61
C LYS A 46 -1.40 5.05 -9.65
N ILE A 47 -0.83 4.71 -8.50
CA ILE A 47 -1.50 3.85 -7.53
C ILE A 47 -2.40 4.63 -6.56
N LYS A 48 -3.70 4.35 -6.60
CA LYS A 48 -4.66 4.90 -5.65
C LYS A 48 -4.70 4.05 -4.36
N VAL A 49 -4.70 4.71 -3.20
CA VAL A 49 -4.67 4.01 -1.91
C VAL A 49 -6.02 4.12 -1.18
N ASP A 50 -6.40 3.04 -0.48
CA ASP A 50 -7.61 3.01 0.34
C ASP A 50 -7.28 2.50 1.77
N GLY A 51 -7.95 3.07 2.76
CA GLY A 51 -7.65 2.74 4.16
C GLY A 51 -6.64 3.71 4.78
N GLU A 52 -6.39 3.57 6.08
CA GLU A 52 -5.45 4.46 6.78
C GLU A 52 -4.79 3.78 7.99
N VAL A 53 -3.48 3.99 8.16
CA VAL A 53 -2.73 3.43 9.28
C VAL A 53 -2.38 4.51 10.33
N ASP A 54 -2.93 4.37 11.53
CA ASP A 54 -2.63 5.28 12.63
C ASP A 54 -1.32 4.87 13.33
N THR A 55 -0.48 5.86 13.65
CA THR A 55 0.84 5.58 14.27
C THR A 55 0.81 5.74 15.78
N THR A 56 -0.02 6.65 16.29
CA THR A 56 -0.10 6.93 17.73
C THR A 56 -1.06 5.97 18.45
N LYS A 57 -1.68 5.05 17.72
CA LYS A 57 -2.64 4.11 18.31
C LYS A 57 -2.46 2.70 17.71
N ALA A 58 -2.42 1.69 18.57
CA ALA A 58 -2.22 0.31 18.13
C ALA A 58 -3.49 -0.30 17.50
N GLY A 59 -3.31 -1.14 16.49
CA GLY A 59 -4.44 -1.77 15.83
C GLY A 59 -4.09 -2.34 14.46
N THR A 60 -4.94 -3.20 13.92
CA THR A 60 -4.73 -3.78 12.58
C THR A 60 -5.48 -2.99 11.51
N TYR A 61 -4.75 -2.51 10.51
CA TYR A 61 -5.32 -1.73 9.41
C TYR A 61 -5.05 -2.42 8.06
N VAL A 62 -6.10 -2.95 7.42
CA VAL A 62 -5.97 -3.61 6.13
C VAL A 62 -6.17 -2.61 4.97
N LEU A 63 -5.08 -2.28 4.30
CA LEU A 63 -5.08 -1.28 3.21
C LEU A 63 -5.37 -1.92 1.85
N THR A 64 -5.99 -1.15 0.96
CA THR A 64 -6.28 -1.61 -0.42
C THR A 64 -5.64 -0.68 -1.44
N TYR A 65 -5.01 -1.27 -2.47
CA TYR A 65 -4.32 -0.49 -3.51
C TYR A 65 -4.88 -0.79 -4.90
N THR A 66 -4.97 0.24 -5.75
CA THR A 66 -5.50 0.10 -7.12
C THR A 66 -4.66 0.90 -8.12
N VAL A 67 -4.33 0.31 -9.26
CA VAL A 67 -3.55 1.00 -10.30
C VAL A 67 -4.25 0.89 -11.67
N THR A 68 -4.17 1.95 -12.47
CA THR A 68 -4.83 2.00 -13.79
C THR A 68 -3.83 1.95 -14.96
N ASP A 69 -4.23 1.27 -16.02
CA ASP A 69 -3.43 1.10 -17.24
C ASP A 69 -3.75 2.23 -18.25
N SER A 70 -2.78 2.58 -19.09
CA SER A 70 -3.00 3.60 -20.13
C SER A 70 -4.04 3.13 -21.15
N LYS A 71 -4.21 1.81 -21.25
CA LYS A 71 -5.22 1.22 -22.15
C LYS A 71 -6.58 1.03 -21.45
N GLY A 72 -6.62 1.30 -20.14
CA GLY A 72 -7.88 1.22 -19.39
C GLY A 72 -7.98 0.04 -18.42
N HIS A 73 -6.99 -0.86 -18.42
CA HIS A 73 -7.01 -2.02 -17.51
C HIS A 73 -6.80 -1.57 -16.05
N GLU A 74 -7.55 -2.17 -15.13
CA GLU A 74 -7.44 -1.80 -13.70
C GLU A 74 -7.36 -3.04 -12.80
N VAL A 75 -6.39 -3.04 -11.88
CA VAL A 75 -6.18 -4.16 -10.96
C VAL A 75 -6.03 -3.68 -9.51
N THR A 76 -6.22 -4.59 -8.54
CA THR A 76 -6.22 -4.23 -7.11
C THR A 76 -5.57 -5.31 -6.23
N ALA A 77 -4.91 -4.87 -5.16
CA ALA A 77 -4.28 -5.78 -4.19
C ALA A 77 -4.29 -5.17 -2.77
N LYS A 78 -4.25 -6.02 -1.73
CA LYS A 78 -4.39 -5.54 -0.34
C LYS A 78 -3.20 -5.92 0.55
N GLN A 79 -3.06 -5.17 1.66
CA GLN A 79 -1.99 -5.39 2.65
C GLN A 79 -2.54 -5.27 4.09
N THR A 80 -2.12 -6.16 4.98
CA THR A 80 -2.56 -6.12 6.39
C THR A 80 -1.46 -5.56 7.32
N VAL A 81 -1.65 -4.33 7.78
CA VAL A 81 -0.70 -3.70 8.70
C VAL A 81 -1.19 -3.86 10.16
N THR A 82 -0.26 -4.10 11.08
CA THR A 82 -0.62 -4.26 12.50
C THR A 82 0.30 -3.44 13.42
N VAL A 83 -0.27 -2.44 14.08
CA VAL A 83 0.47 -1.61 15.03
C VAL A 83 0.33 -2.15 16.47
N LYS A 84 1.44 -2.17 17.20
CA LYS A 84 1.45 -2.66 18.58
C LYS A 84 1.97 -1.59 19.56
N VAL A 85 1.48 -1.63 20.79
CA VAL A 85 1.89 -0.67 21.83
C VAL A 85 3.29 -1.00 22.38
N ARG A 86 4.00 0.03 22.84
CA ARG A 86 5.34 -0.16 23.42
C ARG A 86 5.30 -0.02 24.96
N GLU A 87 6.25 -0.64 25.63
CA GLU A 87 6.45 -0.44 27.07
C GLU A 87 7.48 0.67 27.31
N GLU A 88 7.03 1.77 27.91
CA GLU A 88 7.84 2.97 28.08
C GLU A 88 8.10 3.31 29.56
N VAL A 89 8.94 4.32 29.79
CA VAL A 89 9.25 4.78 31.15
C VAL A 89 8.64 6.17 31.42
N LYS A 90 8.89 6.72 32.61
CA LYS A 90 8.48 8.10 32.93
C LYS A 90 9.70 9.01 33.01
N ASN A 91 9.54 10.26 32.58
CA ASN A 91 10.64 11.22 32.51
C ASN A 91 10.13 12.67 32.60
N ASP A 92 11.02 13.60 32.96
CA ASP A 92 10.67 15.02 33.06
C ASP A 92 10.58 15.70 31.67
N LYS A 93 10.04 14.98 30.69
CA LYS A 93 9.85 15.49 29.32
C LYS A 93 11.19 15.85 28.64
N PRO A 94 11.73 14.95 27.80
CA PRO A 94 12.99 15.19 27.06
C PRO A 94 12.82 16.18 25.89
N ILE A 95 12.16 17.31 26.14
CA ILE A 95 11.89 18.32 25.10
C ILE A 95 13.11 19.24 24.87
N LEU A 96 14.31 18.73 25.13
CA LEU A 96 15.55 19.50 24.97
C LEU A 96 16.01 19.54 23.50
N GLU A 97 15.05 19.71 22.59
CA GLU A 97 15.33 19.72 21.15
C GLU A 97 15.58 21.13 20.63
CA CA B . -0.90 -1.95 -20.45
N MET A 1 -12.72 -6.63 -33.85
CA MET A 1 -13.72 -6.75 -34.95
C MET A 1 -13.17 -6.16 -36.25
N GLY A 2 -12.91 -7.02 -37.24
CA GLY A 2 -12.43 -6.56 -38.53
C GLY A 2 -10.95 -6.12 -38.51
N ASN A 3 -10.69 -4.95 -37.92
CA ASN A 3 -9.33 -4.40 -37.89
C ASN A 3 -8.44 -5.12 -36.86
N GLY A 4 -7.25 -5.53 -37.29
CA GLY A 4 -6.31 -6.21 -36.40
C GLY A 4 -5.96 -5.39 -35.14
N GLU A 5 -5.80 -6.08 -34.02
CA GLU A 5 -5.51 -5.41 -32.73
C GLU A 5 -4.15 -5.83 -32.15
N THR A 6 -3.71 -5.11 -31.12
CA THR A 6 -2.43 -5.38 -30.45
C THR A 6 -2.62 -6.03 -29.07
N SER A 7 -1.63 -6.79 -28.62
CA SER A 7 -1.69 -7.47 -27.32
C SER A 7 -1.49 -6.48 -26.16
N ASP A 8 -2.47 -6.42 -25.24
CA ASP A 8 -2.41 -5.53 -24.09
C ASP A 8 -2.09 -6.28 -22.78
N LEU A 9 -1.06 -5.82 -22.08
CA LEU A 9 -0.63 -6.40 -20.81
C LEU A 9 -1.24 -5.64 -19.61
N GLU A 10 -1.69 -6.39 -18.62
CA GLU A 10 -2.19 -5.81 -17.36
C GLU A 10 -1.03 -5.46 -16.41
N PRO A 11 -1.10 -4.31 -15.72
CA PRO A 11 0.02 -3.78 -14.91
C PRO A 11 0.38 -4.66 -13.71
N LYS A 12 1.68 -4.82 -13.48
CA LYS A 12 2.19 -5.57 -12.34
C LYS A 12 2.23 -4.70 -11.07
N LEU A 13 1.31 -4.96 -10.14
CA LEU A 13 1.22 -4.18 -8.90
C LEU A 13 1.87 -4.92 -7.72
N THR A 14 2.98 -4.38 -7.22
CA THR A 14 3.70 -4.98 -6.10
C THR A 14 3.24 -4.37 -4.77
N VAL A 15 2.57 -5.18 -3.96
CA VAL A 15 2.02 -4.77 -2.67
C VAL A 15 2.26 -5.85 -1.60
N PRO A 16 2.65 -5.45 -0.37
CA PRO A 16 2.79 -6.40 0.75
C PRO A 16 1.43 -6.84 1.31
N VAL A 17 1.29 -8.12 1.64
CA VAL A 17 0.02 -8.66 2.13
C VAL A 17 -0.21 -8.36 3.62
N GLY A 18 0.87 -8.23 4.38
CA GLY A 18 0.75 -7.92 5.81
C GLY A 18 2.01 -7.33 6.40
N ALA A 19 1.85 -6.38 7.31
CA ALA A 19 3.00 -5.70 7.94
C ALA A 19 2.72 -5.39 9.43
N THR A 20 3.58 -5.92 10.31
CA THR A 20 3.45 -5.70 11.75
C THR A 20 4.43 -4.63 12.23
N ILE A 21 3.92 -3.53 12.78
CA ILE A 21 4.79 -2.44 13.27
C ILE A 21 4.47 -2.10 14.74
N HIS A 22 5.23 -1.17 15.30
CA HIS A 22 5.04 -0.74 16.69
C HIS A 22 4.64 0.74 16.78
N VAL A 23 4.01 1.11 17.90
CA VAL A 23 3.68 2.51 18.17
C VAL A 23 4.95 3.36 18.16
N GLY A 24 5.02 4.30 17.21
CA GLY A 24 6.21 5.12 17.04
C GLY A 24 6.86 4.93 15.67
N ASP A 25 6.59 3.78 15.04
CA ASP A 25 7.12 3.46 13.70
C ASP A 25 6.64 4.45 12.63
N SER A 26 7.47 4.64 11.62
CA SER A 26 7.11 5.39 10.41
C SER A 26 6.53 4.44 9.36
N PHE A 27 5.57 4.91 8.57
CA PHE A 27 4.94 4.07 7.55
C PHE A 27 4.46 4.89 6.34
N VAL A 28 5.10 4.70 5.19
CA VAL A 28 4.73 5.41 3.96
C VAL A 28 4.20 4.44 2.88
N PRO A 29 2.86 4.31 2.74
CA PRO A 29 2.25 3.36 1.78
C PRO A 29 2.59 3.68 0.31
N MET A 30 2.88 4.95 0.02
CA MET A 30 3.23 5.37 -1.35
C MET A 30 4.73 5.22 -1.64
N ALA A 31 5.44 4.53 -0.75
CA ALA A 31 6.87 4.23 -0.96
C ALA A 31 7.13 2.72 -1.00
N GLU A 32 6.33 1.96 -0.24
CA GLU A 32 6.49 0.50 -0.17
C GLU A 32 5.63 -0.24 -1.22
N VAL A 33 5.04 0.53 -2.15
CA VAL A 33 4.25 -0.05 -3.25
C VAL A 33 4.76 0.45 -4.61
N LEU A 34 4.80 -0.44 -5.60
CA LEU A 34 5.36 -0.11 -6.93
C LEU A 34 4.56 -0.80 -8.06
N ALA A 35 4.20 -0.05 -9.10
CA ALA A 35 3.40 -0.58 -10.22
C ALA A 35 4.06 -0.34 -11.59
N ILE A 36 4.25 -1.42 -12.36
CA ILE A 36 4.88 -1.34 -13.68
C ILE A 36 4.11 -2.16 -14.74
N ASP A 37 3.85 -1.55 -15.90
CA ASP A 37 3.34 -2.29 -17.06
C ASP A 37 4.46 -2.42 -18.11
N LYS A 38 4.70 -3.64 -18.59
CA LYS A 38 5.82 -3.92 -19.48
C LYS A 38 5.75 -3.12 -20.80
N GLU A 39 4.53 -2.79 -21.23
CA GLU A 39 4.33 -2.02 -22.47
C GLU A 39 4.59 -0.52 -22.27
N ASP A 40 4.05 0.04 -21.19
CA ASP A 40 4.06 1.49 -20.96
C ASP A 40 5.26 1.91 -20.09
N GLY A 41 5.46 1.20 -18.98
CA GLY A 41 6.54 1.53 -18.06
C GLY A 41 6.06 1.77 -16.64
N ASP A 42 6.52 2.87 -16.03
CA ASP A 42 6.15 3.21 -14.66
C ASP A 42 4.69 3.68 -14.55
N LEU A 43 3.89 2.96 -13.76
CA LEU A 43 2.51 3.36 -13.49
C LEU A 43 2.30 3.63 -11.99
N THR A 44 3.40 3.76 -11.26
CA THR A 44 3.35 3.99 -9.80
C THR A 44 2.59 5.28 -9.43
N SER A 45 2.69 6.29 -10.28
CA SER A 45 1.97 7.56 -10.06
C SER A 45 0.45 7.38 -10.27
N LYS A 46 0.08 6.28 -10.93
CA LYS A 46 -1.33 5.98 -11.20
C LYS A 46 -1.95 5.11 -10.10
N ILE A 47 -1.20 4.87 -9.01
CA ILE A 47 -1.69 4.10 -7.87
C ILE A 47 -2.53 4.99 -6.93
N LYS A 48 -3.68 4.48 -6.51
CA LYS A 48 -4.52 5.15 -5.52
C LYS A 48 -4.56 4.34 -4.22
N VAL A 49 -4.25 4.99 -3.10
CA VAL A 49 -4.25 4.34 -1.79
C VAL A 49 -5.55 4.62 -1.02
N ASP A 50 -6.23 3.57 -0.61
CA ASP A 50 -7.42 3.69 0.24
C ASP A 50 -7.13 3.16 1.66
N GLY A 51 -7.71 3.82 2.66
CA GLY A 51 -7.47 3.43 4.05
C GLY A 51 -6.34 4.20 4.71
N GLU A 52 -6.24 4.09 6.03
CA GLU A 52 -5.20 4.79 6.81
C GLU A 52 -4.82 3.99 8.07
N VAL A 53 -3.57 4.16 8.52
CA VAL A 53 -3.05 3.44 9.69
C VAL A 53 -2.59 4.40 10.80
N ASP A 54 -2.94 4.11 12.05
CA ASP A 54 -2.43 4.87 13.20
C ASP A 54 -1.09 4.30 13.68
N THR A 55 -0.14 5.18 13.96
CA THR A 55 1.16 4.77 14.50
C THR A 55 1.27 5.11 16.00
N THR A 56 0.18 5.64 16.55
CA THR A 56 0.13 6.05 17.95
C THR A 56 -0.79 5.16 18.80
N LYS A 57 -1.59 4.33 18.14
CA LYS A 57 -2.56 3.44 18.81
C LYS A 57 -2.46 2.02 18.28
N ALA A 58 -2.40 1.03 19.18
CA ALA A 58 -2.27 -0.37 18.80
C ALA A 58 -3.55 -0.93 18.15
N GLY A 59 -3.39 -1.77 17.13
CA GLY A 59 -4.54 -2.36 16.45
C GLY A 59 -4.26 -2.73 14.98
N THR A 60 -5.20 -3.45 14.36
CA THR A 60 -5.07 -3.82 12.94
C THR A 60 -5.78 -2.81 12.03
N TYR A 61 -5.07 -2.36 11.00
CA TYR A 61 -5.61 -1.39 10.02
C TYR A 61 -5.41 -1.91 8.59
N VAL A 62 -6.43 -1.70 7.73
CA VAL A 62 -6.39 -2.26 6.37
C VAL A 62 -6.13 -1.16 5.31
N LEU A 63 -5.33 -1.51 4.30
CA LEU A 63 -4.99 -0.60 3.20
C LEU A 63 -5.25 -1.24 1.83
N THR A 64 -5.79 -0.48 0.89
CA THR A 64 -6.05 -0.97 -0.48
C THR A 64 -5.30 -0.13 -1.52
N TYR A 65 -4.74 -0.78 -2.53
CA TYR A 65 -3.97 -0.10 -3.59
C TYR A 65 -4.47 -0.50 -4.98
N THR A 66 -4.80 0.49 -5.81
CA THR A 66 -5.32 0.21 -7.16
C THR A 66 -4.61 1.05 -8.22
N VAL A 67 -4.23 0.43 -9.34
CA VAL A 67 -3.53 1.14 -10.43
C VAL A 67 -4.19 0.85 -11.80
N THR A 68 -4.33 1.90 -12.60
CA THR A 68 -4.99 1.79 -13.93
C THR A 68 -3.98 1.85 -15.09
N ASP A 69 -4.06 0.87 -15.98
CA ASP A 69 -3.21 0.83 -17.19
C ASP A 69 -3.80 1.71 -18.31
N SER A 70 -2.91 2.23 -19.16
CA SER A 70 -3.29 3.16 -20.24
C SER A 70 -4.34 2.56 -21.20
N LYS A 71 -4.25 1.25 -21.43
CA LYS A 71 -5.17 0.58 -22.36
C LYS A 71 -6.48 0.15 -21.68
N GLY A 72 -6.55 0.27 -20.34
CA GLY A 72 -7.79 -0.03 -19.63
C GLY A 72 -7.74 -1.26 -18.70
N HIS A 73 -6.54 -1.77 -18.41
CA HIS A 73 -6.39 -2.84 -17.40
C HIS A 73 -6.17 -2.25 -15.99
N GLU A 74 -7.18 -2.37 -15.14
CA GLU A 74 -7.11 -1.83 -13.77
C GLU A 74 -6.97 -2.96 -12.73
N VAL A 75 -5.83 -3.01 -12.06
CA VAL A 75 -5.56 -4.07 -11.07
C VAL A 75 -5.48 -3.51 -9.64
N THR A 76 -5.68 -4.36 -8.63
CA THR A 76 -5.70 -3.92 -7.23
C THR A 76 -5.13 -4.98 -6.26
N ALA A 77 -4.58 -4.51 -5.14
CA ALA A 77 -4.03 -5.38 -4.10
C ALA A 77 -4.19 -4.73 -2.72
N LYS A 78 -4.10 -5.53 -1.64
CA LYS A 78 -4.34 -5.00 -0.28
C LYS A 78 -3.22 -5.38 0.71
N GLN A 79 -3.14 -4.62 1.81
CA GLN A 79 -2.16 -4.85 2.87
C GLN A 79 -2.83 -4.78 4.26
N THR A 80 -2.61 -5.80 5.08
CA THR A 80 -3.11 -5.83 6.47
C THR A 80 -2.00 -5.44 7.46
N VAL A 81 -2.10 -4.23 8.02
CA VAL A 81 -1.10 -3.74 8.99
C VAL A 81 -1.58 -3.97 10.43
N THR A 82 -0.65 -4.34 11.32
CA THR A 82 -0.98 -4.52 12.74
C THR A 82 0.04 -3.80 13.64
N VAL A 83 -0.45 -2.87 14.46
CA VAL A 83 0.42 -2.05 15.33
C VAL A 83 0.41 -2.56 16.78
N LYS A 84 1.60 -2.68 17.38
CA LYS A 84 1.74 -3.10 18.79
C LYS A 84 2.47 -2.02 19.62
N VAL A 85 2.14 -1.95 20.91
CA VAL A 85 2.82 -1.01 21.82
C VAL A 85 4.12 -1.62 22.37
N ARG A 86 5.01 -0.78 22.91
CA ARG A 86 6.24 -1.28 23.55
C ARG A 86 5.91 -2.18 24.76
N GLU A 87 6.90 -2.97 25.18
CA GLU A 87 6.73 -3.85 26.34
C GLU A 87 6.57 -3.06 27.64
N GLU A 88 5.33 -2.74 27.99
CA GLU A 88 5.03 -2.08 29.26
C GLU A 88 5.21 -3.07 30.43
N VAL A 89 6.34 -2.96 31.13
CA VAL A 89 6.63 -3.83 32.27
C VAL A 89 5.71 -3.51 33.46
N LYS A 90 5.05 -4.54 33.98
CA LYS A 90 4.15 -4.36 35.13
C LYS A 90 4.92 -4.00 36.40
N ASN A 91 5.02 -2.71 36.68
CA ASN A 91 5.63 -2.21 37.92
C ASN A 91 4.69 -2.39 39.12
N ASP A 92 4.92 -1.64 40.19
CA ASP A 92 4.12 -1.73 41.42
C ASP A 92 2.60 -1.55 41.15
N LYS A 93 1.91 -2.66 40.91
CA LYS A 93 0.46 -2.68 40.76
C LYS A 93 -0.05 -1.69 39.69
N PRO A 94 -0.05 -2.09 38.41
CA PRO A 94 -0.66 -1.29 37.33
C PRO A 94 -2.19 -1.23 37.45
N ILE A 95 -2.72 -0.06 37.78
CA ILE A 95 -4.16 0.12 37.98
C ILE A 95 -4.93 0.18 36.64
N LEU A 96 -6.02 -0.57 36.55
CA LEU A 96 -6.84 -0.62 35.34
C LEU A 96 -8.34 -0.73 35.66
N GLU A 97 -9.18 -0.60 34.63
CA GLU A 97 -10.63 -0.69 34.78
C GLU A 97 -11.15 -2.10 34.47
CA CA B . -1.36 -2.27 -20.77
#